data_4QER
# 
_entry.id   4QER 
# 
_audit_conform.dict_name       mmcif_pdbx.dic 
_audit_conform.dict_version    5.399 
_audit_conform.dict_location   http://mmcif.pdb.org/dictionaries/ascii/mmcif_pdbx.dic 
# 
loop_
_database_2.database_id 
_database_2.database_code 
_database_2.pdbx_database_accession 
_database_2.pdbx_DOI 
PDB   4QER         pdb_00004qer 10.2210/pdb4qer/pdb 
RCSB  RCSB085962   ?            ?                   
WWPDB D_1000085962 ?            ?                   
# 
loop_
_pdbx_audit_revision_history.ordinal 
_pdbx_audit_revision_history.data_content_type 
_pdbx_audit_revision_history.major_revision 
_pdbx_audit_revision_history.minor_revision 
_pdbx_audit_revision_history.revision_date 
1 'Structure model' 1 0 2014-06-18 
2 'Structure model' 1 1 2015-01-28 
3 'Structure model' 1 2 2023-11-08 
4 'Structure model' 1 3 2024-11-20 
# 
_pdbx_audit_revision_details.ordinal             1 
_pdbx_audit_revision_details.revision_ordinal    1 
_pdbx_audit_revision_details.data_content_type   'Structure model' 
_pdbx_audit_revision_details.provider            repository 
_pdbx_audit_revision_details.type                'Initial release' 
_pdbx_audit_revision_details.description         ? 
_pdbx_audit_revision_details.details             ? 
# 
loop_
_pdbx_audit_revision_group.ordinal 
_pdbx_audit_revision_group.revision_ordinal 
_pdbx_audit_revision_group.data_content_type 
_pdbx_audit_revision_group.group 
1 2 'Structure model' 'Database references'    
2 2 'Structure model' 'Structure summary'      
3 3 'Structure model' 'Data collection'        
4 3 'Structure model' 'Database references'    
5 3 'Structure model' 'Derived calculations'   
6 3 'Structure model' 'Refinement description' 
7 4 'Structure model' 'Structure summary'      
# 
loop_
_pdbx_audit_revision_category.ordinal 
_pdbx_audit_revision_category.revision_ordinal 
_pdbx_audit_revision_category.data_content_type 
_pdbx_audit_revision_category.category 
1 3 'Structure model' chem_comp_atom                
2 3 'Structure model' chem_comp_bond                
3 3 'Structure model' database_2                    
4 3 'Structure model' pdbx_initial_refinement_model 
5 3 'Structure model' struct_site                   
6 4 'Structure model' pdbx_entry_details            
7 4 'Structure model' pdbx_modification_feature     
# 
loop_
_pdbx_audit_revision_item.ordinal 
_pdbx_audit_revision_item.revision_ordinal 
_pdbx_audit_revision_item.data_content_type 
_pdbx_audit_revision_item.item 
1 3 'Structure model' '_database_2.pdbx_DOI'                
2 3 'Structure model' '_database_2.pdbx_database_accession' 
3 3 'Structure model' '_struct_site.pdbx_auth_asym_id'      
4 3 'Structure model' '_struct_site.pdbx_auth_comp_id'      
5 3 'Structure model' '_struct_site.pdbx_auth_seq_id'       
# 
_pdbx_database_status.status_code                     REL 
_pdbx_database_status.entry_id                        4QER 
_pdbx_database_status.recvd_initial_deposition_date   2014-05-18 
_pdbx_database_status.deposit_site                    RCSB 
_pdbx_database_status.process_site                    PDBJ 
_pdbx_database_status.methods_development_category    ? 
_pdbx_database_status.status_code_sf                  REL 
_pdbx_database_status.status_code_mr                  ? 
_pdbx_database_status.SG_entry                        ? 
_pdbx_database_status.status_code_cs                  ? 
_pdbx_database_status.pdb_format_compatible           Y 
_pdbx_database_status.status_code_nmr_data            ? 
# 
loop_
_pdbx_database_related.db_name 
_pdbx_database_related.db_id 
_pdbx_database_related.details 
_pdbx_database_related.content_type 
PDB 1FB2 . unspecified 
PDB 4QEM . unspecified 
PDB 4QF7 . unspecified 
PDB 4QF8 . unspecified 
PDB 4QGD . unspecified 
# 
loop_
_audit_author.name 
_audit_author.pdbx_ordinal 
'Shukla, P.K.' 1 
'Sinha, M.'    2 
'Kaur, P.'     3 
'Sharma, S.'   4 
'Singh, T.P.'  5 
# 
_citation.id                        primary 
_citation.title                     'Structures and binding studies of the complexes of phospholipase A2 with five inhibitors' 
_citation.journal_abbrev            Biochim.Biophys.Acta 
_citation.journal_volume            1854 
_citation.page_first                269 
_citation.page_last                 277 
_citation.year                      2015 
_citation.journal_id_ASTM           BBACAQ 
_citation.country                   NE 
_citation.journal_id_ISSN           0006-3002 
_citation.journal_id_CSD            0113 
_citation.book_publisher            ? 
_citation.pdbx_database_id_PubMed   25541253 
_citation.pdbx_database_id_DOI      10.1016/j.bbapap.2014.12.017 
# 
loop_
_citation_author.citation_id 
_citation_author.name 
_citation_author.ordinal 
_citation_author.identifier_ORCID 
primary 'Shukla, P.K.' 1 ? 
primary 'Gautam, L.'   2 ? 
primary 'Sinha, M.'    3 ? 
primary 'Kaur, P.'     4 ? 
primary 'Sharma, S.'   5 ? 
primary 'Singh, T.P.'  6 ? 
# 
loop_
_entity.id 
_entity.type 
_entity.src_method 
_entity.pdbx_description 
_entity.formula_weight 
_entity.pdbx_number_of_molecules 
_entity.pdbx_ec 
_entity.pdbx_mutation 
_entity.pdbx_fragment 
_entity.details 
1 polymer     nat 'Phospholipase A2 VRV-PL-VIIIa' 13629.767 1   3.1.1.4 ? ? ? 
2 non-polymer syn 'SULFATE ION'                   96.063    1   ?       ? ? ? 
3 non-polymer syn RESVERATROL                     228.243   1   ?       ? ? ? 
4 water       nat water                           18.015    265 ?       ? ? ? 
# 
_entity_poly.entity_id                      1 
_entity_poly.type                           'polypeptide(L)' 
_entity_poly.nstd_linkage                   no 
_entity_poly.nstd_monomer                   no 
_entity_poly.pdbx_seq_one_letter_code       
;SLLEFGKMILEETGKLAIPSYSSYGCYCGWGGKGTPKDATDRCCFVHDCCYGNLPDCNPKSDRYKYKRVNGAIVCEKGTS
CENRICECDKAAAICFRQNLNTYSKKYMLYPDFLCKGELKC
;
_entity_poly.pdbx_seq_one_letter_code_can   
;SLLEFGKMILEETGKLAIPSYSSYGCYCGWGGKGTPKDATDRCCFVHDCCYGNLPDCNPKSDRYKYKRVNGAIVCEKGTS
CENRICECDKAAAICFRQNLNTYSKKYMLYPDFLCKGELKC
;
_entity_poly.pdbx_strand_id                 A 
_entity_poly.pdbx_target_identifier         ? 
# 
loop_
_pdbx_entity_nonpoly.entity_id 
_pdbx_entity_nonpoly.name 
_pdbx_entity_nonpoly.comp_id 
2 'SULFATE ION' SO4 
3 RESVERATROL   STL 
4 water         HOH 
# 
loop_
_entity_poly_seq.entity_id 
_entity_poly_seq.num 
_entity_poly_seq.mon_id 
_entity_poly_seq.hetero 
1 1   SER n 
1 2   LEU n 
1 3   LEU n 
1 4   GLU n 
1 5   PHE n 
1 6   GLY n 
1 7   LYS n 
1 8   MET n 
1 9   ILE n 
1 10  LEU n 
1 11  GLU n 
1 12  GLU n 
1 13  THR n 
1 14  GLY n 
1 15  LYS n 
1 16  LEU n 
1 17  ALA n 
1 18  ILE n 
1 19  PRO n 
1 20  SER n 
1 21  TYR n 
1 22  SER n 
1 23  SER n 
1 24  TYR n 
1 25  GLY n 
1 26  CYS n 
1 27  TYR n 
1 28  CYS n 
1 29  GLY n 
1 30  TRP n 
1 31  GLY n 
1 32  GLY n 
1 33  LYS n 
1 34  GLY n 
1 35  THR n 
1 36  PRO n 
1 37  LYS n 
1 38  ASP n 
1 39  ALA n 
1 40  THR n 
1 41  ASP n 
1 42  ARG n 
1 43  CYS n 
1 44  CYS n 
1 45  PHE n 
1 46  VAL n 
1 47  HIS n 
1 48  ASP n 
1 49  CYS n 
1 50  CYS n 
1 51  TYR n 
1 52  GLY n 
1 53  ASN n 
1 54  LEU n 
1 55  PRO n 
1 56  ASP n 
1 57  CYS n 
1 58  ASN n 
1 59  PRO n 
1 60  LYS n 
1 61  SER n 
1 62  ASP n 
1 63  ARG n 
1 64  TYR n 
1 65  LYS n 
1 66  TYR n 
1 67  LYS n 
1 68  ARG n 
1 69  VAL n 
1 70  ASN n 
1 71  GLY n 
1 72  ALA n 
1 73  ILE n 
1 74  VAL n 
1 75  CYS n 
1 76  GLU n 
1 77  LYS n 
1 78  GLY n 
1 79  THR n 
1 80  SER n 
1 81  CYS n 
1 82  GLU n 
1 83  ASN n 
1 84  ARG n 
1 85  ILE n 
1 86  CYS n 
1 87  GLU n 
1 88  CYS n 
1 89  ASP n 
1 90  LYS n 
1 91  ALA n 
1 92  ALA n 
1 93  ALA n 
1 94  ILE n 
1 95  CYS n 
1 96  PHE n 
1 97  ARG n 
1 98  GLN n 
1 99  ASN n 
1 100 LEU n 
1 101 ASN n 
1 102 THR n 
1 103 TYR n 
1 104 SER n 
1 105 LYS n 
1 106 LYS n 
1 107 TYR n 
1 108 MET n 
1 109 LEU n 
1 110 TYR n 
1 111 PRO n 
1 112 ASP n 
1 113 PHE n 
1 114 LEU n 
1 115 CYS n 
1 116 LYS n 
1 117 GLY n 
1 118 GLU n 
1 119 LEU n 
1 120 LYS n 
1 121 CYS n 
# 
_entity_src_nat.entity_id                  1 
_entity_src_nat.pdbx_src_id                1 
_entity_src_nat.pdbx_alt_source_flag       sample 
_entity_src_nat.pdbx_beg_seq_num           ? 
_entity_src_nat.pdbx_end_seq_num           ? 
_entity_src_nat.common_name                ? 
_entity_src_nat.pdbx_organism_scientific   'Daboia russellii pulchella' 
_entity_src_nat.pdbx_ncbi_taxonomy_id      97228 
_entity_src_nat.genus                      ? 
_entity_src_nat.species                    ? 
_entity_src_nat.strain                     ? 
_entity_src_nat.tissue                     ? 
_entity_src_nat.tissue_fraction            ? 
_entity_src_nat.pdbx_secretion             ? 
_entity_src_nat.pdbx_fragment              ? 
_entity_src_nat.pdbx_variant               ? 
_entity_src_nat.pdbx_cell_line             ? 
_entity_src_nat.pdbx_atcc                  ? 
_entity_src_nat.pdbx_cellular_location     ? 
_entity_src_nat.pdbx_organ                 ? 
_entity_src_nat.pdbx_organelle             ? 
_entity_src_nat.pdbx_cell                  ? 
_entity_src_nat.pdbx_plasmid_name          ? 
_entity_src_nat.pdbx_plasmid_details       ? 
_entity_src_nat.details                    ? 
# 
loop_
_chem_comp.id 
_chem_comp.type 
_chem_comp.mon_nstd_flag 
_chem_comp.name 
_chem_comp.pdbx_synonyms 
_chem_comp.formula 
_chem_comp.formula_weight 
ALA 'L-peptide linking' y ALANINE         ? 'C3 H7 N O2'     89.093  
ARG 'L-peptide linking' y ARGININE        ? 'C6 H15 N4 O2 1' 175.209 
ASN 'L-peptide linking' y ASPARAGINE      ? 'C4 H8 N2 O3'    132.118 
ASP 'L-peptide linking' y 'ASPARTIC ACID' ? 'C4 H7 N O4'     133.103 
CYS 'L-peptide linking' y CYSTEINE        ? 'C3 H7 N O2 S'   121.158 
GLN 'L-peptide linking' y GLUTAMINE       ? 'C5 H10 N2 O3'   146.144 
GLU 'L-peptide linking' y 'GLUTAMIC ACID' ? 'C5 H9 N O4'     147.129 
GLY 'peptide linking'   y GLYCINE         ? 'C2 H5 N O2'     75.067  
HIS 'L-peptide linking' y HISTIDINE       ? 'C6 H10 N3 O2 1' 156.162 
HOH non-polymer         . WATER           ? 'H2 O'           18.015  
ILE 'L-peptide linking' y ISOLEUCINE      ? 'C6 H13 N O2'    131.173 
LEU 'L-peptide linking' y LEUCINE         ? 'C6 H13 N O2'    131.173 
LYS 'L-peptide linking' y LYSINE          ? 'C6 H15 N2 O2 1' 147.195 
MET 'L-peptide linking' y METHIONINE      ? 'C5 H11 N O2 S'  149.211 
PHE 'L-peptide linking' y PHENYLALANINE   ? 'C9 H11 N O2'    165.189 
PRO 'L-peptide linking' y PROLINE         ? 'C5 H9 N O2'     115.130 
SER 'L-peptide linking' y SERINE          ? 'C3 H7 N O3'     105.093 
SO4 non-polymer         . 'SULFATE ION'   ? 'O4 S -2'        96.063  
STL non-polymer         . RESVERATROL     ? 'C14 H12 O3'     228.243 
THR 'L-peptide linking' y THREONINE       ? 'C4 H9 N O3'     119.119 
TRP 'L-peptide linking' y TRYPTOPHAN      ? 'C11 H12 N2 O2'  204.225 
TYR 'L-peptide linking' y TYROSINE        ? 'C9 H11 N O3'    181.189 
VAL 'L-peptide linking' y VALINE          ? 'C5 H11 N O2'    117.146 
# 
loop_
_pdbx_poly_seq_scheme.asym_id 
_pdbx_poly_seq_scheme.entity_id 
_pdbx_poly_seq_scheme.seq_id 
_pdbx_poly_seq_scheme.mon_id 
_pdbx_poly_seq_scheme.ndb_seq_num 
_pdbx_poly_seq_scheme.pdb_seq_num 
_pdbx_poly_seq_scheme.auth_seq_num 
_pdbx_poly_seq_scheme.pdb_mon_id 
_pdbx_poly_seq_scheme.auth_mon_id 
_pdbx_poly_seq_scheme.pdb_strand_id 
_pdbx_poly_seq_scheme.pdb_ins_code 
_pdbx_poly_seq_scheme.hetero 
A 1 1   SER 1   1   1   SER SER A . n 
A 1 2   LEU 2   2   2   LEU LEU A . n 
A 1 3   LEU 3   3   3   LEU LEU A . n 
A 1 4   GLU 4   4   4   GLU GLU A . n 
A 1 5   PHE 5   5   5   PHE PHE A . n 
A 1 6   GLY 6   6   6   GLY GLY A . n 
A 1 7   LYS 7   7   7   LYS LYS A . n 
A 1 8   MET 8   8   8   MET MET A . n 
A 1 9   ILE 9   9   9   ILE ILE A . n 
A 1 10  LEU 10  10  10  LEU LEU A . n 
A 1 11  GLU 11  11  11  GLU GLU A . n 
A 1 12  GLU 12  12  12  GLU GLU A . n 
A 1 13  THR 13  13  13  THR THR A . n 
A 1 14  GLY 14  14  14  GLY GLY A . n 
A 1 15  LYS 15  16  16  LYS LYS A . n 
A 1 16  LEU 16  17  17  LEU LEU A . n 
A 1 17  ALA 17  18  18  ALA ALA A . n 
A 1 18  ILE 18  19  19  ILE ILE A . n 
A 1 19  PRO 19  20  20  PRO PRO A . n 
A 1 20  SER 20  21  21  SER SER A . n 
A 1 21  TYR 21  22  22  TYR TYR A . n 
A 1 22  SER 22  23  23  SER SER A . n 
A 1 23  SER 23  24  24  SER SER A . n 
A 1 24  TYR 24  25  25  TYR TYR A . n 
A 1 25  GLY 25  26  26  GLY GLY A . n 
A 1 26  CYS 26  27  27  CYS CYS A . n 
A 1 27  TYR 27  28  28  TYR TYR A . n 
A 1 28  CYS 28  29  29  CYS CYS A . n 
A 1 29  GLY 29  30  30  GLY GLY A . n 
A 1 30  TRP 30  31  31  TRP TRP A . n 
A 1 31  GLY 31  32  32  GLY GLY A . n 
A 1 32  GLY 32  33  33  GLY GLY A . n 
A 1 33  LYS 33  34  34  LYS LYS A . n 
A 1 34  GLY 34  35  35  GLY GLY A . n 
A 1 35  THR 35  36  36  THR THR A . n 
A 1 36  PRO 36  37  37  PRO PRO A . n 
A 1 37  LYS 37  38  38  LYS LYS A . n 
A 1 38  ASP 38  39  39  ASP ASP A . n 
A 1 39  ALA 39  40  40  ALA ALA A . n 
A 1 40  THR 40  41  41  THR THR A . n 
A 1 41  ASP 41  42  42  ASP ASP A . n 
A 1 42  ARG 42  43  43  ARG ARG A . n 
A 1 43  CYS 43  44  44  CYS CYS A . n 
A 1 44  CYS 44  45  45  CYS CYS A . n 
A 1 45  PHE 45  46  46  PHE PHE A . n 
A 1 46  VAL 46  47  47  VAL VAL A . n 
A 1 47  HIS 47  48  48  HIS HIS A . n 
A 1 48  ASP 48  49  49  ASP ASP A . n 
A 1 49  CYS 49  50  50  CYS CYS A . n 
A 1 50  CYS 50  51  51  CYS CYS A . n 
A 1 51  TYR 51  52  52  TYR TYR A . n 
A 1 52  GLY 52  53  53  GLY GLY A . n 
A 1 53  ASN 53  54  54  ASN ASN A . n 
A 1 54  LEU 54  55  55  LEU LEU A . n 
A 1 55  PRO 55  56  56  PRO PRO A . n 
A 1 56  ASP 56  59  59  ASP ASP A . n 
A 1 57  CYS 57  61  61  CYS CYS A . n 
A 1 58  ASN 58  67  67  ASN ASN A . n 
A 1 59  PRO 59  68  68  PRO PRO A . n 
A 1 60  LYS 60  69  69  LYS LYS A . n 
A 1 61  SER 61  70  70  SER SER A . n 
A 1 62  ASP 62  71  71  ASP ASP A . n 
A 1 63  ARG 63  72  72  ARG ARG A . n 
A 1 64  TYR 64  73  73  TYR TYR A . n 
A 1 65  LYS 65  74  74  LYS LYS A . n 
A 1 66  TYR 66  75  75  TYR TYR A . n 
A 1 67  LYS 67  76  76  LYS LYS A . n 
A 1 68  ARG 68  77  77  ARG ARG A . n 
A 1 69  VAL 69  78  78  VAL VAL A . n 
A 1 70  ASN 70  79  79  ASN ASN A . n 
A 1 71  GLY 71  80  80  GLY GLY A . n 
A 1 72  ALA 72  81  81  ALA ALA A . n 
A 1 73  ILE 73  82  82  ILE ILE A . n 
A 1 74  VAL 74  83  83  VAL VAL A . n 
A 1 75  CYS 75  84  84  CYS CYS A . n 
A 1 76  GLU 76  85  85  GLU GLU A . n 
A 1 77  LYS 77  86  86  LYS LYS A . n 
A 1 78  GLY 78  88  88  GLY GLY A . n 
A 1 79  THR 79  89  89  THR THR A . n 
A 1 80  SER 80  90  90  SER SER A . n 
A 1 81  CYS 81  91  91  CYS CYS A . n 
A 1 82  GLU 82  92  92  GLU GLU A . n 
A 1 83  ASN 83  93  93  ASN ASN A . n 
A 1 84  ARG 84  94  94  ARG ARG A . n 
A 1 85  ILE 85  95  95  ILE ILE A . n 
A 1 86  CYS 86  96  96  CYS CYS A . n 
A 1 87  GLU 87  97  97  GLU GLU A . n 
A 1 88  CYS 88  98  98  CYS CYS A . n 
A 1 89  ASP 89  99  99  ASP ASP A . n 
A 1 90  LYS 90  100 100 LYS LYS A . n 
A 1 91  ALA 91  101 101 ALA ALA A . n 
A 1 92  ALA 92  102 102 ALA ALA A . n 
A 1 93  ALA 93  103 103 ALA ALA A . n 
A 1 94  ILE 94  104 104 ILE ILE A . n 
A 1 95  CYS 95  105 105 CYS CYS A . n 
A 1 96  PHE 96  106 106 PHE PHE A . n 
A 1 97  ARG 97  107 107 ARG ARG A . n 
A 1 98  GLN 98  108 108 GLN GLN A . n 
A 1 99  ASN 99  109 109 ASN ASN A . n 
A 1 100 LEU 100 110 110 LEU LEU A . n 
A 1 101 ASN 101 111 111 ASN ASN A . n 
A 1 102 THR 102 112 112 THR THR A . n 
A 1 103 TYR 103 113 113 TYR TYR A . n 
A 1 104 SER 104 114 114 SER SER A . n 
A 1 105 LYS 105 115 115 LYS LYS A . n 
A 1 106 LYS 106 116 116 LYS LYS A . n 
A 1 107 TYR 107 117 117 TYR TYR A . n 
A 1 108 MET 108 118 118 MET MET A . n 
A 1 109 LEU 109 119 119 LEU LEU A . n 
A 1 110 TYR 110 120 120 TYR TYR A . n 
A 1 111 PRO 111 121 121 PRO PRO A . n 
A 1 112 ASP 112 122 122 ASP ASP A . n 
A 1 113 PHE 113 124 124 PHE PHE A . n 
A 1 114 LEU 114 125 125 LEU LEU A . n 
A 1 115 CYS 115 126 126 CYS CYS A . n 
A 1 116 LYS 116 127 127 LYS LYS A . n 
A 1 117 GLY 117 128 128 GLY GLY A . n 
A 1 118 GLU 118 129 129 GLU GLU A . n 
A 1 119 LEU 119 130 130 LEU LEU A . n 
A 1 120 LYS 120 131 131 LYS LYS A . n 
A 1 121 CYS 121 133 133 CYS CYS A . n 
# 
loop_
_pdbx_nonpoly_scheme.asym_id 
_pdbx_nonpoly_scheme.entity_id 
_pdbx_nonpoly_scheme.mon_id 
_pdbx_nonpoly_scheme.ndb_seq_num 
_pdbx_nonpoly_scheme.pdb_seq_num 
_pdbx_nonpoly_scheme.auth_seq_num 
_pdbx_nonpoly_scheme.pdb_mon_id 
_pdbx_nonpoly_scheme.auth_mon_id 
_pdbx_nonpoly_scheme.pdb_strand_id 
_pdbx_nonpoly_scheme.pdb_ins_code 
B 2 SO4 1   201 1   SO4 SO4 A . 
C 3 STL 1   202 1   STL STL A . 
D 4 HOH 1   301 1   HOH HOH A . 
D 4 HOH 2   302 2   HOH HOH A . 
D 4 HOH 3   303 3   HOH HOH A . 
D 4 HOH 4   304 4   HOH HOH A . 
D 4 HOH 5   305 5   HOH HOH A . 
D 4 HOH 6   306 6   HOH HOH A . 
D 4 HOH 7   307 7   HOH HOH A . 
D 4 HOH 8   308 8   HOH HOH A . 
D 4 HOH 9   309 9   HOH HOH A . 
D 4 HOH 10  310 10  HOH HOH A . 
D 4 HOH 11  311 11  HOH HOH A . 
D 4 HOH 12  312 12  HOH HOH A . 
D 4 HOH 13  313 13  HOH HOH A . 
D 4 HOH 14  314 14  HOH HOH A . 
D 4 HOH 15  315 15  HOH HOH A . 
D 4 HOH 16  316 16  HOH HOH A . 
D 4 HOH 17  317 17  HOH HOH A . 
D 4 HOH 18  318 18  HOH HOH A . 
D 4 HOH 19  319 19  HOH HOH A . 
D 4 HOH 20  320 20  HOH HOH A . 
D 4 HOH 21  321 21  HOH HOH A . 
D 4 HOH 22  322 22  HOH HOH A . 
D 4 HOH 23  323 23  HOH HOH A . 
D 4 HOH 24  324 24  HOH HOH A . 
D 4 HOH 25  325 25  HOH HOH A . 
D 4 HOH 26  326 26  HOH HOH A . 
D 4 HOH 27  327 27  HOH HOH A . 
D 4 HOH 28  328 28  HOH HOH A . 
D 4 HOH 29  329 29  HOH HOH A . 
D 4 HOH 30  330 30  HOH HOH A . 
D 4 HOH 31  331 31  HOH HOH A . 
D 4 HOH 32  332 32  HOH HOH A . 
D 4 HOH 33  333 33  HOH HOH A . 
D 4 HOH 34  334 34  HOH HOH A . 
D 4 HOH 35  335 35  HOH HOH A . 
D 4 HOH 36  336 36  HOH HOH A . 
D 4 HOH 37  337 37  HOH HOH A . 
D 4 HOH 38  338 38  HOH HOH A . 
D 4 HOH 39  339 39  HOH HOH A . 
D 4 HOH 40  340 40  HOH HOH A . 
D 4 HOH 41  341 41  HOH HOH A . 
D 4 HOH 42  342 42  HOH HOH A . 
D 4 HOH 43  343 43  HOH HOH A . 
D 4 HOH 44  344 44  HOH HOH A . 
D 4 HOH 45  345 45  HOH HOH A . 
D 4 HOH 46  346 46  HOH HOH A . 
D 4 HOH 47  347 47  HOH HOH A . 
D 4 HOH 48  348 48  HOH HOH A . 
D 4 HOH 49  349 49  HOH HOH A . 
D 4 HOH 50  350 50  HOH HOH A . 
D 4 HOH 51  351 51  HOH HOH A . 
D 4 HOH 52  352 52  HOH HOH A . 
D 4 HOH 53  353 53  HOH HOH A . 
D 4 HOH 54  354 54  HOH HOH A . 
D 4 HOH 55  355 55  HOH HOH A . 
D 4 HOH 56  356 56  HOH HOH A . 
D 4 HOH 57  357 57  HOH HOH A . 
D 4 HOH 58  358 58  HOH HOH A . 
D 4 HOH 59  359 59  HOH HOH A . 
D 4 HOH 60  360 60  HOH HOH A . 
D 4 HOH 61  361 61  HOH HOH A . 
D 4 HOH 62  362 62  HOH HOH A . 
D 4 HOH 63  363 63  HOH HOH A . 
D 4 HOH 64  364 64  HOH HOH A . 
D 4 HOH 65  365 65  HOH HOH A . 
D 4 HOH 66  366 66  HOH HOH A . 
D 4 HOH 67  367 67  HOH HOH A . 
D 4 HOH 68  368 68  HOH HOH A . 
D 4 HOH 69  369 69  HOH HOH A . 
D 4 HOH 70  370 70  HOH HOH A . 
D 4 HOH 71  371 71  HOH HOH A . 
D 4 HOH 72  372 72  HOH HOH A . 
D 4 HOH 73  373 73  HOH HOH A . 
D 4 HOH 74  374 74  HOH HOH A . 
D 4 HOH 75  375 75  HOH HOH A . 
D 4 HOH 76  376 76  HOH HOH A . 
D 4 HOH 77  377 77  HOH HOH A . 
D 4 HOH 78  378 78  HOH HOH A . 
D 4 HOH 79  379 79  HOH HOH A . 
D 4 HOH 80  380 80  HOH HOH A . 
D 4 HOH 81  381 81  HOH HOH A . 
D 4 HOH 82  382 82  HOH HOH A . 
D 4 HOH 83  383 83  HOH HOH A . 
D 4 HOH 84  384 84  HOH HOH A . 
D 4 HOH 85  385 85  HOH HOH A . 
D 4 HOH 86  386 86  HOH HOH A . 
D 4 HOH 87  387 87  HOH HOH A . 
D 4 HOH 88  388 88  HOH HOH A . 
D 4 HOH 89  389 89  HOH HOH A . 
D 4 HOH 90  390 90  HOH HOH A . 
D 4 HOH 91  391 92  HOH HOH A . 
D 4 HOH 92  392 93  HOH HOH A . 
D 4 HOH 93  393 94  HOH HOH A . 
D 4 HOH 94  394 95  HOH HOH A . 
D 4 HOH 95  395 96  HOH HOH A . 
D 4 HOH 96  396 97  HOH HOH A . 
D 4 HOH 97  397 98  HOH HOH A . 
D 4 HOH 98  398 99  HOH HOH A . 
D 4 HOH 99  399 100 HOH HOH A . 
D 4 HOH 100 400 101 HOH HOH A . 
D 4 HOH 101 401 102 HOH HOH A . 
D 4 HOH 102 402 103 HOH HOH A . 
D 4 HOH 103 403 104 HOH HOH A . 
D 4 HOH 104 404 105 HOH HOH A . 
D 4 HOH 105 405 106 HOH HOH A . 
D 4 HOH 106 406 108 HOH HOH A . 
D 4 HOH 107 407 109 HOH HOH A . 
D 4 HOH 108 408 110 HOH HOH A . 
D 4 HOH 109 409 111 HOH HOH A . 
D 4 HOH 110 410 112 HOH HOH A . 
D 4 HOH 111 411 113 HOH HOH A . 
D 4 HOH 112 412 114 HOH HOH A . 
D 4 HOH 113 413 115 HOH HOH A . 
D 4 HOH 114 414 116 HOH HOH A . 
D 4 HOH 115 415 117 HOH HOH A . 
D 4 HOH 116 416 118 HOH HOH A . 
D 4 HOH 117 417 119 HOH HOH A . 
D 4 HOH 118 418 121 HOH HOH A . 
D 4 HOH 119 419 122 HOH HOH A . 
D 4 HOH 120 420 123 HOH HOH A . 
D 4 HOH 121 421 124 HOH HOH A . 
D 4 HOH 122 422 125 HOH HOH A . 
D 4 HOH 123 423 126 HOH HOH A . 
D 4 HOH 124 424 127 HOH HOH A . 
D 4 HOH 125 425 128 HOH HOH A . 
D 4 HOH 126 426 129 HOH HOH A . 
D 4 HOH 127 427 130 HOH HOH A . 
D 4 HOH 128 428 132 HOH HOH A . 
D 4 HOH 129 429 133 HOH HOH A . 
D 4 HOH 130 430 134 HOH HOH A . 
D 4 HOH 131 431 136 HOH HOH A . 
D 4 HOH 132 432 137 HOH HOH A . 
D 4 HOH 133 433 138 HOH HOH A . 
D 4 HOH 134 434 139 HOH HOH A . 
D 4 HOH 135 435 141 HOH HOH A . 
D 4 HOH 136 436 142 HOH HOH A . 
D 4 HOH 137 437 143 HOH HOH A . 
D 4 HOH 138 438 144 HOH HOH A . 
D 4 HOH 139 439 146 HOH HOH A . 
D 4 HOH 140 440 148 HOH HOH A . 
D 4 HOH 141 441 150 HOH HOH A . 
D 4 HOH 142 442 151 HOH HOH A . 
D 4 HOH 143 443 152 HOH HOH A . 
D 4 HOH 144 444 154 HOH HOH A . 
D 4 HOH 145 445 155 HOH HOH A . 
D 4 HOH 146 446 158 HOH HOH A . 
D 4 HOH 147 447 159 HOH HOH A . 
D 4 HOH 148 448 160 HOH HOH A . 
D 4 HOH 149 449 161 HOH HOH A . 
D 4 HOH 150 450 162 HOH HOH A . 
D 4 HOH 151 451 163 HOH HOH A . 
D 4 HOH 152 452 164 HOH HOH A . 
D 4 HOH 153 453 165 HOH HOH A . 
D 4 HOH 154 454 167 HOH HOH A . 
D 4 HOH 155 455 168 HOH HOH A . 
D 4 HOH 156 456 169 HOH HOH A . 
D 4 HOH 157 457 171 HOH HOH A . 
D 4 HOH 158 458 173 HOH HOH A . 
D 4 HOH 159 459 175 HOH HOH A . 
D 4 HOH 160 460 176 HOH HOH A . 
D 4 HOH 161 461 177 HOH HOH A . 
D 4 HOH 162 462 181 HOH HOH A . 
D 4 HOH 163 463 182 HOH HOH A . 
D 4 HOH 164 464 183 HOH HOH A . 
D 4 HOH 165 465 185 HOH HOH A . 
D 4 HOH 166 466 186 HOH HOH A . 
D 4 HOH 167 467 187 HOH HOH A . 
D 4 HOH 168 468 188 HOH HOH A . 
D 4 HOH 169 469 189 HOH HOH A . 
D 4 HOH 170 470 190 HOH HOH A . 
D 4 HOH 171 471 191 HOH HOH A . 
D 4 HOH 172 472 192 HOH HOH A . 
D 4 HOH 173 473 193 HOH HOH A . 
D 4 HOH 174 474 194 HOH HOH A . 
D 4 HOH 175 475 195 HOH HOH A . 
D 4 HOH 176 476 196 HOH HOH A . 
D 4 HOH 177 477 198 HOH HOH A . 
D 4 HOH 178 478 199 HOH HOH A . 
D 4 HOH 179 479 200 HOH HOH A . 
D 4 HOH 180 480 203 HOH HOH A . 
D 4 HOH 181 481 204 HOH HOH A . 
D 4 HOH 182 482 205 HOH HOH A . 
D 4 HOH 183 483 206 HOH HOH A . 
D 4 HOH 184 484 207 HOH HOH A . 
D 4 HOH 185 485 208 HOH HOH A . 
D 4 HOH 186 486 209 HOH HOH A . 
D 4 HOH 187 487 210 HOH HOH A . 
D 4 HOH 188 488 211 HOH HOH A . 
D 4 HOH 189 489 212 HOH HOH A . 
D 4 HOH 190 490 213 HOH HOH A . 
D 4 HOH 191 491 214 HOH HOH A . 
D 4 HOH 192 492 215 HOH HOH A . 
D 4 HOH 193 493 216 HOH HOH A . 
D 4 HOH 194 494 218 HOH HOH A . 
D 4 HOH 195 495 220 HOH HOH A . 
D 4 HOH 196 496 221 HOH HOH A . 
D 4 HOH 197 497 222 HOH HOH A . 
D 4 HOH 198 498 223 HOH HOH A . 
D 4 HOH 199 499 225 HOH HOH A . 
D 4 HOH 200 500 227 HOH HOH A . 
D 4 HOH 201 501 228 HOH HOH A . 
D 4 HOH 202 502 229 HOH HOH A . 
D 4 HOH 203 503 230 HOH HOH A . 
D 4 HOH 204 504 231 HOH HOH A . 
D 4 HOH 205 505 232 HOH HOH A . 
D 4 HOH 206 506 235 HOH HOH A . 
D 4 HOH 207 507 239 HOH HOH A . 
D 4 HOH 208 508 243 HOH HOH A . 
D 4 HOH 209 509 244 HOH HOH A . 
D 4 HOH 210 510 245 HOH HOH A . 
D 4 HOH 211 511 246 HOH HOH A . 
D 4 HOH 212 512 248 HOH HOH A . 
D 4 HOH 213 513 250 HOH HOH A . 
D 4 HOH 214 514 251 HOH HOH A . 
D 4 HOH 215 515 252 HOH HOH A . 
D 4 HOH 216 516 253 HOH HOH A . 
D 4 HOH 217 517 254 HOH HOH A . 
D 4 HOH 218 518 255 HOH HOH A . 
D 4 HOH 219 519 256 HOH HOH A . 
D 4 HOH 220 520 257 HOH HOH A . 
D 4 HOH 221 521 260 HOH HOH A . 
D 4 HOH 222 522 263 HOH HOH A . 
D 4 HOH 223 523 264 HOH HOH A . 
D 4 HOH 224 524 265 HOH HOH A . 
D 4 HOH 225 525 266 HOH HOH A . 
D 4 HOH 226 526 267 HOH HOH A . 
D 4 HOH 227 527 268 HOH HOH A . 
D 4 HOH 228 528 269 HOH HOH A . 
D 4 HOH 229 529 272 HOH HOH A . 
D 4 HOH 230 530 273 HOH HOH A . 
D 4 HOH 231 531 275 HOH HOH A . 
D 4 HOH 232 532 278 HOH HOH A . 
D 4 HOH 233 533 279 HOH HOH A . 
D 4 HOH 234 534 282 HOH HOH A . 
D 4 HOH 235 535 283 HOH HOH A . 
D 4 HOH 236 536 284 HOH HOH A . 
D 4 HOH 237 537 286 HOH HOH A . 
D 4 HOH 238 538 287 HOH HOH A . 
D 4 HOH 239 539 289 HOH HOH A . 
D 4 HOH 240 540 290 HOH HOH A . 
D 4 HOH 241 541 291 HOH HOH A . 
D 4 HOH 242 542 293 HOH HOH A . 
D 4 HOH 243 543 294 HOH HOH A . 
D 4 HOH 244 544 295 HOH HOH A . 
D 4 HOH 245 545 299 HOH HOH A . 
D 4 HOH 246 546 300 HOH HOH A . 
D 4 HOH 247 547 301 HOH HOH A . 
D 4 HOH 248 548 302 HOH HOH A . 
D 4 HOH 249 549 304 HOH HOH A . 
D 4 HOH 250 550 305 HOH HOH A . 
D 4 HOH 251 551 306 HOH HOH A . 
D 4 HOH 252 552 307 HOH HOH A . 
D 4 HOH 253 553 308 HOH HOH A . 
D 4 HOH 254 554 309 HOH HOH A . 
D 4 HOH 255 555 310 HOH HOH A . 
D 4 HOH 256 556 311 HOH HOH A . 
D 4 HOH 257 557 312 HOH HOH A . 
D 4 HOH 258 558 313 HOH HOH A . 
D 4 HOH 259 559 314 HOH HOH A . 
D 4 HOH 260 560 316 HOH HOH A . 
D 4 HOH 261 561 317 HOH HOH A . 
D 4 HOH 262 562 318 HOH HOH A . 
D 4 HOH 263 563 319 HOH HOH A . 
D 4 HOH 264 564 320 HOH HOH A . 
D 4 HOH 265 565 321 HOH HOH A . 
# 
loop_
_software.name 
_software.classification 
_software.version 
_software.citation_id 
_software.pdbx_ordinal 
HKL-2000  'data collection' .        ? 1 
AMoRE     phasing           .        ? 2 
REFMAC    refinement        5.6.0117 ? 3 
HKL-2000  'data reduction'  .        ? 4 
SCALEPACK 'data scaling'    .        ? 5 
# 
_cell.entry_id           4QER 
_cell.length_a           52.348 
_cell.length_b           52.348 
_cell.length_c           47.246 
_cell.angle_alpha        90.00 
_cell.angle_beta         90.00 
_cell.angle_gamma        90.00 
_cell.Z_PDB              4 
_cell.pdbx_unique_axis   ? 
_cell.length_a_esd       ? 
_cell.length_b_esd       ? 
_cell.length_c_esd       ? 
_cell.angle_alpha_esd    ? 
_cell.angle_beta_esd     ? 
_cell.angle_gamma_esd    ? 
# 
_symmetry.entry_id                         4QER 
_symmetry.space_group_name_H-M             'P 43' 
_symmetry.pdbx_full_space_group_name_H-M   ? 
_symmetry.cell_setting                     ? 
_symmetry.Int_Tables_number                78 
_symmetry.space_group_name_Hall            ? 
# 
_exptl.entry_id          4QER 
_exptl.method            'X-RAY DIFFRACTION' 
_exptl.crystals_number   1 
# 
_exptl_crystal.id                    1 
_exptl_crystal.density_meas          ? 
_exptl_crystal.density_Matthews      2.37 
_exptl_crystal.density_percent_sol   48.20 
_exptl_crystal.description           ? 
_exptl_crystal.F_000                 ? 
_exptl_crystal.preparation           ? 
# 
_exptl_crystal_grow.crystal_id      1 
_exptl_crystal_grow.method          'VAPOR DIFFUSION, HANGING DROP' 
_exptl_crystal_grow.temp            298 
_exptl_crystal_grow.temp_details    ? 
_exptl_crystal_grow.pH              6.5 
_exptl_crystal_grow.pdbx_details    'Ammonium sulphate, PEG 4000 , pH 6.5, VAPOR DIFFUSION, HANGING DROP, temperature 298K' 
_exptl_crystal_grow.pdbx_pH_range   . 
# 
_diffrn.id                     1 
_diffrn.ambient_temp           77 
_diffrn.ambient_temp_details   ? 
_diffrn.crystal_id             1 
# 
_diffrn_detector.diffrn_id              1 
_diffrn_detector.detector               CCD 
_diffrn_detector.type                   MARRESEARCH 
_diffrn_detector.pdbx_collection_date   2014-02-26 
_diffrn_detector.details                mirror 
# 
_diffrn_radiation.diffrn_id                        1 
_diffrn_radiation.wavelength_id                    1 
_diffrn_radiation.pdbx_monochromatic_or_laue_m_l   M 
_diffrn_radiation.monochromator                    Graphite 
_diffrn_radiation.pdbx_diffrn_protocol             'SINGLE WAVELENGTH' 
_diffrn_radiation.pdbx_scattering_type             x-ray 
# 
_diffrn_radiation_wavelength.id           1 
_diffrn_radiation_wavelength.wavelength   0.97 
_diffrn_radiation_wavelength.wt           1.0 
# 
_diffrn_source.diffrn_id                   1 
_diffrn_source.source                      SYNCHROTRON 
_diffrn_source.type                        'ESRF BEAMLINE BM14' 
_diffrn_source.pdbx_synchrotron_site       ESRF 
_diffrn_source.pdbx_synchrotron_beamline   BM14 
_diffrn_source.pdbx_wavelength             ? 
_diffrn_source.pdbx_wavelength_list        0.97 
# 
_reflns.entry_id                     4QER 
_reflns.observed_criterion_sigma_I   0.0 
_reflns.observed_criterion_sigma_F   0.0 
_reflns.d_resolution_low             50.0 
_reflns.d_resolution_high            1.20 
_reflns.number_obs                   39365 
_reflns.number_all                   ? 
_reflns.percent_possible_obs         99.1 
_reflns.pdbx_Rmerge_I_obs            0.042 
_reflns.pdbx_Rsym_value              ? 
_reflns.pdbx_netI_over_sigmaI        42.2 
_reflns.B_iso_Wilson_estimate        ? 
_reflns.pdbx_redundancy              ? 
_reflns.R_free_details               ? 
_reflns.limit_h_max                  ? 
_reflns.limit_h_min                  ? 
_reflns.limit_k_max                  ? 
_reflns.limit_k_min                  ? 
_reflns.limit_l_max                  ? 
_reflns.limit_l_min                  ? 
_reflns.observed_criterion_F_max     ? 
_reflns.observed_criterion_F_min     ? 
_reflns.pdbx_chi_squared             ? 
_reflns.pdbx_scaling_rejects         ? 
_reflns.pdbx_ordinal                 1 
_reflns.pdbx_diffrn_id               1 
# 
_reflns_shell.d_res_high                  1.20 
_reflns_shell.d_res_low                   1.22 
_reflns_shell.percent_possible_all        98.0 
_reflns_shell.Rmerge_I_obs                0.335 
_reflns_shell.pdbx_Rsym_value             ? 
_reflns_shell.meanI_over_sigI_obs         3.8 
_reflns_shell.pdbx_redundancy             ? 
_reflns_shell.percent_possible_obs        ? 
_reflns_shell.number_unique_all           ? 
_reflns_shell.number_measured_all         ? 
_reflns_shell.number_measured_obs         ? 
_reflns_shell.number_unique_obs           ? 
_reflns_shell.pdbx_chi_squared            ? 
_reflns_shell.pdbx_rejects                ? 
_reflns_shell.pdbx_netI_over_sigmaI_obs   ? 
_reflns_shell.number_possible             ? 
_reflns_shell.Rmerge_F_all                ? 
_reflns_shell.Rmerge_F_obs                ? 
_reflns_shell.Rmerge_I_all                ? 
_reflns_shell.meanI_over_sigI_all         ? 
_reflns_shell.pdbx_Rrim_I_all             ? 
_reflns_shell.pdbx_Rpim_I_all             ? 
_reflns_shell.pdbx_ordinal                1 
_reflns_shell.pdbx_diffrn_id              1 
# 
_refine.entry_id                                 4QER 
_refine.ls_number_reflns_obs                     37381 
_refine.ls_number_reflns_all                     39365 
_refine.pdbx_ls_sigma_I                          0.0 
_refine.pdbx_ls_sigma_F                          0.0 
_refine.pdbx_data_cutoff_high_absF               ? 
_refine.pdbx_data_cutoff_low_absF                ? 
_refine.pdbx_data_cutoff_high_rms_absF           ? 
_refine.ls_d_res_low                             26.17 
_refine.ls_d_res_high                            1.20 
_refine.ls_percent_reflns_obs                    99.10 
_refine.ls_R_factor_obs                          0.19047 
_refine.ls_R_factor_all                          0.19047 
_refine.ls_R_factor_R_work                       0.18897 
_refine.ls_R_factor_R_free                       0.21876 
_refine.ls_R_factor_R_free_error                 ? 
_refine.ls_R_factor_R_free_error_details         ? 
_refine.ls_percent_reflns_R_free                 5.0 
_refine.ls_number_reflns_R_free                  1966 
_refine.ls_number_parameters                     ? 
_refine.ls_number_restraints                     ? 
_refine.occupancy_min                            ? 
_refine.occupancy_max                            ? 
_refine.correlation_coeff_Fo_to_Fc               0.961 
_refine.correlation_coeff_Fo_to_Fc_free          0.950 
_refine.B_iso_mean                               17.374 
_refine.aniso_B[1][1]                            0.24 
_refine.aniso_B[2][2]                            0.24 
_refine.aniso_B[3][3]                            -0.48 
_refine.aniso_B[1][2]                            0.00 
_refine.aniso_B[1][3]                            0.00 
_refine.aniso_B[2][3]                            0.00 
_refine.solvent_model_details                    MASK 
_refine.solvent_model_param_ksol                 ? 
_refine.solvent_model_param_bsol                 ? 
_refine.pdbx_solvent_vdw_probe_radii             1.20 
_refine.pdbx_solvent_ion_probe_radii             0.80 
_refine.pdbx_solvent_shrinkage_radii             0.80 
_refine.pdbx_ls_cross_valid_method               THROUGHOUT 
_refine.details                                  'HYDROGENS HAVE BEEN USED IF PRESENT IN THE INPUT' 
_refine.pdbx_starting_model                      1FB2 
_refine.pdbx_method_to_determine_struct          'MOLECULAR REPLACEMENT' 
_refine.pdbx_isotropic_thermal_model             ? 
_refine.pdbx_stereochemistry_target_values       'MAXIMUM LIKELIHOOD' 
_refine.pdbx_stereochem_target_val_spec_case     ? 
_refine.pdbx_R_Free_selection_details            RANDOM 
_refine.pdbx_overall_ESU_R                       0.045 
_refine.pdbx_overall_ESU_R_Free                  0.049 
_refine.overall_SU_ML                            0.031 
_refine.pdbx_overall_phase_error                 ? 
_refine.overall_SU_B                             0.654 
_refine.overall_SU_R_Cruickshank_DPI             ? 
_refine.ls_redundancy_reflns_obs                 ? 
_refine.B_iso_min                                ? 
_refine.B_iso_max                                ? 
_refine.overall_SU_R_free                        ? 
_refine.ls_wR_factor_R_free                      ? 
_refine.ls_wR_factor_R_work                      ? 
_refine.overall_FOM_free_R_set                   ? 
_refine.overall_FOM_work_R_set                   ? 
_refine.pdbx_diffrn_id                           1 
_refine.pdbx_refine_id                           'X-RAY DIFFRACTION' 
_refine.pdbx_TLS_residual_ADP_flag               ? 
_refine.pdbx_overall_SU_R_free_Cruickshank_DPI   ? 
_refine.pdbx_overall_SU_R_Blow_DPI               ? 
_refine.pdbx_overall_SU_R_free_Blow_DPI          ? 
# 
_refine_hist.pdbx_refine_id                   'X-RAY DIFFRACTION' 
_refine_hist.cycle_id                         LAST 
_refine_hist.pdbx_number_atoms_protein        944 
_refine_hist.pdbx_number_atoms_nucleic_acid   0 
_refine_hist.pdbx_number_atoms_ligand         22 
_refine_hist.number_atoms_solvent             265 
_refine_hist.number_atoms_total               1231 
_refine_hist.d_res_high                       1.20 
_refine_hist.d_res_low                        26.17 
# 
loop_
_refine_ls_restr.type 
_refine_ls_restr.dev_ideal 
_refine_ls_restr.dev_ideal_target 
_refine_ls_restr.weight 
_refine_ls_restr.number 
_refine_ls_restr.pdbx_restraint_function 
_refine_ls_restr.pdbx_refine_id 
r_bond_refined_d       0.026  0.020  ? 986  ? 'X-RAY DIFFRACTION' 
r_angle_refined_deg    2.213  2.005  ? 1317 ? 'X-RAY DIFFRACTION' 
r_dihedral_angle_1_deg 5.821  5.000  ? 113  ? 'X-RAY DIFFRACTION' 
r_dihedral_angle_2_deg 36.424 23.902 ? 41   ? 'X-RAY DIFFRACTION' 
r_dihedral_angle_3_deg 12.961 15.000 ? 174  ? 'X-RAY DIFFRACTION' 
r_dihedral_angle_4_deg 7.333  15.000 ? 5    ? 'X-RAY DIFFRACTION' 
r_chiral_restr         0.134  0.200  ? 133  ? 'X-RAY DIFFRACTION' 
r_gen_planes_refined   0.013  0.021  ? 722  ? 'X-RAY DIFFRACTION' 
# 
_refine_ls_shell.pdbx_refine_id                   'X-RAY DIFFRACTION' 
_refine_ls_shell.pdbx_total_number_of_bins_used   20 
_refine_ls_shell.d_res_high                       1.203 
_refine_ls_shell.d_res_low                        1.234 
_refine_ls_shell.number_reflns_R_work             2629 
_refine_ls_shell.R_factor_R_work                  0.236 
_refine_ls_shell.percent_reflns_obs               96.44 
_refine_ls_shell.R_factor_R_free                  0.260 
_refine_ls_shell.R_factor_R_free_error            ? 
_refine_ls_shell.percent_reflns_R_free            ? 
_refine_ls_shell.number_reflns_R_free             137 
_refine_ls_shell.number_reflns_all                ? 
_refine_ls_shell.R_factor_all                     ? 
_refine_ls_shell.number_reflns_obs                ? 
_refine_ls_shell.redundancy_reflns_obs            ? 
# 
_struct.entry_id                  4QER 
_struct.title                     'Crystal Structure of the Complex of Phospholipase A2 with Resveratrol at 1.20 A Resolution' 
_struct.pdbx_model_details        ? 
_struct.pdbx_CASP_flag            ? 
_struct.pdbx_model_type_details   ? 
# 
_struct_keywords.entry_id        4QER 
_struct_keywords.pdbx_keywords   'HYDROLASE/HYDROLASE INHIBITOR' 
_struct_keywords.text            'HYDROLASE-HYDROLASE INHIBITOR complex' 
# 
loop_
_struct_asym.id 
_struct_asym.pdbx_blank_PDB_chainid_flag 
_struct_asym.pdbx_modified 
_struct_asym.entity_id 
_struct_asym.details 
A N N 1 ? 
B N N 2 ? 
C N N 3 ? 
D N N 4 ? 
# 
_struct_ref.id                         1 
_struct_ref.db_name                    UNP 
_struct_ref.db_code                    D0VX11_9SAUR 
_struct_ref.pdbx_db_accession          D0VX11 
_struct_ref.entity_id                  1 
_struct_ref.pdbx_seq_one_letter_code   
;SLLEFGKMILEETGKLAIPSYSSYGCYCGWGGKGTPKDATDRCCFVHDCCYGNLPDCNPKSDRYKYKRVNGAIVCEKGTS
CENRICECDKAAAICFRQNLNTYSKKYMLYPDFLCKGELKC
;
_struct_ref.pdbx_align_begin           1 
_struct_ref.pdbx_db_isoform            ? 
# 
_struct_ref_seq.align_id                      1 
_struct_ref_seq.ref_id                        1 
_struct_ref_seq.pdbx_PDB_id_code              4QER 
_struct_ref_seq.pdbx_strand_id                A 
_struct_ref_seq.seq_align_beg                 1 
_struct_ref_seq.pdbx_seq_align_beg_ins_code   ? 
_struct_ref_seq.seq_align_end                 121 
_struct_ref_seq.pdbx_seq_align_end_ins_code   ? 
_struct_ref_seq.pdbx_db_accession             D0VX11 
_struct_ref_seq.db_align_beg                  1 
_struct_ref_seq.pdbx_db_align_beg_ins_code    ? 
_struct_ref_seq.db_align_end                  121 
_struct_ref_seq.pdbx_db_align_end_ins_code    ? 
_struct_ref_seq.pdbx_auth_seq_align_beg       1 
_struct_ref_seq.pdbx_auth_seq_align_end       133 
# 
_pdbx_struct_assembly.id                   1 
_pdbx_struct_assembly.details              author_and_software_defined_assembly 
_pdbx_struct_assembly.method_details       PISA 
_pdbx_struct_assembly.oligomeric_details   monomeric 
_pdbx_struct_assembly.oligomeric_count     1 
# 
_pdbx_struct_assembly_gen.assembly_id       1 
_pdbx_struct_assembly_gen.oper_expression   1 
_pdbx_struct_assembly_gen.asym_id_list      A,B,C,D 
# 
_pdbx_struct_oper_list.id                   1 
_pdbx_struct_oper_list.type                 'identity operation' 
_pdbx_struct_oper_list.name                 1_555 
_pdbx_struct_oper_list.symmetry_operation   x,y,z 
_pdbx_struct_oper_list.matrix[1][1]         1.0000000000 
_pdbx_struct_oper_list.matrix[1][2]         0.0000000000 
_pdbx_struct_oper_list.matrix[1][3]         0.0000000000 
_pdbx_struct_oper_list.vector[1]            0.0000000000 
_pdbx_struct_oper_list.matrix[2][1]         0.0000000000 
_pdbx_struct_oper_list.matrix[2][2]         1.0000000000 
_pdbx_struct_oper_list.matrix[2][3]         0.0000000000 
_pdbx_struct_oper_list.vector[2]            0.0000000000 
_pdbx_struct_oper_list.matrix[3][1]         0.0000000000 
_pdbx_struct_oper_list.matrix[3][2]         0.0000000000 
_pdbx_struct_oper_list.matrix[3][3]         1.0000000000 
_pdbx_struct_oper_list.vector[3]            0.0000000000 
# 
_struct_biol.id        1 
_struct_biol.details   ? 
# 
loop_
_struct_conf.conf_type_id 
_struct_conf.id 
_struct_conf.pdbx_PDB_helix_id 
_struct_conf.beg_label_comp_id 
_struct_conf.beg_label_asym_id 
_struct_conf.beg_label_seq_id 
_struct_conf.pdbx_beg_PDB_ins_code 
_struct_conf.end_label_comp_id 
_struct_conf.end_label_asym_id 
_struct_conf.end_label_seq_id 
_struct_conf.pdbx_end_PDB_ins_code 
_struct_conf.beg_auth_comp_id 
_struct_conf.beg_auth_asym_id 
_struct_conf.beg_auth_seq_id 
_struct_conf.end_auth_comp_id 
_struct_conf.end_auth_asym_id 
_struct_conf.end_auth_seq_id 
_struct_conf.pdbx_PDB_helix_class 
_struct_conf.details 
_struct_conf.pdbx_PDB_helix_length 
HELX_P HELX_P1 1 SER A 1   ? GLY A 14  ? SER A 1   GLY A 14  1 ? 14 
HELX_P HELX_P2 2 LEU A 16  ? TYR A 21  ? LEU A 17  TYR A 22  1 ? 6  
HELX_P HELX_P3 3 ASP A 38  ? ASN A 53  ? ASP A 39  ASN A 54  1 ? 16 
HELX_P HELX_P4 4 THR A 79  ? ASN A 99  ? THR A 89  ASN A 109 1 ? 21 
HELX_P HELX_P5 5 LEU A 100 ? TYR A 103 ? LEU A 110 TYR A 113 5 ? 4  
HELX_P HELX_P6 6 SER A 104 ? MET A 108 ? SER A 114 MET A 118 5 ? 5  
HELX_P HELX_P7 7 PRO A 111 ? CYS A 115 ? PRO A 121 CYS A 126 5 ? 5  
# 
_struct_conf_type.id          HELX_P 
_struct_conf_type.criteria    ? 
_struct_conf_type.reference   ? 
# 
loop_
_struct_conn.id 
_struct_conn.conn_type_id 
_struct_conn.pdbx_leaving_atom_flag 
_struct_conn.pdbx_PDB_id 
_struct_conn.ptnr1_label_asym_id 
_struct_conn.ptnr1_label_comp_id 
_struct_conn.ptnr1_label_seq_id 
_struct_conn.ptnr1_label_atom_id 
_struct_conn.pdbx_ptnr1_label_alt_id 
_struct_conn.pdbx_ptnr1_PDB_ins_code 
_struct_conn.pdbx_ptnr1_standard_comp_id 
_struct_conn.ptnr1_symmetry 
_struct_conn.ptnr2_label_asym_id 
_struct_conn.ptnr2_label_comp_id 
_struct_conn.ptnr2_label_seq_id 
_struct_conn.ptnr2_label_atom_id 
_struct_conn.pdbx_ptnr2_label_alt_id 
_struct_conn.pdbx_ptnr2_PDB_ins_code 
_struct_conn.ptnr1_auth_asym_id 
_struct_conn.ptnr1_auth_comp_id 
_struct_conn.ptnr1_auth_seq_id 
_struct_conn.ptnr2_auth_asym_id 
_struct_conn.ptnr2_auth_comp_id 
_struct_conn.ptnr2_auth_seq_id 
_struct_conn.ptnr2_symmetry 
_struct_conn.pdbx_ptnr3_label_atom_id 
_struct_conn.pdbx_ptnr3_label_seq_id 
_struct_conn.pdbx_ptnr3_label_comp_id 
_struct_conn.pdbx_ptnr3_label_asym_id 
_struct_conn.pdbx_ptnr3_label_alt_id 
_struct_conn.pdbx_ptnr3_PDB_ins_code 
_struct_conn.details 
_struct_conn.pdbx_dist_value 
_struct_conn.pdbx_value_order 
_struct_conn.pdbx_role 
disulf1 disulf ? ? A CYS 26 SG ? ? ? 1_555 A CYS 115 SG ? ? A CYS 27 A CYS 126 1_555 ? ? ? ? ? ? ? 2.012 ? ? 
disulf2 disulf ? ? A CYS 28 SG ? ? ? 1_555 A CYS 44  SG ? ? A CYS 29 A CYS 45  1_555 ? ? ? ? ? ? ? 2.023 ? ? 
disulf3 disulf ? ? A CYS 43 SG ? ? ? 1_555 A CYS 95  SG ? ? A CYS 44 A CYS 105 1_555 ? ? ? ? ? ? ? 2.033 ? ? 
disulf4 disulf ? ? A CYS 49 SG ? ? ? 1_555 A CYS 121 SG ? ? A CYS 50 A CYS 133 1_555 ? ? ? ? ? ? ? 2.020 ? ? 
disulf5 disulf ? ? A CYS 50 SG ? ? ? 1_555 A CYS 88  SG ? ? A CYS 51 A CYS 98  1_555 ? ? ? ? ? ? ? 2.045 ? ? 
disulf6 disulf ? ? A CYS 57 SG ? ? ? 1_555 A CYS 81  SG ? ? A CYS 61 A CYS 91  1_555 ? ? ? ? ? ? ? 2.043 ? ? 
disulf7 disulf ? ? A CYS 75 SG ? ? ? 1_555 A CYS 86  SG ? ? A CYS 84 A CYS 96  1_555 ? ? ? ? ? ? ? 2.039 ? ? 
# 
_struct_conn_type.id          disulf 
_struct_conn_type.criteria    ? 
_struct_conn_type.reference   ? 
# 
loop_
_pdbx_modification_feature.ordinal 
_pdbx_modification_feature.label_comp_id 
_pdbx_modification_feature.label_asym_id 
_pdbx_modification_feature.label_seq_id 
_pdbx_modification_feature.label_alt_id 
_pdbx_modification_feature.modified_residue_label_comp_id 
_pdbx_modification_feature.modified_residue_label_asym_id 
_pdbx_modification_feature.modified_residue_label_seq_id 
_pdbx_modification_feature.modified_residue_label_alt_id 
_pdbx_modification_feature.auth_comp_id 
_pdbx_modification_feature.auth_asym_id 
_pdbx_modification_feature.auth_seq_id 
_pdbx_modification_feature.PDB_ins_code 
_pdbx_modification_feature.symmetry 
_pdbx_modification_feature.modified_residue_auth_comp_id 
_pdbx_modification_feature.modified_residue_auth_asym_id 
_pdbx_modification_feature.modified_residue_auth_seq_id 
_pdbx_modification_feature.modified_residue_PDB_ins_code 
_pdbx_modification_feature.modified_residue_symmetry 
_pdbx_modification_feature.comp_id_linking_atom 
_pdbx_modification_feature.modified_residue_id_linking_atom 
_pdbx_modification_feature.modified_residue_id 
_pdbx_modification_feature.ref_pcm_id 
_pdbx_modification_feature.ref_comp_id 
_pdbx_modification_feature.type 
_pdbx_modification_feature.category 
1 CYS A 26 ? CYS A 115 ? CYS A 27 ? 1_555 CYS A 126 ? 1_555 SG SG . . . None 'Disulfide bridge' 
2 CYS A 28 ? CYS A 44  ? CYS A 29 ? 1_555 CYS A 45  ? 1_555 SG SG . . . None 'Disulfide bridge' 
3 CYS A 43 ? CYS A 95  ? CYS A 44 ? 1_555 CYS A 105 ? 1_555 SG SG . . . None 'Disulfide bridge' 
4 CYS A 49 ? CYS A 121 ? CYS A 50 ? 1_555 CYS A 133 ? 1_555 SG SG . . . None 'Disulfide bridge' 
5 CYS A 50 ? CYS A 88  ? CYS A 51 ? 1_555 CYS A 98  ? 1_555 SG SG . . . None 'Disulfide bridge' 
6 CYS A 57 ? CYS A 81  ? CYS A 61 ? 1_555 CYS A 91  ? 1_555 SG SG . . . None 'Disulfide bridge' 
7 CYS A 75 ? CYS A 86  ? CYS A 84 ? 1_555 CYS A 96  ? 1_555 SG SG . . . None 'Disulfide bridge' 
# 
_struct_mon_prot_cis.pdbx_id                1 
_struct_mon_prot_cis.label_comp_id          ILE 
_struct_mon_prot_cis.label_seq_id           18 
_struct_mon_prot_cis.label_asym_id          A 
_struct_mon_prot_cis.label_alt_id           . 
_struct_mon_prot_cis.pdbx_PDB_ins_code      ? 
_struct_mon_prot_cis.auth_comp_id           ILE 
_struct_mon_prot_cis.auth_seq_id            19 
_struct_mon_prot_cis.auth_asym_id           A 
_struct_mon_prot_cis.pdbx_label_comp_id_2   PRO 
_struct_mon_prot_cis.pdbx_label_seq_id_2    19 
_struct_mon_prot_cis.pdbx_label_asym_id_2   A 
_struct_mon_prot_cis.pdbx_PDB_ins_code_2    ? 
_struct_mon_prot_cis.pdbx_auth_comp_id_2    PRO 
_struct_mon_prot_cis.pdbx_auth_seq_id_2     20 
_struct_mon_prot_cis.pdbx_auth_asym_id_2    A 
_struct_mon_prot_cis.pdbx_PDB_model_num     1 
_struct_mon_prot_cis.pdbx_omega_angle       21.12 
# 
_struct_sheet.id               A 
_struct_sheet.type             ? 
_struct_sheet.number_strands   2 
_struct_sheet.details          ? 
# 
_struct_sheet_order.sheet_id     A 
_struct_sheet_order.range_id_1   1 
_struct_sheet_order.range_id_2   2 
_struct_sheet_order.offset       ? 
_struct_sheet_order.sense        anti-parallel 
# 
loop_
_struct_sheet_range.sheet_id 
_struct_sheet_range.id 
_struct_sheet_range.beg_label_comp_id 
_struct_sheet_range.beg_label_asym_id 
_struct_sheet_range.beg_label_seq_id 
_struct_sheet_range.pdbx_beg_PDB_ins_code 
_struct_sheet_range.end_label_comp_id 
_struct_sheet_range.end_label_asym_id 
_struct_sheet_range.end_label_seq_id 
_struct_sheet_range.pdbx_end_PDB_ins_code 
_struct_sheet_range.beg_auth_comp_id 
_struct_sheet_range.beg_auth_asym_id 
_struct_sheet_range.beg_auth_seq_id 
_struct_sheet_range.end_auth_comp_id 
_struct_sheet_range.end_auth_asym_id 
_struct_sheet_range.end_auth_seq_id 
A 1 TYR A 66 ? VAL A 69 ? TYR A 75 VAL A 78 
A 2 ALA A 72 ? CYS A 75 ? ALA A 81 CYS A 84 
# 
_pdbx_struct_sheet_hbond.sheet_id                A 
_pdbx_struct_sheet_hbond.range_id_1              1 
_pdbx_struct_sheet_hbond.range_id_2              2 
_pdbx_struct_sheet_hbond.range_1_label_atom_id   N 
_pdbx_struct_sheet_hbond.range_1_label_comp_id   LYS 
_pdbx_struct_sheet_hbond.range_1_label_asym_id   A 
_pdbx_struct_sheet_hbond.range_1_label_seq_id    67 
_pdbx_struct_sheet_hbond.range_1_PDB_ins_code    ? 
_pdbx_struct_sheet_hbond.range_1_auth_atom_id    N 
_pdbx_struct_sheet_hbond.range_1_auth_comp_id    LYS 
_pdbx_struct_sheet_hbond.range_1_auth_asym_id    A 
_pdbx_struct_sheet_hbond.range_1_auth_seq_id     76 
_pdbx_struct_sheet_hbond.range_2_label_atom_id   O 
_pdbx_struct_sheet_hbond.range_2_label_comp_id   VAL 
_pdbx_struct_sheet_hbond.range_2_label_asym_id   A 
_pdbx_struct_sheet_hbond.range_2_label_seq_id    74 
_pdbx_struct_sheet_hbond.range_2_PDB_ins_code    ? 
_pdbx_struct_sheet_hbond.range_2_auth_atom_id    O 
_pdbx_struct_sheet_hbond.range_2_auth_comp_id    VAL 
_pdbx_struct_sheet_hbond.range_2_auth_asym_id    A 
_pdbx_struct_sheet_hbond.range_2_auth_seq_id     83 
# 
loop_
_struct_site.id 
_struct_site.pdbx_evidence_code 
_struct_site.pdbx_auth_asym_id 
_struct_site.pdbx_auth_comp_id 
_struct_site.pdbx_auth_seq_id 
_struct_site.pdbx_auth_ins_code 
_struct_site.pdbx_num_residues 
_struct_site.details 
AC1 Software A SO4 201 ? 10 'BINDING SITE FOR RESIDUE SO4 A 201' 
AC2 Software A STL 202 ? 12 'BINDING SITE FOR RESIDUE STL A 202' 
# 
loop_
_struct_site_gen.id 
_struct_site_gen.site_id 
_struct_site_gen.pdbx_num_res 
_struct_site_gen.label_comp_id 
_struct_site_gen.label_asym_id 
_struct_site_gen.label_seq_id 
_struct_site_gen.pdbx_auth_ins_code 
_struct_site_gen.auth_comp_id 
_struct_site_gen.auth_asym_id 
_struct_site_gen.auth_seq_id 
_struct_site_gen.label_atom_id 
_struct_site_gen.label_alt_id 
_struct_site_gen.symmetry 
_struct_site_gen.details 
1  AC1 10 GLU A 4   ? GLU A 4   . ? 1_555 ? 
2  AC1 10 ARG A 63  ? ARG A 72  . ? 1_555 ? 
3  AC1 10 LYS A 65  ? LYS A 74  . ? 1_555 ? 
4  AC1 10 HOH D .   ? HOH A 350 . ? 4_455 ? 
5  AC1 10 HOH D .   ? HOH A 402 . ? 1_555 ? 
6  AC1 10 HOH D .   ? HOH A 411 . ? 1_555 ? 
7  AC1 10 HOH D .   ? HOH A 438 . ? 1_555 ? 
8  AC1 10 HOH D .   ? HOH A 476 . ? 1_555 ? 
9  AC1 10 HOH D .   ? HOH A 504 . ? 1_555 ? 
10 AC1 10 HOH D .   ? HOH A 511 . ? 1_555 ? 
11 AC2 12 LEU A 2   ? LEU A 2   . ? 1_555 ? 
12 AC2 12 PHE A 5   ? PHE A 5   . ? 1_555 ? 
13 AC2 12 GLY A 6   ? GLY A 6   . ? 1_555 ? 
14 AC2 12 ILE A 18  ? ILE A 19  . ? 1_555 ? 
15 AC2 12 TYR A 21  ? TYR A 22  . ? 1_555 ? 
16 AC2 12 GLY A 29  ? GLY A 30  . ? 1_555 ? 
17 AC2 12 CYS A 44  ? CYS A 45  . ? 1_555 ? 
18 AC2 12 HIS A 47  ? HIS A 48  . ? 1_555 ? 
19 AC2 12 ASP A 48  ? ASP A 49  . ? 1_555 ? 
20 AC2 12 ASN A 101 ? ASN A 111 . ? 2_565 ? 
21 AC2 12 HOH D .   ? HOH A 356 . ? 1_555 ? 
22 AC2 12 HOH D .   ? HOH A 475 . ? 1_555 ? 
# 
_pdbx_entry_details.entry_id                   4QER 
_pdbx_entry_details.compound_details           ? 
_pdbx_entry_details.source_details             ? 
_pdbx_entry_details.nonpolymer_details         ? 
_pdbx_entry_details.sequence_details           ? 
_pdbx_entry_details.has_ligand_of_interest     ? 
_pdbx_entry_details.has_protein_modification   Y 
# 
loop_
_pdbx_validate_rmsd_bond.id 
_pdbx_validate_rmsd_bond.PDB_model_num 
_pdbx_validate_rmsd_bond.auth_atom_id_1 
_pdbx_validate_rmsd_bond.auth_asym_id_1 
_pdbx_validate_rmsd_bond.auth_comp_id_1 
_pdbx_validate_rmsd_bond.auth_seq_id_1 
_pdbx_validate_rmsd_bond.PDB_ins_code_1 
_pdbx_validate_rmsd_bond.label_alt_id_1 
_pdbx_validate_rmsd_bond.auth_atom_id_2 
_pdbx_validate_rmsd_bond.auth_asym_id_2 
_pdbx_validate_rmsd_bond.auth_comp_id_2 
_pdbx_validate_rmsd_bond.auth_seq_id_2 
_pdbx_validate_rmsd_bond.PDB_ins_code_2 
_pdbx_validate_rmsd_bond.label_alt_id_2 
_pdbx_validate_rmsd_bond.bond_value 
_pdbx_validate_rmsd_bond.bond_target_value 
_pdbx_validate_rmsd_bond.bond_deviation 
_pdbx_validate_rmsd_bond.bond_standard_deviation 
_pdbx_validate_rmsd_bond.linker_flag 
1 1 CD A GLU 12  ? ? OE2 A GLU 12  ? ? 1.138 1.252 -0.114 0.011 N 
2 1 C  A GLY 14  ? ? N   A LYS 16  ? ? 1.583 1.336 0.247  0.023 Y 
3 1 C  A PRO 56  ? ? O   A PRO 56  ? ? 1.096 1.228 -0.132 0.020 N 
4 1 C  A ASP 59  ? ? N   A CYS 61  ? ? 1.562 1.336 0.226  0.023 Y 
5 1 C  A CYS 61  ? ? N   A ASN 67  ? ? 1.554 1.336 0.218  0.023 Y 
6 1 C  A LYS 86  ? ? N   A GLY 88  ? ? 1.631 1.336 0.295  0.023 Y 
7 1 CB A SER 90  ? ? OG  A SER 90  ? ? 1.319 1.418 -0.099 0.013 N 
8 1 C  A ASP 122 ? ? N   A PHE 124 ? ? 1.492 1.336 0.156  0.023 Y 
9 1 C  A LYS 131 ? ? N   A CYS 133 ? ? 1.631 1.336 0.295  0.023 Y 
# 
loop_
_pdbx_validate_rmsd_angle.id 
_pdbx_validate_rmsd_angle.PDB_model_num 
_pdbx_validate_rmsd_angle.auth_atom_id_1 
_pdbx_validate_rmsd_angle.auth_asym_id_1 
_pdbx_validate_rmsd_angle.auth_comp_id_1 
_pdbx_validate_rmsd_angle.auth_seq_id_1 
_pdbx_validate_rmsd_angle.PDB_ins_code_1 
_pdbx_validate_rmsd_angle.label_alt_id_1 
_pdbx_validate_rmsd_angle.auth_atom_id_2 
_pdbx_validate_rmsd_angle.auth_asym_id_2 
_pdbx_validate_rmsd_angle.auth_comp_id_2 
_pdbx_validate_rmsd_angle.auth_seq_id_2 
_pdbx_validate_rmsd_angle.PDB_ins_code_2 
_pdbx_validate_rmsd_angle.label_alt_id_2 
_pdbx_validate_rmsd_angle.auth_atom_id_3 
_pdbx_validate_rmsd_angle.auth_asym_id_3 
_pdbx_validate_rmsd_angle.auth_comp_id_3 
_pdbx_validate_rmsd_angle.auth_seq_id_3 
_pdbx_validate_rmsd_angle.PDB_ins_code_3 
_pdbx_validate_rmsd_angle.label_alt_id_3 
_pdbx_validate_rmsd_angle.angle_value 
_pdbx_validate_rmsd_angle.angle_target_value 
_pdbx_validate_rmsd_angle.angle_deviation 
_pdbx_validate_rmsd_angle.angle_standard_deviation 
_pdbx_validate_rmsd_angle.linker_flag 
1 1 CA A LEU 2   ? ? CB A LEU 2   ? ? CG  A LEU 2   ? ? 143.79 115.30 28.49 2.30 N 
2 1 NE A ARG 72  ? ? CZ A ARG 72  ? ? NH1 A ARG 72  ? ? 115.18 120.30 -5.12 0.50 N 
3 1 NE A ARG 77  ? ? CZ A ARG 77  ? ? NH2 A ARG 77  ? ? 123.45 120.30 3.15  0.50 N 
4 1 NE A ARG 107 ? ? CZ A ARG 107 ? ? NH1 A ARG 107 ? ? 114.77 120.30 -5.53 0.50 N 
# 
_pdbx_validate_torsion.id              1 
_pdbx_validate_torsion.PDB_model_num   1 
_pdbx_validate_torsion.auth_comp_id    SER 
_pdbx_validate_torsion.auth_asym_id    A 
_pdbx_validate_torsion.auth_seq_id     24 
_pdbx_validate_torsion.PDB_ins_code    ? 
_pdbx_validate_torsion.label_alt_id    ? 
_pdbx_validate_torsion.phi             -145.41 
_pdbx_validate_torsion.psi             37.75 
# 
loop_
_pdbx_validate_polymer_linkage.id 
_pdbx_validate_polymer_linkage.PDB_model_num 
_pdbx_validate_polymer_linkage.auth_atom_id_1 
_pdbx_validate_polymer_linkage.auth_asym_id_1 
_pdbx_validate_polymer_linkage.auth_comp_id_1 
_pdbx_validate_polymer_linkage.auth_seq_id_1 
_pdbx_validate_polymer_linkage.PDB_ins_code_1 
_pdbx_validate_polymer_linkage.label_alt_id_1 
_pdbx_validate_polymer_linkage.auth_atom_id_2 
_pdbx_validate_polymer_linkage.auth_asym_id_2 
_pdbx_validate_polymer_linkage.auth_comp_id_2 
_pdbx_validate_polymer_linkage.auth_seq_id_2 
_pdbx_validate_polymer_linkage.PDB_ins_code_2 
_pdbx_validate_polymer_linkage.label_alt_id_2 
_pdbx_validate_polymer_linkage.dist 
1 1 C A PRO 56  ? ? N A ASP 59  ? ? 1.68 
2 1 C A LYS 86  ? ? N A GLY 88  ? ? 1.63 
3 1 C A LYS 131 ? ? N A CYS 133 ? ? 1.63 
# 
loop_
_chem_comp_atom.comp_id 
_chem_comp_atom.atom_id 
_chem_comp_atom.type_symbol 
_chem_comp_atom.pdbx_aromatic_flag 
_chem_comp_atom.pdbx_stereo_config 
_chem_comp_atom.pdbx_ordinal 
ALA N    N N N 1   
ALA CA   C N S 2   
ALA C    C N N 3   
ALA O    O N N 4   
ALA CB   C N N 5   
ALA OXT  O N N 6   
ALA H    H N N 7   
ALA H2   H N N 8   
ALA HA   H N N 9   
ALA HB1  H N N 10  
ALA HB2  H N N 11  
ALA HB3  H N N 12  
ALA HXT  H N N 13  
ARG N    N N N 14  
ARG CA   C N S 15  
ARG C    C N N 16  
ARG O    O N N 17  
ARG CB   C N N 18  
ARG CG   C N N 19  
ARG CD   C N N 20  
ARG NE   N N N 21  
ARG CZ   C N N 22  
ARG NH1  N N N 23  
ARG NH2  N N N 24  
ARG OXT  O N N 25  
ARG H    H N N 26  
ARG H2   H N N 27  
ARG HA   H N N 28  
ARG HB2  H N N 29  
ARG HB3  H N N 30  
ARG HG2  H N N 31  
ARG HG3  H N N 32  
ARG HD2  H N N 33  
ARG HD3  H N N 34  
ARG HE   H N N 35  
ARG HH11 H N N 36  
ARG HH12 H N N 37  
ARG HH21 H N N 38  
ARG HH22 H N N 39  
ARG HXT  H N N 40  
ASN N    N N N 41  
ASN CA   C N S 42  
ASN C    C N N 43  
ASN O    O N N 44  
ASN CB   C N N 45  
ASN CG   C N N 46  
ASN OD1  O N N 47  
ASN ND2  N N N 48  
ASN OXT  O N N 49  
ASN H    H N N 50  
ASN H2   H N N 51  
ASN HA   H N N 52  
ASN HB2  H N N 53  
ASN HB3  H N N 54  
ASN HD21 H N N 55  
ASN HD22 H N N 56  
ASN HXT  H N N 57  
ASP N    N N N 58  
ASP CA   C N S 59  
ASP C    C N N 60  
ASP O    O N N 61  
ASP CB   C N N 62  
ASP CG   C N N 63  
ASP OD1  O N N 64  
ASP OD2  O N N 65  
ASP OXT  O N N 66  
ASP H    H N N 67  
ASP H2   H N N 68  
ASP HA   H N N 69  
ASP HB2  H N N 70  
ASP HB3  H N N 71  
ASP HD2  H N N 72  
ASP HXT  H N N 73  
CYS N    N N N 74  
CYS CA   C N R 75  
CYS C    C N N 76  
CYS O    O N N 77  
CYS CB   C N N 78  
CYS SG   S N N 79  
CYS OXT  O N N 80  
CYS H    H N N 81  
CYS H2   H N N 82  
CYS HA   H N N 83  
CYS HB2  H N N 84  
CYS HB3  H N N 85  
CYS HG   H N N 86  
CYS HXT  H N N 87  
GLN N    N N N 88  
GLN CA   C N S 89  
GLN C    C N N 90  
GLN O    O N N 91  
GLN CB   C N N 92  
GLN CG   C N N 93  
GLN CD   C N N 94  
GLN OE1  O N N 95  
GLN NE2  N N N 96  
GLN OXT  O N N 97  
GLN H    H N N 98  
GLN H2   H N N 99  
GLN HA   H N N 100 
GLN HB2  H N N 101 
GLN HB3  H N N 102 
GLN HG2  H N N 103 
GLN HG3  H N N 104 
GLN HE21 H N N 105 
GLN HE22 H N N 106 
GLN HXT  H N N 107 
GLU N    N N N 108 
GLU CA   C N S 109 
GLU C    C N N 110 
GLU O    O N N 111 
GLU CB   C N N 112 
GLU CG   C N N 113 
GLU CD   C N N 114 
GLU OE1  O N N 115 
GLU OE2  O N N 116 
GLU OXT  O N N 117 
GLU H    H N N 118 
GLU H2   H N N 119 
GLU HA   H N N 120 
GLU HB2  H N N 121 
GLU HB3  H N N 122 
GLU HG2  H N N 123 
GLU HG3  H N N 124 
GLU HE2  H N N 125 
GLU HXT  H N N 126 
GLY N    N N N 127 
GLY CA   C N N 128 
GLY C    C N N 129 
GLY O    O N N 130 
GLY OXT  O N N 131 
GLY H    H N N 132 
GLY H2   H N N 133 
GLY HA2  H N N 134 
GLY HA3  H N N 135 
GLY HXT  H N N 136 
HIS N    N N N 137 
HIS CA   C N S 138 
HIS C    C N N 139 
HIS O    O N N 140 
HIS CB   C N N 141 
HIS CG   C Y N 142 
HIS ND1  N Y N 143 
HIS CD2  C Y N 144 
HIS CE1  C Y N 145 
HIS NE2  N Y N 146 
HIS OXT  O N N 147 
HIS H    H N N 148 
HIS H2   H N N 149 
HIS HA   H N N 150 
HIS HB2  H N N 151 
HIS HB3  H N N 152 
HIS HD1  H N N 153 
HIS HD2  H N N 154 
HIS HE1  H N N 155 
HIS HE2  H N N 156 
HIS HXT  H N N 157 
HOH O    O N N 158 
HOH H1   H N N 159 
HOH H2   H N N 160 
ILE N    N N N 161 
ILE CA   C N S 162 
ILE C    C N N 163 
ILE O    O N N 164 
ILE CB   C N S 165 
ILE CG1  C N N 166 
ILE CG2  C N N 167 
ILE CD1  C N N 168 
ILE OXT  O N N 169 
ILE H    H N N 170 
ILE H2   H N N 171 
ILE HA   H N N 172 
ILE HB   H N N 173 
ILE HG12 H N N 174 
ILE HG13 H N N 175 
ILE HG21 H N N 176 
ILE HG22 H N N 177 
ILE HG23 H N N 178 
ILE HD11 H N N 179 
ILE HD12 H N N 180 
ILE HD13 H N N 181 
ILE HXT  H N N 182 
LEU N    N N N 183 
LEU CA   C N S 184 
LEU C    C N N 185 
LEU O    O N N 186 
LEU CB   C N N 187 
LEU CG   C N N 188 
LEU CD1  C N N 189 
LEU CD2  C N N 190 
LEU OXT  O N N 191 
LEU H    H N N 192 
LEU H2   H N N 193 
LEU HA   H N N 194 
LEU HB2  H N N 195 
LEU HB3  H N N 196 
LEU HG   H N N 197 
LEU HD11 H N N 198 
LEU HD12 H N N 199 
LEU HD13 H N N 200 
LEU HD21 H N N 201 
LEU HD22 H N N 202 
LEU HD23 H N N 203 
LEU HXT  H N N 204 
LYS N    N N N 205 
LYS CA   C N S 206 
LYS C    C N N 207 
LYS O    O N N 208 
LYS CB   C N N 209 
LYS CG   C N N 210 
LYS CD   C N N 211 
LYS CE   C N N 212 
LYS NZ   N N N 213 
LYS OXT  O N N 214 
LYS H    H N N 215 
LYS H2   H N N 216 
LYS HA   H N N 217 
LYS HB2  H N N 218 
LYS HB3  H N N 219 
LYS HG2  H N N 220 
LYS HG3  H N N 221 
LYS HD2  H N N 222 
LYS HD3  H N N 223 
LYS HE2  H N N 224 
LYS HE3  H N N 225 
LYS HZ1  H N N 226 
LYS HZ2  H N N 227 
LYS HZ3  H N N 228 
LYS HXT  H N N 229 
MET N    N N N 230 
MET CA   C N S 231 
MET C    C N N 232 
MET O    O N N 233 
MET CB   C N N 234 
MET CG   C N N 235 
MET SD   S N N 236 
MET CE   C N N 237 
MET OXT  O N N 238 
MET H    H N N 239 
MET H2   H N N 240 
MET HA   H N N 241 
MET HB2  H N N 242 
MET HB3  H N N 243 
MET HG2  H N N 244 
MET HG3  H N N 245 
MET HE1  H N N 246 
MET HE2  H N N 247 
MET HE3  H N N 248 
MET HXT  H N N 249 
PHE N    N N N 250 
PHE CA   C N S 251 
PHE C    C N N 252 
PHE O    O N N 253 
PHE CB   C N N 254 
PHE CG   C Y N 255 
PHE CD1  C Y N 256 
PHE CD2  C Y N 257 
PHE CE1  C Y N 258 
PHE CE2  C Y N 259 
PHE CZ   C Y N 260 
PHE OXT  O N N 261 
PHE H    H N N 262 
PHE H2   H N N 263 
PHE HA   H N N 264 
PHE HB2  H N N 265 
PHE HB3  H N N 266 
PHE HD1  H N N 267 
PHE HD2  H N N 268 
PHE HE1  H N N 269 
PHE HE2  H N N 270 
PHE HZ   H N N 271 
PHE HXT  H N N 272 
PRO N    N N N 273 
PRO CA   C N S 274 
PRO C    C N N 275 
PRO O    O N N 276 
PRO CB   C N N 277 
PRO CG   C N N 278 
PRO CD   C N N 279 
PRO OXT  O N N 280 
PRO H    H N N 281 
PRO HA   H N N 282 
PRO HB2  H N N 283 
PRO HB3  H N N 284 
PRO HG2  H N N 285 
PRO HG3  H N N 286 
PRO HD2  H N N 287 
PRO HD3  H N N 288 
PRO HXT  H N N 289 
SER N    N N N 290 
SER CA   C N S 291 
SER C    C N N 292 
SER O    O N N 293 
SER CB   C N N 294 
SER OG   O N N 295 
SER OXT  O N N 296 
SER H    H N N 297 
SER H2   H N N 298 
SER HA   H N N 299 
SER HB2  H N N 300 
SER HB3  H N N 301 
SER HG   H N N 302 
SER HXT  H N N 303 
SO4 S    S N N 304 
SO4 O1   O N N 305 
SO4 O2   O N N 306 
SO4 O3   O N N 307 
SO4 O4   O N N 308 
STL C1   C Y N 309 
STL C2   C Y N 310 
STL C3   C Y N 311 
STL C4   C Y N 312 
STL C5   C Y N 313 
STL C6   C Y N 314 
STL C7   C N N 315 
STL C8   C N N 316 
STL C9   C Y N 317 
STL C10  C Y N 318 
STL C11  C Y N 319 
STL C12  C Y N 320 
STL C13  C Y N 321 
STL C14  C Y N 322 
STL O1   O N N 323 
STL O2   O N N 324 
STL O3   O N N 325 
STL H2   H N N 326 
STL H4   H N N 327 
STL H6   H N N 328 
STL H7   H N N 329 
STL H8   H N N 330 
STL H10  H N N 331 
STL H11  H N N 332 
STL H13  H N N 333 
STL H14  H N N 334 
STL HO1  H N N 335 
STL HO2  H N N 336 
STL HO3  H N N 337 
THR N    N N N 338 
THR CA   C N S 339 
THR C    C N N 340 
THR O    O N N 341 
THR CB   C N R 342 
THR OG1  O N N 343 
THR CG2  C N N 344 
THR OXT  O N N 345 
THR H    H N N 346 
THR H2   H N N 347 
THR HA   H N N 348 
THR HB   H N N 349 
THR HG1  H N N 350 
THR HG21 H N N 351 
THR HG22 H N N 352 
THR HG23 H N N 353 
THR HXT  H N N 354 
TRP N    N N N 355 
TRP CA   C N S 356 
TRP C    C N N 357 
TRP O    O N N 358 
TRP CB   C N N 359 
TRP CG   C Y N 360 
TRP CD1  C Y N 361 
TRP CD2  C Y N 362 
TRP NE1  N Y N 363 
TRP CE2  C Y N 364 
TRP CE3  C Y N 365 
TRP CZ2  C Y N 366 
TRP CZ3  C Y N 367 
TRP CH2  C Y N 368 
TRP OXT  O N N 369 
TRP H    H N N 370 
TRP H2   H N N 371 
TRP HA   H N N 372 
TRP HB2  H N N 373 
TRP HB3  H N N 374 
TRP HD1  H N N 375 
TRP HE1  H N N 376 
TRP HE3  H N N 377 
TRP HZ2  H N N 378 
TRP HZ3  H N N 379 
TRP HH2  H N N 380 
TRP HXT  H N N 381 
TYR N    N N N 382 
TYR CA   C N S 383 
TYR C    C N N 384 
TYR O    O N N 385 
TYR CB   C N N 386 
TYR CG   C Y N 387 
TYR CD1  C Y N 388 
TYR CD2  C Y N 389 
TYR CE1  C Y N 390 
TYR CE2  C Y N 391 
TYR CZ   C Y N 392 
TYR OH   O N N 393 
TYR OXT  O N N 394 
TYR H    H N N 395 
TYR H2   H N N 396 
TYR HA   H N N 397 
TYR HB2  H N N 398 
TYR HB3  H N N 399 
TYR HD1  H N N 400 
TYR HD2  H N N 401 
TYR HE1  H N N 402 
TYR HE2  H N N 403 
TYR HH   H N N 404 
TYR HXT  H N N 405 
VAL N    N N N 406 
VAL CA   C N S 407 
VAL C    C N N 408 
VAL O    O N N 409 
VAL CB   C N N 410 
VAL CG1  C N N 411 
VAL CG2  C N N 412 
VAL OXT  O N N 413 
VAL H    H N N 414 
VAL H2   H N N 415 
VAL HA   H N N 416 
VAL HB   H N N 417 
VAL HG11 H N N 418 
VAL HG12 H N N 419 
VAL HG13 H N N 420 
VAL HG21 H N N 421 
VAL HG22 H N N 422 
VAL HG23 H N N 423 
VAL HXT  H N N 424 
# 
loop_
_chem_comp_bond.comp_id 
_chem_comp_bond.atom_id_1 
_chem_comp_bond.atom_id_2 
_chem_comp_bond.value_order 
_chem_comp_bond.pdbx_aromatic_flag 
_chem_comp_bond.pdbx_stereo_config 
_chem_comp_bond.pdbx_ordinal 
ALA N   CA   sing N N 1   
ALA N   H    sing N N 2   
ALA N   H2   sing N N 3   
ALA CA  C    sing N N 4   
ALA CA  CB   sing N N 5   
ALA CA  HA   sing N N 6   
ALA C   O    doub N N 7   
ALA C   OXT  sing N N 8   
ALA CB  HB1  sing N N 9   
ALA CB  HB2  sing N N 10  
ALA CB  HB3  sing N N 11  
ALA OXT HXT  sing N N 12  
ARG N   CA   sing N N 13  
ARG N   H    sing N N 14  
ARG N   H2   sing N N 15  
ARG CA  C    sing N N 16  
ARG CA  CB   sing N N 17  
ARG CA  HA   sing N N 18  
ARG C   O    doub N N 19  
ARG C   OXT  sing N N 20  
ARG CB  CG   sing N N 21  
ARG CB  HB2  sing N N 22  
ARG CB  HB3  sing N N 23  
ARG CG  CD   sing N N 24  
ARG CG  HG2  sing N N 25  
ARG CG  HG3  sing N N 26  
ARG CD  NE   sing N N 27  
ARG CD  HD2  sing N N 28  
ARG CD  HD3  sing N N 29  
ARG NE  CZ   sing N N 30  
ARG NE  HE   sing N N 31  
ARG CZ  NH1  sing N N 32  
ARG CZ  NH2  doub N N 33  
ARG NH1 HH11 sing N N 34  
ARG NH1 HH12 sing N N 35  
ARG NH2 HH21 sing N N 36  
ARG NH2 HH22 sing N N 37  
ARG OXT HXT  sing N N 38  
ASN N   CA   sing N N 39  
ASN N   H    sing N N 40  
ASN N   H2   sing N N 41  
ASN CA  C    sing N N 42  
ASN CA  CB   sing N N 43  
ASN CA  HA   sing N N 44  
ASN C   O    doub N N 45  
ASN C   OXT  sing N N 46  
ASN CB  CG   sing N N 47  
ASN CB  HB2  sing N N 48  
ASN CB  HB3  sing N N 49  
ASN CG  OD1  doub N N 50  
ASN CG  ND2  sing N N 51  
ASN ND2 HD21 sing N N 52  
ASN ND2 HD22 sing N N 53  
ASN OXT HXT  sing N N 54  
ASP N   CA   sing N N 55  
ASP N   H    sing N N 56  
ASP N   H2   sing N N 57  
ASP CA  C    sing N N 58  
ASP CA  CB   sing N N 59  
ASP CA  HA   sing N N 60  
ASP C   O    doub N N 61  
ASP C   OXT  sing N N 62  
ASP CB  CG   sing N N 63  
ASP CB  HB2  sing N N 64  
ASP CB  HB3  sing N N 65  
ASP CG  OD1  doub N N 66  
ASP CG  OD2  sing N N 67  
ASP OD2 HD2  sing N N 68  
ASP OXT HXT  sing N N 69  
CYS N   CA   sing N N 70  
CYS N   H    sing N N 71  
CYS N   H2   sing N N 72  
CYS CA  C    sing N N 73  
CYS CA  CB   sing N N 74  
CYS CA  HA   sing N N 75  
CYS C   O    doub N N 76  
CYS C   OXT  sing N N 77  
CYS CB  SG   sing N N 78  
CYS CB  HB2  sing N N 79  
CYS CB  HB3  sing N N 80  
CYS SG  HG   sing N N 81  
CYS OXT HXT  sing N N 82  
GLN N   CA   sing N N 83  
GLN N   H    sing N N 84  
GLN N   H2   sing N N 85  
GLN CA  C    sing N N 86  
GLN CA  CB   sing N N 87  
GLN CA  HA   sing N N 88  
GLN C   O    doub N N 89  
GLN C   OXT  sing N N 90  
GLN CB  CG   sing N N 91  
GLN CB  HB2  sing N N 92  
GLN CB  HB3  sing N N 93  
GLN CG  CD   sing N N 94  
GLN CG  HG2  sing N N 95  
GLN CG  HG3  sing N N 96  
GLN CD  OE1  doub N N 97  
GLN CD  NE2  sing N N 98  
GLN NE2 HE21 sing N N 99  
GLN NE2 HE22 sing N N 100 
GLN OXT HXT  sing N N 101 
GLU N   CA   sing N N 102 
GLU N   H    sing N N 103 
GLU N   H2   sing N N 104 
GLU CA  C    sing N N 105 
GLU CA  CB   sing N N 106 
GLU CA  HA   sing N N 107 
GLU C   O    doub N N 108 
GLU C   OXT  sing N N 109 
GLU CB  CG   sing N N 110 
GLU CB  HB2  sing N N 111 
GLU CB  HB3  sing N N 112 
GLU CG  CD   sing N N 113 
GLU CG  HG2  sing N N 114 
GLU CG  HG3  sing N N 115 
GLU CD  OE1  doub N N 116 
GLU CD  OE2  sing N N 117 
GLU OE2 HE2  sing N N 118 
GLU OXT HXT  sing N N 119 
GLY N   CA   sing N N 120 
GLY N   H    sing N N 121 
GLY N   H2   sing N N 122 
GLY CA  C    sing N N 123 
GLY CA  HA2  sing N N 124 
GLY CA  HA3  sing N N 125 
GLY C   O    doub N N 126 
GLY C   OXT  sing N N 127 
GLY OXT HXT  sing N N 128 
HIS N   CA   sing N N 129 
HIS N   H    sing N N 130 
HIS N   H2   sing N N 131 
HIS CA  C    sing N N 132 
HIS CA  CB   sing N N 133 
HIS CA  HA   sing N N 134 
HIS C   O    doub N N 135 
HIS C   OXT  sing N N 136 
HIS CB  CG   sing N N 137 
HIS CB  HB2  sing N N 138 
HIS CB  HB3  sing N N 139 
HIS CG  ND1  sing Y N 140 
HIS CG  CD2  doub Y N 141 
HIS ND1 CE1  doub Y N 142 
HIS ND1 HD1  sing N N 143 
HIS CD2 NE2  sing Y N 144 
HIS CD2 HD2  sing N N 145 
HIS CE1 NE2  sing Y N 146 
HIS CE1 HE1  sing N N 147 
HIS NE2 HE2  sing N N 148 
HIS OXT HXT  sing N N 149 
HOH O   H1   sing N N 150 
HOH O   H2   sing N N 151 
ILE N   CA   sing N N 152 
ILE N   H    sing N N 153 
ILE N   H2   sing N N 154 
ILE CA  C    sing N N 155 
ILE CA  CB   sing N N 156 
ILE CA  HA   sing N N 157 
ILE C   O    doub N N 158 
ILE C   OXT  sing N N 159 
ILE CB  CG1  sing N N 160 
ILE CB  CG2  sing N N 161 
ILE CB  HB   sing N N 162 
ILE CG1 CD1  sing N N 163 
ILE CG1 HG12 sing N N 164 
ILE CG1 HG13 sing N N 165 
ILE CG2 HG21 sing N N 166 
ILE CG2 HG22 sing N N 167 
ILE CG2 HG23 sing N N 168 
ILE CD1 HD11 sing N N 169 
ILE CD1 HD12 sing N N 170 
ILE CD1 HD13 sing N N 171 
ILE OXT HXT  sing N N 172 
LEU N   CA   sing N N 173 
LEU N   H    sing N N 174 
LEU N   H2   sing N N 175 
LEU CA  C    sing N N 176 
LEU CA  CB   sing N N 177 
LEU CA  HA   sing N N 178 
LEU C   O    doub N N 179 
LEU C   OXT  sing N N 180 
LEU CB  CG   sing N N 181 
LEU CB  HB2  sing N N 182 
LEU CB  HB3  sing N N 183 
LEU CG  CD1  sing N N 184 
LEU CG  CD2  sing N N 185 
LEU CG  HG   sing N N 186 
LEU CD1 HD11 sing N N 187 
LEU CD1 HD12 sing N N 188 
LEU CD1 HD13 sing N N 189 
LEU CD2 HD21 sing N N 190 
LEU CD2 HD22 sing N N 191 
LEU CD2 HD23 sing N N 192 
LEU OXT HXT  sing N N 193 
LYS N   CA   sing N N 194 
LYS N   H    sing N N 195 
LYS N   H2   sing N N 196 
LYS CA  C    sing N N 197 
LYS CA  CB   sing N N 198 
LYS CA  HA   sing N N 199 
LYS C   O    doub N N 200 
LYS C   OXT  sing N N 201 
LYS CB  CG   sing N N 202 
LYS CB  HB2  sing N N 203 
LYS CB  HB3  sing N N 204 
LYS CG  CD   sing N N 205 
LYS CG  HG2  sing N N 206 
LYS CG  HG3  sing N N 207 
LYS CD  CE   sing N N 208 
LYS CD  HD2  sing N N 209 
LYS CD  HD3  sing N N 210 
LYS CE  NZ   sing N N 211 
LYS CE  HE2  sing N N 212 
LYS CE  HE3  sing N N 213 
LYS NZ  HZ1  sing N N 214 
LYS NZ  HZ2  sing N N 215 
LYS NZ  HZ3  sing N N 216 
LYS OXT HXT  sing N N 217 
MET N   CA   sing N N 218 
MET N   H    sing N N 219 
MET N   H2   sing N N 220 
MET CA  C    sing N N 221 
MET CA  CB   sing N N 222 
MET CA  HA   sing N N 223 
MET C   O    doub N N 224 
MET C   OXT  sing N N 225 
MET CB  CG   sing N N 226 
MET CB  HB2  sing N N 227 
MET CB  HB3  sing N N 228 
MET CG  SD   sing N N 229 
MET CG  HG2  sing N N 230 
MET CG  HG3  sing N N 231 
MET SD  CE   sing N N 232 
MET CE  HE1  sing N N 233 
MET CE  HE2  sing N N 234 
MET CE  HE3  sing N N 235 
MET OXT HXT  sing N N 236 
PHE N   CA   sing N N 237 
PHE N   H    sing N N 238 
PHE N   H2   sing N N 239 
PHE CA  C    sing N N 240 
PHE CA  CB   sing N N 241 
PHE CA  HA   sing N N 242 
PHE C   O    doub N N 243 
PHE C   OXT  sing N N 244 
PHE CB  CG   sing N N 245 
PHE CB  HB2  sing N N 246 
PHE CB  HB3  sing N N 247 
PHE CG  CD1  doub Y N 248 
PHE CG  CD2  sing Y N 249 
PHE CD1 CE1  sing Y N 250 
PHE CD1 HD1  sing N N 251 
PHE CD2 CE2  doub Y N 252 
PHE CD2 HD2  sing N N 253 
PHE CE1 CZ   doub Y N 254 
PHE CE1 HE1  sing N N 255 
PHE CE2 CZ   sing Y N 256 
PHE CE2 HE2  sing N N 257 
PHE CZ  HZ   sing N N 258 
PHE OXT HXT  sing N N 259 
PRO N   CA   sing N N 260 
PRO N   CD   sing N N 261 
PRO N   H    sing N N 262 
PRO CA  C    sing N N 263 
PRO CA  CB   sing N N 264 
PRO CA  HA   sing N N 265 
PRO C   O    doub N N 266 
PRO C   OXT  sing N N 267 
PRO CB  CG   sing N N 268 
PRO CB  HB2  sing N N 269 
PRO CB  HB3  sing N N 270 
PRO CG  CD   sing N N 271 
PRO CG  HG2  sing N N 272 
PRO CG  HG3  sing N N 273 
PRO CD  HD2  sing N N 274 
PRO CD  HD3  sing N N 275 
PRO OXT HXT  sing N N 276 
SER N   CA   sing N N 277 
SER N   H    sing N N 278 
SER N   H2   sing N N 279 
SER CA  C    sing N N 280 
SER CA  CB   sing N N 281 
SER CA  HA   sing N N 282 
SER C   O    doub N N 283 
SER C   OXT  sing N N 284 
SER CB  OG   sing N N 285 
SER CB  HB2  sing N N 286 
SER CB  HB3  sing N N 287 
SER OG  HG   sing N N 288 
SER OXT HXT  sing N N 289 
SO4 S   O1   doub N N 290 
SO4 S   O2   doub N N 291 
SO4 S   O3   sing N N 292 
SO4 S   O4   sing N N 293 
STL C1  C2   doub Y N 294 
STL C1  C6   sing Y N 295 
STL C1  O3   sing N N 296 
STL C2  C3   sing Y N 297 
STL C2  H2   sing N N 298 
STL C3  C4   doub Y N 299 
STL C3  O2   sing N N 300 
STL C4  C5   sing Y N 301 
STL C4  H4   sing N N 302 
STL C5  C6   doub Y N 303 
STL C5  C7   sing N N 304 
STL C6  H6   sing N N 305 
STL C7  C8   doub N E 306 
STL C7  H7   sing N N 307 
STL C8  C9   sing N N 308 
STL C8  H8   sing N N 309 
STL C9  C10  doub Y N 310 
STL C9  C14  sing Y N 311 
STL C10 C11  sing Y N 312 
STL C10 H10  sing N N 313 
STL C11 C12  doub Y N 314 
STL C11 H11  sing N N 315 
STL C12 C13  sing Y N 316 
STL C12 O1   sing N N 317 
STL C13 C14  doub Y N 318 
STL C13 H13  sing N N 319 
STL C14 H14  sing N N 320 
STL O1  HO1  sing N N 321 
STL O2  HO2  sing N N 322 
STL O3  HO3  sing N N 323 
THR N   CA   sing N N 324 
THR N   H    sing N N 325 
THR N   H2   sing N N 326 
THR CA  C    sing N N 327 
THR CA  CB   sing N N 328 
THR CA  HA   sing N N 329 
THR C   O    doub N N 330 
THR C   OXT  sing N N 331 
THR CB  OG1  sing N N 332 
THR CB  CG2  sing N N 333 
THR CB  HB   sing N N 334 
THR OG1 HG1  sing N N 335 
THR CG2 HG21 sing N N 336 
THR CG2 HG22 sing N N 337 
THR CG2 HG23 sing N N 338 
THR OXT HXT  sing N N 339 
TRP N   CA   sing N N 340 
TRP N   H    sing N N 341 
TRP N   H2   sing N N 342 
TRP CA  C    sing N N 343 
TRP CA  CB   sing N N 344 
TRP CA  HA   sing N N 345 
TRP C   O    doub N N 346 
TRP C   OXT  sing N N 347 
TRP CB  CG   sing N N 348 
TRP CB  HB2  sing N N 349 
TRP CB  HB3  sing N N 350 
TRP CG  CD1  doub Y N 351 
TRP CG  CD2  sing Y N 352 
TRP CD1 NE1  sing Y N 353 
TRP CD1 HD1  sing N N 354 
TRP CD2 CE2  doub Y N 355 
TRP CD2 CE3  sing Y N 356 
TRP NE1 CE2  sing Y N 357 
TRP NE1 HE1  sing N N 358 
TRP CE2 CZ2  sing Y N 359 
TRP CE3 CZ3  doub Y N 360 
TRP CE3 HE3  sing N N 361 
TRP CZ2 CH2  doub Y N 362 
TRP CZ2 HZ2  sing N N 363 
TRP CZ3 CH2  sing Y N 364 
TRP CZ3 HZ3  sing N N 365 
TRP CH2 HH2  sing N N 366 
TRP OXT HXT  sing N N 367 
TYR N   CA   sing N N 368 
TYR N   H    sing N N 369 
TYR N   H2   sing N N 370 
TYR CA  C    sing N N 371 
TYR CA  CB   sing N N 372 
TYR CA  HA   sing N N 373 
TYR C   O    doub N N 374 
TYR C   OXT  sing N N 375 
TYR CB  CG   sing N N 376 
TYR CB  HB2  sing N N 377 
TYR CB  HB3  sing N N 378 
TYR CG  CD1  doub Y N 379 
TYR CG  CD2  sing Y N 380 
TYR CD1 CE1  sing Y N 381 
TYR CD1 HD1  sing N N 382 
TYR CD2 CE2  doub Y N 383 
TYR CD2 HD2  sing N N 384 
TYR CE1 CZ   doub Y N 385 
TYR CE1 HE1  sing N N 386 
TYR CE2 CZ   sing Y N 387 
TYR CE2 HE2  sing N N 388 
TYR CZ  OH   sing N N 389 
TYR OH  HH   sing N N 390 
TYR OXT HXT  sing N N 391 
VAL N   CA   sing N N 392 
VAL N   H    sing N N 393 
VAL N   H2   sing N N 394 
VAL CA  C    sing N N 395 
VAL CA  CB   sing N N 396 
VAL CA  HA   sing N N 397 
VAL C   O    doub N N 398 
VAL C   OXT  sing N N 399 
VAL CB  CG1  sing N N 400 
VAL CB  CG2  sing N N 401 
VAL CB  HB   sing N N 402 
VAL CG1 HG11 sing N N 403 
VAL CG1 HG12 sing N N 404 
VAL CG1 HG13 sing N N 405 
VAL CG2 HG21 sing N N 406 
VAL CG2 HG22 sing N N 407 
VAL CG2 HG23 sing N N 408 
VAL OXT HXT  sing N N 409 
# 
_pdbx_initial_refinement_model.id               1 
_pdbx_initial_refinement_model.entity_id_list   ? 
_pdbx_initial_refinement_model.type             'experimental model' 
_pdbx_initial_refinement_model.source_name      PDB 
_pdbx_initial_refinement_model.accession_code   1FB2 
_pdbx_initial_refinement_model.details          ? 
# 
_atom_sites.entry_id                    4QER 
_atom_sites.fract_transf_matrix[1][1]   0.00692257 
_atom_sites.fract_transf_matrix[1][2]   0.00845087 
_atom_sites.fract_transf_matrix[1][3]   0.01567117 
_atom_sites.fract_transf_matrix[2][1]   -0.00214962 
_atom_sites.fract_transf_matrix[2][2]   0.01708772 
_atom_sites.fract_transf_matrix[2][3]   -0.00826519 
_atom_sites.fract_transf_matrix[3][1]   -0.01958304 
_atom_sites.fract_transf_matrix[3][2]   0.00136472 
_atom_sites.fract_transf_matrix[3][3]   0.00791465 
_atom_sites.fract_transf_vector[1]      -0.158952 
_atom_sites.fract_transf_vector[2]      0.474442 
_atom_sites.fract_transf_vector[3]      0.005606 
# 
loop_
_atom_type.symbol 
C 
N 
O 
S 
# 
loop_
_atom_site.group_PDB 
_atom_site.id 
_atom_site.type_symbol 
_atom_site.label_atom_id 
_atom_site.label_alt_id 
_atom_site.label_comp_id 
_atom_site.label_asym_id 
_atom_site.label_entity_id 
_atom_site.label_seq_id 
_atom_site.pdbx_PDB_ins_code 
_atom_site.Cartn_x 
_atom_site.Cartn_y 
_atom_site.Cartn_z 
_atom_site.occupancy 
_atom_site.B_iso_or_equiv 
_atom_site.pdbx_formal_charge 
_atom_site.auth_seq_id 
_atom_site.auth_comp_id 
_atom_site.auth_asym_id 
_atom_site.auth_atom_id 
_atom_site.pdbx_PDB_model_num 
ATOM   1    N N   . SER A 1 1   ? -4.012  -10.595 1.361   1.00 13.47 ? 1   SER A N   1 
ATOM   2    C CA  . SER A 1 1   ? -4.873  -10.110 2.500   1.00 13.74 ? 1   SER A CA  1 
ATOM   3    C C   . SER A 1 1   ? -4.225  -8.957  3.197   1.00 15.01 ? 1   SER A C   1 
ATOM   4    O O   . SER A 1 1   ? -2.942  -8.726  3.100   1.00 14.83 ? 1   SER A O   1 
ATOM   5    C CB  . SER A 1 1   ? -5.116  -11.201 3.541   1.00 15.79 ? 1   SER A CB  1 
ATOM   6    O OG  . SER A 1 1   ? -3.845  -11.491 4.156   1.00 17.47 ? 1   SER A OG  1 
ATOM   7    N N   . LEU A 1 2   ? -4.980  -8.213  3.961   1.00 15.32 ? 2   LEU A N   1 
ATOM   8    C CA  . LEU A 1 2   ? -4.459  -7.013  4.663   1.00 16.88 ? 2   LEU A CA  1 
ATOM   9    C C   . LEU A 1 2   ? -3.336  -7.331  5.644   1.00 16.92 ? 2   LEU A C   1 
ATOM   10   O O   . LEU A 1 2   ? -2.376  -6.602  5.798   1.00 16.65 ? 2   LEU A O   1 
ATOM   11   C CB  . LEU A 1 2   ? -5.585  -6.432  5.504   1.00 20.19 ? 2   LEU A CB  1 
ATOM   12   C CG  . LEU A 1 2   ? -6.830  -5.568  5.452   1.00 23.01 ? 2   LEU A CG  1 
ATOM   13   C CD1 . LEU A 1 2   ? -7.129  -5.128  6.851   1.00 28.04 ? 2   LEU A CD1 1 
ATOM   14   C CD2 . LEU A 1 2   ? -6.638  -4.324  4.637   1.00 23.49 ? 2   LEU A CD2 1 
ATOM   15   N N   . LEU A 1 3   ? -3.488  -8.437  6.312   1.00 15.93 ? 3   LEU A N   1 
ATOM   16   C CA  . LEU A 1 3   ? -2.457  -8.894  7.314   1.00 15.18 ? 3   LEU A CA  1 
ATOM   17   C C   . LEU A 1 3   ? -1.180  -9.261  6.614   1.00 15.82 ? 3   LEU A C   1 
ATOM   18   O O   . LEU A 1 3   ? -0.069  -8.918  7.081   1.00 16.34 ? 3   LEU A O   1 
ATOM   19   C CB  . LEU A 1 3   ? -2.886  -10.121 8.120   1.00 18.67 ? 3   LEU A CB  1 
ATOM   20   C CG  . LEU A 1 3   ? -3.779  -9.889  9.363   1.00 21.72 ? 3   LEU A CG  1 
ATOM   21   C CD1 . LEU A 1 3   ? -4.219  -11.216 9.999   1.00 23.02 ? 3   LEU A CD1 1 
ATOM   22   C CD2 . LEU A 1 3   ? -3.118  -8.990  10.380  1.00 21.75 ? 3   LEU A CD2 1 
ATOM   23   N N   . GLU A 1 4   ? -1.273  -9.894  5.464   1.00 15.36 ? 4   GLU A N   1 
ATOM   24   C CA  . GLU A 1 4   ? -0.086  -10.201 4.645   1.00 15.27 ? 4   GLU A CA  1 
ATOM   25   C C   . GLU A 1 4   ? 0.560   -9.014  4.083   1.00 13.85 ? 4   GLU A C   1 
ATOM   26   O O   . GLU A 1 4   ? 1.817   -8.949  4.067   1.00 13.87 ? 4   GLU A O   1 
ATOM   27   C CB  . GLU A 1 4   ? -0.433  -11.140 3.469   1.00 16.09 ? 4   GLU A CB  1 
ATOM   28   C CG  . GLU A 1 4   ? -0.796  -12.539 3.884   1.00 14.53 ? 4   GLU A CG  1 
ATOM   29   C CD  . GLU A 1 4   ? -1.561  -13.294 2.813   1.00 13.35 ? 4   GLU A CD  1 
ATOM   30   O OE1 . GLU A 1 4   ? -1.984  -12.675 1.731   1.00 14.47 ? 4   GLU A OE1 1 
ATOM   31   O OE2 . GLU A 1 4   ? -1.692  -14.553 2.971   1.00 15.98 ? 4   GLU A OE2 1 
ATOM   32   N N   . PHE A 1 5   ? -0.195  -8.062  3.646   1.00 12.92 ? 5   PHE A N   1 
ATOM   33   C CA  . PHE A 1 5   ? 0.326   -6.816  3.221   1.00 12.67 ? 5   PHE A CA  1 
ATOM   34   C C   . PHE A 1 5   ? 1.110   -6.158  4.395   1.00 12.51 ? 5   PHE A C   1 
ATOM   35   O O   . PHE A 1 5   ? 2.181   -5.621  4.214   1.00 11.91 ? 5   PHE A O   1 
ATOM   36   C CB  . PHE A 1 5   ? -0.843  -5.919  2.709   1.00 11.97 ? 5   PHE A CB  1 
ATOM   37   C CG  . PHE A 1 5   ? -0.439  -4.599  2.134   1.00 11.86 ? 5   PHE A CG  1 
ATOM   38   C CD1 . PHE A 1 5   ? 0.752   -4.410  1.406   1.00 11.54 ? 5   PHE A CD1 1 
ATOM   39   C CD2 . PHE A 1 5   ? -1.274  -3.499  2.296   1.00 13.94 ? 5   PHE A CD2 1 
ATOM   40   C CE1 . PHE A 1 5   ? 1.045   -3.191  0.862   1.00 12.50 ? 5   PHE A CE1 1 
ATOM   41   C CE2 . PHE A 1 5   ? -0.972  -2.273  1.736   1.00 14.53 ? 5   PHE A CE2 1 
ATOM   42   C CZ  . PHE A 1 5   ? 0.216   -2.119  1.028   1.00 13.05 ? 5   PHE A CZ  1 
ATOM   43   N N   . GLY A 1 6   ? 0.494   -6.143  5.582   1.00 13.40 ? 6   GLY A N   1 
ATOM   44   C CA  . GLY A 1 6   ? 1.148   -5.559  6.766   1.00 13.51 ? 6   GLY A CA  1 
ATOM   45   C C   . GLY A 1 6   ? 2.479   -6.272  7.019   1.00 14.49 ? 6   GLY A C   1 
ATOM   46   O O   . GLY A 1 6   ? 3.483   -5.566  7.357   1.00 14.13 ? 6   GLY A O   1 
ATOM   47   N N   . LYS A 1 7   ? 2.528   -7.526  6.915   1.00 12.33 ? 7   LYS A N   1 
ATOM   48   C CA  . LYS A 1 7   ? 3.830   -8.256  7.147   1.00 13.48 ? 7   LYS A CA  1 
ATOM   49   C C   . LYS A 1 7   ? 4.817   -7.961  6.066   1.00 13.07 ? 7   LYS A C   1 
ATOM   50   O O   . LYS A 1 7   ? 6.021   -7.714  6.357   1.00 13.34 ? 7   LYS A O   1 
ATOM   51   C CB  . LYS A 1 7   ? 3.512   -9.760  7.166   1.00 14.49 ? 7   LYS A CB  1 
ATOM   52   C CG  . LYS A 1 7   ? 4.779   -10.613 7.154   1.00 18.53 ? 7   LYS A CG  1 
ATOM   53   C CD  . LYS A 1 7   ? 4.447   -12.091 7.160   1.00 18.71 ? 7   LYS A CD  1 
ATOM   54   C CE  . LYS A 1 7   ? 5.609   -13.014 6.866   1.00 23.34 ? 7   LYS A CE  1 
ATOM   55   N NZ  . LYS A 1 7   ? 5.795   -13.137 5.422   1.00 24.26 ? 7   LYS A NZ  1 
ATOM   56   N N   . MET A 1 8   ? 4.409   -7.825  4.793   1.00 12.43 ? 8   MET A N   1 
ATOM   57   C CA  . MET A 1 8   ? 5.290   -7.438  3.713   1.00 11.66 ? 8   MET A CA  1 
ATOM   58   C C   . MET A 1 8   ? 5.794   -5.987  3.948   1.00 10.89 ? 8   MET A C   1 
ATOM   59   O O   . MET A 1 8   ? 7.002   -5.761  3.682   1.00 11.04 ? 8   MET A O   1 
ATOM   60   C CB  . MET A 1 8   ? 4.470   -7.519  2.431   1.00 11.60 ? 8   MET A CB  1 
ATOM   61   C CG  . MET A 1 8   ? 5.318   -7.312  1.184   1.00 11.90 ? 8   MET A CG  1 
ATOM   62   S SD  . MET A 1 8   ? 4.303   -7.241  -0.329  1.00 11.22 ? 8   MET A SD  1 
ATOM   63   C CE  . MET A 1 8   ? 3.826   -8.912  -0.589  1.00 12.91 ? 8   MET A CE  1 
ATOM   64   N N   . ILE A 1 9   ? 4.942   -5.095  4.362   1.00 11.20 ? 9   ILE A N   1 
ATOM   65   C CA  . ILE A 1 9   ? 5.386   -3.752  4.676   1.00 11.67 ? 9   ILE A CA  1 
ATOM   66   C C   . ILE A 1 9   ? 6.479   -3.762  5.777   1.00 11.12 ? 9   ILE A C   1 
ATOM   67   O O   . ILE A 1 9   ? 7.489   -3.060  5.640   1.00 11.33 ? 9   ILE A O   1 
ATOM   68   C CB  . ILE A 1 9   ? 4.194   -2.892  5.114   1.00 11.44 ? 9   ILE A CB  1 
ATOM   69   C CG1 . ILE A 1 9   ? 3.235   -2.658  3.919   1.00 11.14 ? 9   ILE A CG1 1 
ATOM   70   C CG2 . ILE A 1 9   ? 4.672   -1.536  5.687   1.00 12.75 ? 9   ILE A CG2 1 
ATOM   71   C CD1 . ILE A 1 9   ? 1.874   -2.134  4.369   1.00 12.01 ? 9   ILE A CD1 1 
ATOM   72   N N   . LEU A 1 10  ? 6.221   -4.489  6.864   1.00 11.75 ? 10  LEU A N   1 
ATOM   73   C CA  . LEU A 1 10  ? 7.200   -4.585  7.960   1.00 12.35 ? 10  LEU A CA  1 
ATOM   74   C C   . LEU A 1 10  ? 8.488   -5.129  7.427   1.00 12.43 ? 10  LEU A C   1 
ATOM   75   O O   . LEU A 1 10  ? 9.619   -4.616  7.709   1.00 12.63 ? 10  LEU A O   1 
ATOM   76   C CB  . LEU A 1 10  ? 6.642   -5.362  9.093   1.00 14.42 ? 10  LEU A CB  1 
ATOM   77   C CG  . LEU A 1 10  ? 7.622   -5.625  10.261  1.00 13.97 ? 10  LEU A CG  1 
ATOM   78   C CD1 . LEU A 1 10  ? 8.072   -4.341  10.931  1.00 15.78 ? 10  LEU A CD1 1 
ATOM   79   C CD2 . LEU A 1 10  ? 7.015   -6.573  11.246  1.00 15.45 ? 10  LEU A CD2 1 
ATOM   80   N N   . GLU A 1 11  ? 8.473   -6.213  6.679   1.00 11.75 ? 11  GLU A N   1 
ATOM   81   C CA  . GLU A 1 11  ? 9.669   -6.833  6.091   1.00 12.52 ? 11  GLU A CA  1 
ATOM   82   C C   . GLU A 1 11  ? 10.433  -5.861  5.301   1.00 12.49 ? 11  GLU A C   1 
ATOM   83   O O   . GLU A 1 11  ? 11.696  -5.805  5.376   1.00 12.77 ? 11  GLU A O   1 
ATOM   84   C CB  . GLU A 1 11  ? 9.305   -7.985  5.144   1.00 12.76 ? 11  GLU A CB  1 
ATOM   85   C CG  . GLU A 1 11  ? 8.883   -9.278  5.810   1.00 14.53 ? 11  GLU A CG  1 
ATOM   86   C CD  . GLU A 1 11  ? 8.278   -10.306 4.914   1.00 15.42 ? 11  GLU A CD  1 
ATOM   87   O OE1 . GLU A 1 11  ? 8.105   -10.011 3.714   1.00 14.44 ? 11  GLU A OE1 1 
ATOM   88   O OE2 . GLU A 1 11  ? 8.118   -11.421 5.407   1.00 17.65 ? 11  GLU A OE2 1 
ATOM   89   N N   . GLU A 1 12  ? 9.763   -5.065  4.467   1.00 12.19 ? 12  GLU A N   1 
ATOM   90   C CA  . GLU A 1 12  ? 10.446  -4.167  3.560   1.00 12.41 ? 12  GLU A CA  1 
ATOM   91   C C   . GLU A 1 12  ? 11.051  -2.999  4.335   1.00 11.97 ? 12  GLU A C   1 
ATOM   92   O O   . GLU A 1 12  ? 12.210  -2.623  4.078   1.00 13.08 ? 12  GLU A O   1 
ATOM   93   C CB  . GLU A 1 12  ? 9.456   -3.627  2.497   1.00 13.15 ? 12  GLU A CB  1 
ATOM   94   C CG  . GLU A 1 12  ? 9.152   -4.514  1.346   1.00 14.22 ? 12  GLU A CG  1 
ATOM   95   C CD  . GLU A 1 12  ? 10.400  -4.845  0.543   1.00 11.81 ? 12  GLU A CD  1 
ATOM   96   O OE1 . GLU A 1 12  ? 10.954  -3.847  -0.011  1.00 15.10 ? 12  GLU A OE1 1 
ATOM   97   O OE2 . GLU A 1 12  ? 10.640  -5.953  0.445   1.00 14.92 ? 12  GLU A OE2 1 
ATOM   98   N N   . THR A 1 13  ? 10.279  -2.417  5.235   1.00 13.15 ? 13  THR A N   1 
ATOM   99   C CA  . THR A 1 13  ? 10.619  -1.100  5.777   1.00 14.03 ? 13  THR A CA  1 
ATOM   100  C C   . THR A 1 13  ? 11.141  -1.124  7.181   1.00 14.18 ? 13  THR A C   1 
ATOM   101  O O   . THR A 1 13  ? 11.818  -0.172  7.590   1.00 15.83 ? 13  THR A O   1 
ATOM   102  C CB  . THR A 1 13  ? 9.412   -0.154  5.738   1.00 13.01 ? 13  THR A CB  1 
ATOM   103  O OG1 . THR A 1 13  ? 8.427   -0.612  6.666   1.00 12.45 ? 13  THR A OG1 1 
ATOM   104  C CG2 . THR A 1 13  ? 8.836   0.011   4.353   1.00 14.07 ? 13  THR A CG2 1 
ATOM   105  N N   . GLY A 1 14  ? 10.839  -2.118  7.944   1.00 13.01 ? 14  GLY A N   1 
ATOM   106  C CA  . GLY A 1 14  ? 11.171  -2.150  9.370   1.00 14.51 ? 14  GLY A CA  1 
ATOM   107  C C   . GLY A 1 14  ? 10.267  -1.401  10.220  1.00 19.36 ? 14  GLY A C   1 
ATOM   108  O O   . GLY A 1 14  ? 10.442  -1.341  11.445  1.00 18.51 ? 14  GLY A O   1 
ATOM   109  N N   . LYS A 1 15  ? 9.089   -0.626  9.500   1.00 16.50 ? 16  LYS A N   1 
ATOM   110  C CA  . LYS A 1 15  ? 8.003   0.024   10.185  1.00 15.24 ? 16  LYS A CA  1 
ATOM   111  C C   . LYS A 1 15  ? 6.830   -0.923  10.306  1.00 14.54 ? 16  LYS A C   1 
ATOM   112  O O   . LYS A 1 15  ? 6.466   -1.647  9.341   1.00 14.41 ? 16  LYS A O   1 
ATOM   113  C CB  . LYS A 1 15  ? 7.578   1.301   9.455   1.00 15.93 ? 16  LYS A CB  1 
ATOM   114  C CG  . LYS A 1 15  ? 8.610   2.430   9.538   1.00 15.83 ? 16  LYS A CG  1 
ATOM   115  C CD  . LYS A 1 15  ? 8.123   3.646   8.799   1.00 16.21 ? 16  LYS A CD  1 
ATOM   116  C CE  . LYS A 1 15  ? 8.953   4.873   8.891   1.00 16.49 ? 16  LYS A CE  1 
ATOM   117  N NZ  . LYS A 1 15  ? 8.965   5.464   10.288  1.00 17.14 ? 16  LYS A NZ  1 
ATOM   118  N N   . LEU A 1 16  ? 6.095   -0.859  11.433  1.00 16.10 ? 17  LEU A N   1 
ATOM   119  C CA  . LEU A 1 16  ? 4.860   -1.577  11.588  1.00 16.68 ? 17  LEU A CA  1 
ATOM   120  C C   . LEU A 1 16  ? 3.805   -0.941  10.715  1.00 16.02 ? 17  LEU A C   1 
ATOM   121  O O   . LEU A 1 16  ? 3.592   0.278   10.754  1.00 17.21 ? 17  LEU A O   1 
ATOM   122  C CB  . LEU A 1 16  ? 4.426   -1.540  13.066  1.00 17.19 ? 17  LEU A CB  1 
ATOM   123  C CG  . LEU A 1 16  ? 5.290   -2.337  14.014  1.00 19.68 ? 17  LEU A CG  1 
ATOM   124  C CD1 . LEU A 1 16  ? 4.979   -1.971  15.440  1.00 19.85 ? 17  LEU A CD1 1 
ATOM   125  C CD2 . LEU A 1 16  ? 5.027   -3.847  13.824  1.00 20.09 ? 17  LEU A CD2 1 
ATOM   126  N N   . ALA A 1 17  ? 3.069   -1.763  9.955   1.00 15.05 ? 18  ALA A N   1 
ATOM   127  C CA  . ALA A 1 17  ? 2.072   -1.248  9.056   1.00 17.16 ? 18  ALA A CA  1 
ATOM   128  C C   . ALA A 1 17  ? 1.049   -0.402  9.783   1.00 15.67 ? 18  ALA A C   1 
ATOM   129  O O   . ALA A 1 17  ? 0.656   0.672   9.343   1.00 16.32 ? 18  ALA A O   1 
ATOM   130  C CB  . ALA A 1 17  ? 1.468   -2.368  8.192   1.00 17.19 ? 18  ALA A CB  1 
ATOM   131  N N   . ILE A 1 18  ? 0.534   -0.941  10.913  1.00 15.80 ? 19  ILE A N   1 
ATOM   132  C CA  . ILE A 1 18  ? -0.221  -0.186  11.956  1.00 17.78 ? 19  ILE A CA  1 
ATOM   133  C C   . ILE A 1 18  ? 0.789   0.153   13.082  1.00 17.61 ? 19  ILE A C   1 
ATOM   134  O O   . ILE A 1 18  ? 1.297   -0.741  13.712  1.00 18.24 ? 19  ILE A O   1 
ATOM   135  C CB  . ILE A 1 18  ? -1.356  -1.051  12.532  1.00 17.56 ? 19  ILE A CB  1 
ATOM   136  C CG1 . ILE A 1 18  ? -2.231  -1.734  11.498  1.00 18.70 ? 19  ILE A CG1 1 
ATOM   137  C CG2 . ILE A 1 18  ? -2.244  -0.205  13.493  1.00 18.66 ? 19  ILE A CG2 1 
ATOM   138  C CD1 . ILE A 1 18  ? -3.016  -2.969  11.935  1.00 20.83 ? 19  ILE A CD1 1 
ATOM   139  N N   . PRO A 1 19  ? 1.135   1.408   13.254  1.00 17.89 ? 20  PRO A N   1 
ATOM   140  C CA  . PRO A 1 19  ? 0.480   2.636   12.860  1.00 16.86 ? 20  PRO A CA  1 
ATOM   141  C C   . PRO A 1 19  ? 1.160   3.397   11.743  1.00 16.98 ? 20  PRO A C   1 
ATOM   142  O O   . PRO A 1 19  ? 0.670   4.485   11.380  1.00 17.67 ? 20  PRO A O   1 
ATOM   143  C CB  . PRO A 1 19  ? 0.574   3.482   14.136  1.00 19.64 ? 20  PRO A CB  1 
ATOM   144  C CG  . PRO A 1 19  ? 1.956   3.121   14.652  1.00 20.47 ? 20  PRO A CG  1 
ATOM   145  C CD  . PRO A 1 19  ? 2.141   1.670   14.325  1.00 18.75 ? 20  PRO A CD  1 
ATOM   146  N N   . SER A 1 20  ? 2.300   2.896   11.223  1.00 15.35 ? 21  SER A N   1 
ATOM   147  C CA  . SER A 1 20  ? 3.029   3.740   10.274  1.00 15.58 ? 21  SER A CA  1 
ATOM   148  C C   . SER A 1 20  ? 2.336   4.029   8.961   1.00 15.28 ? 21  SER A C   1 
ATOM   149  O O   . SER A 1 20  ? 2.602   5.111   8.376   1.00 15.28 ? 21  SER A O   1 
ATOM   150  C CB  . SER A 1 20  ? 4.422   3.143   10.036  1.00 15.91 ? 21  SER A CB  1 
ATOM   151  O OG  . SER A 1 20  ? 5.196   3.145   11.223  1.00 16.73 ? 21  SER A OG  1 
ATOM   152  N N   . TYR A 1 21  ? 1.550   3.125   8.482   1.00 14.61 ? 22  TYR A N   1 
ATOM   153  C CA  . TYR A 1 21  ? 0.975   3.217   7.112   1.00 15.86 ? 22  TYR A CA  1 
ATOM   154  C C   . TYR A 1 21  ? -0.556  3.077   7.090   1.00 16.19 ? 22  TYR A C   1 
ATOM   155  O O   . TYR A 1 21  ? -1.196  3.022   6.029   1.00 17.25 ? 22  TYR A O   1 
ATOM   156  C CB  . TYR A 1 21  ? 1.607   2.250   6.135   1.00 14.54 ? 22  TYR A CB  1 
ATOM   157  C CG  . TYR A 1 21  ? 3.044   2.501   5.908   1.00 13.03 ? 22  TYR A CG  1 
ATOM   158  C CD1 . TYR A 1 21  ? 3.474   3.532   5.041   1.00 12.99 ? 22  TYR A CD1 1 
ATOM   159  C CD2 . TYR A 1 21  ? 4.040   1.757   6.545   1.00 14.01 ? 22  TYR A CD2 1 
ATOM   160  C CE1 . TYR A 1 21  ? 4.827   3.739   4.796   1.00 12.56 ? 22  TYR A CE1 1 
ATOM   161  C CE2 . TYR A 1 21  ? 5.371   2.008   6.317   1.00 13.44 ? 22  TYR A CE2 1 
ATOM   162  C CZ  . TYR A 1 21  ? 5.777   2.973   5.435   1.00 11.91 ? 22  TYR A CZ  1 
ATOM   163  O OH  . TYR A 1 21  ? 7.104   3.208   5.198   1.00 12.39 ? 22  TYR A OH  1 
ATOM   164  N N   . SER A 1 22  ? -1.176  2.862   8.261   1.00 15.99 ? 23  SER A N   1 
ATOM   165  C CA  . SER A 1 22  ? -2.627  2.614   8.347   1.00 16.50 ? 23  SER A CA  1 
ATOM   166  C C   . SER A 1 22  ? -3.477  3.872   8.284   1.00 17.62 ? 23  SER A C   1 
ATOM   167  O O   . SER A 1 22  ? -4.671  3.800   8.110   1.00 15.72 ? 23  SER A O   1 
ATOM   168  C CB  . SER A 1 22  ? -2.969  1.807   9.681   1.00 17.53 ? 23  SER A CB  1 
ATOM   169  O OG  . SER A 1 22  ? -2.286  2.369   10.801  1.00 19.78 ? 23  SER A OG  1 
ATOM   170  N N   . SER A 1 23  ? -2.892  5.012   8.608   1.00 15.47 ? 24  SER A N   1 
ATOM   171  C CA  . SER A 1 23  ? -3.535  6.331   8.707   1.00 15.32 ? 24  SER A CA  1 
ATOM   172  C C   . SER A 1 23  ? -2.622  7.494   8.273   1.00 18.09 ? 24  SER A C   1 
ATOM   173  O O   . SER A 1 23  ? -2.740  8.666   8.720   1.00 18.43 ? 24  SER A O   1 
ATOM   174  C CB  . SER A 1 23  ? -4.044  6.618   10.117  1.00 17.02 ? 24  SER A CB  1 
ATOM   175  O OG  . SER A 1 23  ? -3.000  6.918   10.926  1.00 21.35 ? 24  SER A OG  1 
ATOM   176  N N   . TYR A 1 24  ? -1.833  7.273   7.256   1.00 14.38 ? 25  TYR A N   1 
ATOM   177  C CA  . TYR A 1 24  ? -0.859  8.252   6.771   1.00 13.28 ? 25  TYR A CA  1 
ATOM   178  C C   . TYR A 1 24  ? -1.367  9.024   5.599   1.00 13.74 ? 25  TYR A C   1 
ATOM   179  O O   . TYR A 1 24  ? -1.897  8.490   4.628   1.00 13.21 ? 25  TYR A O   1 
ATOM   180  C CB  . TYR A 1 24  ? 0.434   7.497   6.439   1.00 13.67 ? 25  TYR A CB  1 
ATOM   181  C CG  . TYR A 1 24  ? 1.609   8.354   6.083   1.00 11.61 ? 25  TYR A CG  1 
ATOM   182  C CD1 . TYR A 1 24  ? 1.738   8.913   4.817   1.00 12.01 ? 25  TYR A CD1 1 
ATOM   183  C CD2 . TYR A 1 24  ? 2.678   8.519   6.993   1.00 12.81 ? 25  TYR A CD2 1 
ATOM   184  C CE1 . TYR A 1 24  ? 2.865   9.659   4.486   1.00 12.14 ? 25  TYR A CE1 1 
ATOM   185  C CE2 . TYR A 1 24  ? 3.827   9.292   6.642   1.00 12.97 ? 25  TYR A CE2 1 
ATOM   186  C CZ  . TYR A 1 24  ? 3.880   9.832   5.376   1.00 12.25 ? 25  TYR A CZ  1 
ATOM   187  O OH  . TYR A 1 24  ? 5.007   10.529  5.018   1.00 12.31 ? 25  TYR A OH  1 
ATOM   188  N N   . GLY A 1 25  ? -1.257  10.367  5.715   1.00 12.91 ? 26  GLY A N   1 
ATOM   189  C CA  . GLY A 1 25  ? -1.599  11.206  4.569   1.00 13.24 ? 26  GLY A CA  1 
ATOM   190  C C   . GLY A 1 25  ? -3.033  11.144  4.174   1.00 12.72 ? 26  GLY A C   1 
ATOM   191  O O   . GLY A 1 25  ? -3.973  10.886  5.051   1.00 14.54 ? 26  GLY A O   1 
ATOM   192  N N   . CYS A 1 26  ? -3.324  11.290  2.925   1.00 13.29 ? 27  CYS A N   1 
ATOM   193  C CA  . CYS A 1 26  ? -4.669  11.259  2.393   1.00 13.36 ? 27  CYS A CA  1 
ATOM   194  C C   . CYS A 1 26  ? -5.143  9.927   1.910   1.00 13.21 ? 27  CYS A C   1 
ATOM   195  O O   . CYS A 1 26  ? -6.350  9.685   1.735   1.00 14.98 ? 27  CYS A O   1 
ATOM   196  C CB  . CYS A 1 26  ? -4.793  12.315  1.269   1.00 12.94 ? 27  CYS A CB  1 
ATOM   197  S SG  . CYS A 1 26  ? -4.643  13.997  1.883   1.00 15.38 ? 27  CYS A SG  1 
ATOM   198  N N   . TYR A 1 27  ? -4.166  9.030   1.633   1.00 12.54 ? 28  TYR A N   1 
ATOM   199  C CA  . TYR A 1 27  ? -4.505  7.771   0.975   1.00 12.55 ? 28  TYR A CA  1 
ATOM   200  C C   . TYR A 1 27  ? -4.107  6.505   1.701   1.00 12.72 ? 28  TYR A C   1 
ATOM   201  O O   . TYR A 1 27  ? -4.618  5.410   1.364   1.00 13.78 ? 28  TYR A O   1 
ATOM   202  C CB  . TYR A 1 27  ? -3.959  7.713   -0.470  1.00 12.76 ? 28  TYR A CB  1 
ATOM   203  C CG  . TYR A 1 27  ? -4.682  8.668   -1.357  1.00 12.71 ? 28  TYR A CG  1 
ATOM   204  C CD1 . TYR A 1 27  ? -5.825  8.244   -2.005  1.00 14.63 ? 28  TYR A CD1 1 
ATOM   205  C CD2 . TYR A 1 27  ? -4.272  9.986   -1.519  1.00 12.70 ? 28  TYR A CD2 1 
ATOM   206  C CE1 . TYR A 1 27  ? -6.571  9.131   -2.762  1.00 13.61 ? 28  TYR A CE1 1 
ATOM   207  C CE2 . TYR A 1 27  ? -4.978  10.870  -2.253  1.00 13.61 ? 28  TYR A CE2 1 
ATOM   208  C CZ  . TYR A 1 27  ? -6.113  10.436  -2.907  1.00 14.09 ? 28  TYR A CZ  1 
ATOM   209  O OH  . TYR A 1 27  ? -6.912  11.313  -3.715  1.00 14.59 ? 28  TYR A OH  1 
ATOM   210  N N   . CYS A 1 28  ? -3.233  6.565   2.655   1.00 12.10 ? 29  CYS A N   1 
ATOM   211  C CA  . CYS A 1 28  ? -2.778  5.336   3.345   1.00 13.75 ? 29  CYS A CA  1 
ATOM   212  C C   . CYS A 1 28  ? -3.773  4.973   4.414   1.00 16.52 ? 29  CYS A C   1 
ATOM   213  O O   . CYS A 1 28  ? -3.884  5.670   5.473   1.00 17.37 ? 29  CYS A O   1 
ATOM   214  C CB  . CYS A 1 28  ? -1.427  5.504   3.950   1.00 13.18 ? 29  CYS A CB  1 
ATOM   215  S SG  . CYS A 1 28  ? -0.121  5.968   2.803   1.00 12.05 ? 29  CYS A SG  1 
ATOM   216  N N   . GLY A 1 29  ? -4.480  3.897   4.153   1.00 18.47 ? 30  GLY A N   1 
ATOM   217  C CA  . GLY A 1 29  ? -5.488  3.480   5.188   1.00 20.05 ? 30  GLY A CA  1 
ATOM   218  C C   . GLY A 1 29  ? -6.821  3.679   4.584   1.00 22.80 ? 30  GLY A C   1 
ATOM   219  O O   . GLY A 1 29  ? -6.944  3.703   3.363   1.00 23.30 ? 30  GLY A O   1 
ATOM   220  N N   . TRP A 1 30  ? -7.877  3.755   5.444   1.00 26.18 ? 31  TRP A N   1 
ATOM   221  C CA  . TRP A 1 30  ? -9.304  3.960   5.041   1.00 26.48 ? 31  TRP A CA  1 
ATOM   222  C C   . TRP A 1 30  ? -9.549  5.251   4.332   1.00 25.47 ? 31  TRP A C   1 
ATOM   223  O O   . TRP A 1 30  ? -9.114  6.328   4.820   1.00 26.88 ? 31  TRP A O   1 
ATOM   224  C CB  . TRP A 1 30  ? -10.262 3.864   6.272   1.00 25.84 ? 31  TRP A CB  1 
ATOM   225  C CG  . TRP A 1 30  ? -11.718 3.851   5.862   1.00 26.31 ? 31  TRP A CG  1 
ATOM   226  C CD1 . TRP A 1 30  ? -12.427 2.737   5.379   1.00 30.57 ? 31  TRP A CD1 1 
ATOM   227  C CD2 . TRP A 1 30  ? -12.652 4.987   5.818   1.00 27.06 ? 31  TRP A CD2 1 
ATOM   228  N NE1 . TRP A 1 30  ? -13.705 3.099   5.008   1.00 28.25 ? 31  TRP A NE1 1 
ATOM   229  C CE2 . TRP A 1 30  ? -13.910 4.448   5.273   1.00 28.56 ? 31  TRP A CE2 1 
ATOM   230  C CE3 . TRP A 1 30  ? -12.582 6.330   6.161   1.00 25.20 ? 31  TRP A CE3 1 
ATOM   231  C CZ2 . TRP A 1 30  ? -15.054 5.241   5.125   1.00 26.36 ? 31  TRP A CZ2 1 
ATOM   232  C CZ3 . TRP A 1 30  ? -13.749 7.123   5.996   1.00 29.93 ? 31  TRP A CZ3 1 
ATOM   233  C CH2 . TRP A 1 30  ? -14.948 6.573   5.495   1.00 26.84 ? 31  TRP A CH2 1 
ATOM   234  N N   . GLY A 1 31  ? -10.234 5.161   3.216   1.00 27.00 ? 32  GLY A N   1 
ATOM   235  C CA  . GLY A 1 31  ? -10.552 6.318   2.399   1.00 27.86 ? 32  GLY A CA  1 
ATOM   236  C C   . GLY A 1 31  ? -9.372  6.795   1.508   1.00 24.80 ? 32  GLY A C   1 
ATOM   237  O O   . GLY A 1 31  ? -8.276  6.242   1.472   1.00 21.67 ? 32  GLY A O   1 
ATOM   238  N N   . GLY A 1 32  ? -9.666  7.795   0.706   1.00 24.91 ? 33  GLY A N   1 
ATOM   239  C CA  . GLY A 1 32  ? -8.689  8.505   -0.099  1.00 20.57 ? 33  GLY A CA  1 
ATOM   240  C C   . GLY A 1 32  ? -9.429  9.610   -0.800  1.00 20.67 ? 33  GLY A C   1 
ATOM   241  O O   . GLY A 1 32  ? -10.425 9.336   -1.516  1.00 23.44 ? 33  GLY A O   1 
ATOM   242  N N   . LYS A 1 33  ? -8.890  10.816  -0.676  1.00 17.71 ? 34  LYS A N   1 
ATOM   243  C CA  . LYS A 1 33  ? -9.319  11.966  -1.539  1.00 19.90 ? 34  LYS A CA  1 
ATOM   244  C C   . LYS A 1 33  ? -8.225  12.988  -1.547  1.00 16.47 ? 34  LYS A C   1 
ATOM   245  O O   . LYS A 1 33  ? -7.323  12.915  -0.764  1.00 16.67 ? 34  LYS A O   1 
ATOM   246  C CB  . LYS A 1 33  ? -10.659 12.586  -1.088  1.00 21.63 ? 34  LYS A CB  1 
ATOM   247  C CG  . LYS A 1 33  ? -10.453 13.482  0.170   1.00 23.37 ? 34  LYS A CG  1 
ATOM   248  C CD  . LYS A 1 33  ? -11.648 14.399  0.506   1.00 25.99 ? 34  LYS A CD  1 
ATOM   249  C CE  . LYS A 1 33  ? -11.367 15.428  1.625   1.00 25.69 ? 34  LYS A CE  1 
ATOM   250  N NZ  . LYS A 1 33  ? -12.624 15.943  2.253   1.00 27.22 ? 34  LYS A NZ  1 
ATOM   251  N N   . GLY A 1 34  ? -8.284  13.905  -2.509  1.00 16.58 ? 35  GLY A N   1 
ATOM   252  C CA  . GLY A 1 34  ? -7.388  15.003  -2.569  1.00 17.69 ? 35  GLY A CA  1 
ATOM   253  C C   . GLY A 1 34  ? -5.988  14.686  -3.151  1.00 14.80 ? 35  GLY A C   1 
ATOM   254  O O   . GLY A 1 34  ? -5.756  13.565  -3.723  1.00 15.06 ? 35  GLY A O   1 
ATOM   255  N N   . THR A 1 35  ? -5.075  15.608  -3.054  1.00 14.40 ? 36  THR A N   1 
ATOM   256  C CA  . THR A 1 35  ? -3.775  15.471  -3.645  1.00 15.43 ? 36  THR A CA  1 
ATOM   257  C C   . THR A 1 35  ? -2.962  14.763  -2.578  1.00 13.93 ? 36  THR A C   1 
ATOM   258  O O   . THR A 1 35  ? -2.884  15.150  -1.408  1.00 14.25 ? 36  THR A O   1 
ATOM   259  C CB  . THR A 1 35  ? -3.143  16.851  -3.873  1.00 15.87 ? 36  THR A CB  1 
ATOM   260  O OG1 . THR A 1 35  ? -3.970  17.612  -4.789  1.00 18.39 ? 36  THR A OG1 1 
ATOM   261  C CG2 . THR A 1 35  ? -1.710  16.679  -4.487  1.00 16.79 ? 36  THR A CG2 1 
ATOM   262  N N   . PRO A 1 36  ? -2.289  13.635  -2.928  1.00 13.64 ? 37  PRO A N   1 
ATOM   263  C CA  . PRO A 1 36  ? -1.406  12.957  -1.963  1.00 12.46 ? 37  PRO A CA  1 
ATOM   264  C C   . PRO A 1 36  ? -0.368  13.889  -1.366  1.00 12.92 ? 37  PRO A C   1 
ATOM   265  O O   . PRO A 1 36  ? 0.141   14.795  -2.068  1.00 14.15 ? 37  PRO A O   1 
ATOM   266  C CB  . PRO A 1 36  ? -0.765  11.822  -2.772  1.00 13.51 ? 37  PRO A CB  1 
ATOM   267  C CG  . PRO A 1 36  ? -1.746  11.583  -3.842  1.00 14.72 ? 37  PRO A CG  1 
ATOM   268  C CD  . PRO A 1 36  ? -2.347  12.932  -4.239  1.00 13.62 ? 37  PRO A CD  1 
ATOM   269  N N   . LYS A 1 37  ? -0.007  13.696  -0.122  1.00 12.19 ? 38  LYS A N   1 
ATOM   270  C CA  . LYS A 1 37  ? 0.820   14.640  0.567   1.00 12.66 ? 38  LYS A CA  1 
ATOM   271  C C   . LYS A 1 37  ? 2.267   14.568  0.266   1.00 12.59 ? 38  LYS A C   1 
ATOM   272  O O   . LYS A 1 37  ? 2.986   15.615  0.353   1.00 13.90 ? 38  LYS A O   1 
ATOM   273  C CB  . LYS A 1 37  ? 0.646   14.493  2.066   1.00 13.17 ? 38  LYS A CB  1 
ATOM   274  C CG  . LYS A 1 37  ? -0.767  14.725  2.651   1.00 13.98 ? 38  LYS A CG  1 
ATOM   275  C CD  . LYS A 1 37  ? -1.418  16.029  2.086   1.00 16.10 ? 38  LYS A CD  1 
ATOM   276  C CE  . LYS A 1 37  ? -0.645  17.286  2.446   1.00 18.03 ? 38  LYS A CE  1 
ATOM   277  N NZ  . LYS A 1 37  ? -1.310  18.563  1.983   1.00 18.43 ? 38  LYS A NZ  1 
ATOM   278  N N   . ASP A 1 38  ? 2.771   13.397  -0.129  1.00 12.08 ? 39  ASP A N   1 
ATOM   279  C CA  . ASP A 1 38  ? 4.182   13.186  -0.394  1.00 11.45 ? 39  ASP A CA  1 
ATOM   280  C C   . ASP A 1 38  ? 4.317   11.870  -1.138  1.00 10.96 ? 39  ASP A C   1 
ATOM   281  O O   . ASP A 1 38  ? 3.333   11.233  -1.516  1.00 10.51 ? 39  ASP A O   1 
ATOM   282  C CB  . ASP A 1 38  ? 5.016   13.173  0.906   1.00 12.01 ? 39  ASP A CB  1 
ATOM   283  C CG  . ASP A 1 38  ? 4.700   12.019  1.856   1.00 11.36 ? 39  ASP A CG  1 
ATOM   284  O OD1 . ASP A 1 38  ? 3.823   11.179  1.531   1.00 11.22 ? 39  ASP A OD1 1 
ATOM   285  O OD2 . ASP A 1 38  ? 5.377   11.955  2.891   1.00 12.01 ? 39  ASP A OD2 1 
ATOM   286  N N   . ALA A 1 39  ? 5.560   11.438  -1.359  1.00 10.96 ? 40  ALA A N   1 
ATOM   287  C CA  . ALA A 1 39  ? 5.815   10.207  -2.152  1.00 10.55 ? 40  ALA A CA  1 
ATOM   288  C C   . ALA A 1 39  ? 5.223   8.972   -1.499  1.00 10.64 ? 40  ALA A C   1 
ATOM   289  O O   . ALA A 1 39  ? 4.633   8.136   -2.204  1.00 10.26 ? 40  ALA A O   1 
ATOM   290  C CB  . ALA A 1 39  ? 7.311   10.045  -2.413  1.00 11.85 ? 40  ALA A CB  1 
ATOM   291  N N   . THR A 1 40  ? 5.354   8.845   -0.180  1.00 10.16 ? 41  THR A N   1 
ATOM   292  C CA  . THR A 1 40  ? 4.734   7.701   0.542   1.00 10.35 ? 41  THR A CA  1 
ATOM   293  C C   . THR A 1 40  ? 3.232   7.680   0.338   1.00 9.93  ? 41  THR A C   1 
ATOM   294  O O   . THR A 1 40  ? 2.669   6.605   0.046   1.00 10.20 ? 41  THR A O   1 
ATOM   295  C CB  . THR A 1 40  ? 5.087   7.758   2.036   1.00 10.33 ? 41  THR A CB  1 
ATOM   296  O OG1 . THR A 1 40  ? 6.504   7.492   2.200   1.00 10.91 ? 41  THR A OG1 1 
ATOM   297  C CG2 . THR A 1 40  ? 4.321   6.728   2.811   1.00 11.31 ? 41  THR A CG2 1 
ATOM   298  N N   . ASP A 1 41  ? 2.588   8.840   0.471   1.00 10.20 ? 42  ASP A N   1 
ATOM   299  C CA  . ASP A 1 41  ? 1.158   8.941   0.231   1.00 10.17 ? 42  ASP A CA  1 
ATOM   300  C C   . ASP A 1 41  ? 0.810   8.552   -1.192  1.00 9.61  ? 42  ASP A C   1 
ATOM   301  O O   . ASP A 1 41  ? -0.216  7.928   -1.463  1.00 10.34 ? 42  ASP A O   1 
ATOM   302  C CB  . ASP A 1 41  ? 0.669   10.358  0.621   1.00 10.56 ? 42  ASP A CB  1 
ATOM   303  C CG  . ASP A 1 41  ? -0.808  10.417  0.970   1.00 10.97 ? 42  ASP A CG  1 
ATOM   304  O OD1 . ASP A 1 41  ? -1.433  9.343   1.184   1.00 12.12 ? 42  ASP A OD1 1 
ATOM   305  O OD2 . ASP A 1 41  ? -1.344  11.533  1.013   1.00 11.44 ? 42  ASP A OD2 1 
ATOM   306  N N   . ARG A 1 42  ? 1.665   8.916   -2.159  1.00 10.00 ? 43  ARG A N   1 
ATOM   307  C CA  . ARG A 1 42  ? 1.486   8.526   -3.537  1.00 10.48 ? 43  ARG A CA  1 
ATOM   308  C C   . ARG A 1 42  ? 1.545   7.007   -3.718  1.00 9.27  ? 43  ARG A C   1 
ATOM   309  O O   . ARG A 1 42  ? 0.818   6.428   -4.542  1.00 10.06 ? 43  ARG A O   1 
ATOM   310  C CB  . ARG A 1 42  ? 2.400   9.254   -4.501  1.00 10.13 ? 43  ARG A CB  1 
ATOM   311  C CG  . ARG A 1 42  ? 2.099   10.748  -4.633  1.00 11.27 ? 43  ARG A CG  1 
ATOM   312  C CD  . ARG A 1 42  ? 2.850   11.452  -5.769  1.00 12.48 ? 43  ARG A CD  1 
ATOM   313  N NE  . ARG A 1 42  ? 4.268   11.591  -5.494  1.00 11.78 ? 43  ARG A NE  1 
ATOM   314  C CZ  . ARG A 1 42  ? 4.802   12.614  -4.788  1.00 12.49 ? 43  ARG A CZ  1 
ATOM   315  N NH1 . ARG A 1 42  ? 4.023   13.532  -4.260  1.00 12.48 ? 43  ARG A NH1 1 
ATOM   316  N NH2 . ARG A 1 42  ? 6.114   12.636  -4.631  1.00 12.83 ? 43  ARG A NH2 1 
ATOM   317  N N   . CYS A 1 43  ? 2.399   6.340   -2.941  1.00 9.52  ? 44  CYS A N   1 
ATOM   318  C CA  . CYS A 1 43  ? 2.410   4.864   -2.968  1.00 9.56  ? 44  CYS A CA  1 
ATOM   319  C C   . CYS A 1 43  ? 1.000   4.367   -2.629  1.00 9.39  ? 44  CYS A C   1 
ATOM   320  O O   . CYS A 1 43  ? 0.491   3.411   -3.244  1.00 9.54  ? 44  CYS A O   1 
ATOM   321  C CB  . CYS A 1 43  ? 3.366   4.300   -1.952  1.00 9.99  ? 44  CYS A CB  1 
ATOM   322  S SG  . CYS A 1 43  ? 5.093   4.767   -2.077  1.00 9.71  ? 44  CYS A SG  1 
ATOM   323  N N   . CYS A 1 44  ? 0.365   4.939   -1.599  1.00 9.94  ? 45  CYS A N   1 
ATOM   324  C CA  . CYS A 1 44  ? -0.964  4.533   -1.203  1.00 9.97  ? 45  CYS A CA  1 
ATOM   325  C C   . CYS A 1 44  ? -2.021  4.901   -2.218  1.00 10.67 ? 45  CYS A C   1 
ATOM   326  O O   . CYS A 1 44  ? -2.906  4.085   -2.444  1.00 10.20 ? 45  CYS A O   1 
ATOM   327  C CB  . CYS A 1 44  ? -1.313  5.190   0.151   1.00 10.31 ? 45  CYS A CB  1 
ATOM   328  S SG  . CYS A 1 44  ? -0.211  4.495   1.420   1.00 11.19 ? 45  CYS A SG  1 
ATOM   329  N N   . PHE A 1 45  ? -1.937  6.069   -2.835  1.00 10.06 ? 46  PHE A N   1 
ATOM   330  C CA  . PHE A 1 45  ? -2.819  6.428   -3.910  1.00 10.57 ? 46  PHE A CA  1 
ATOM   331  C C   . PHE A 1 45  ? -2.789  5.358   -4.995  1.00 10.28 ? 46  PHE A C   1 
ATOM   332  O O   . PHE A 1 45  ? -3.845  4.862   -5.465  1.00 10.28 ? 46  PHE A O   1 
ATOM   333  C CB  . PHE A 1 45  ? -2.446  7.794   -4.474  1.00 11.00 ? 46  PHE A CB  1 
ATOM   334  C CG  . PHE A 1 45  ? -3.287  8.177   -5.643  1.00 11.36 ? 46  PHE A CG  1 
ATOM   335  C CD1 . PHE A 1 45  ? -4.529  8.767   -5.475  1.00 13.67 ? 46  PHE A CD1 1 
ATOM   336  C CD2 . PHE A 1 45  ? -2.935  7.910   -6.967  1.00 13.75 ? 46  PHE A CD2 1 
ATOM   337  C CE1 . PHE A 1 45  ? -5.347  9.114   -6.529  1.00 16.08 ? 46  PHE A CE1 1 
ATOM   338  C CE2 . PHE A 1 45  ? -3.800  8.239   -8.007  1.00 14.16 ? 46  PHE A CE2 1 
ATOM   339  C CZ  . PHE A 1 45  ? -4.977  8.798   -7.715  1.00 14.67 ? 46  PHE A CZ  1 
ATOM   340  N N   . VAL A 1 46  ? -1.573  5.023   -5.477  1.00 9.42  ? 47  VAL A N   1 
ATOM   341  C CA  . VAL A 1 46  ? -1.453  4.036   -6.542  1.00 9.61  ? 47  VAL A CA  1 
ATOM   342  C C   . VAL A 1 46  ? -1.922  2.671   -6.094  1.00 9.51  ? 47  VAL A C   1 
ATOM   343  O O   . VAL A 1 46  ? -2.572  1.966   -6.854  1.00 9.69  ? 47  VAL A O   1 
ATOM   344  C CB  . VAL A 1 46  ? 0.047   3.970   -7.032  1.00 9.81  ? 47  VAL A CB  1 
ATOM   345  C CG1 . VAL A 1 46  ? 0.256   2.809   -8.016  1.00 10.01 ? 47  VAL A CG1 1 
ATOM   346  C CG2 . VAL A 1 46  ? 0.390   5.338   -7.683  1.00 10.81 ? 47  VAL A CG2 1 
ATOM   347  N N   . HIS A 1 47  ? -1.658  2.289   -4.872  1.00 9.26  ? 48  HIS A N   1 
ATOM   348  C CA  . HIS A 1 47  ? -2.153  1.010   -4.286  1.00 9.58  ? 48  HIS A CA  1 
ATOM   349  C C   . HIS A 1 47  ? -3.649  0.963   -4.285  1.00 9.58  ? 48  HIS A C   1 
ATOM   350  O O   . HIS A 1 47  ? -4.239  -0.042  -4.652  1.00 9.71  ? 48  HIS A O   1 
ATOM   351  C CB  . HIS A 1 47  ? -1.571  0.841   -2.917  1.00 9.85  ? 48  HIS A CB  1 
ATOM   352  C CG  . HIS A 1 47  ? -1.869  -0.518  -2.318  1.00 9.23  ? 48  HIS A CG  1 
ATOM   353  N ND1 . HIS A 1 47  ? -2.771  -0.679  -1.322  1.00 10.59 ? 48  HIS A ND1 1 
ATOM   354  C CD2 . HIS A 1 47  ? -1.352  -1.736  -2.558  1.00 9.04  ? 48  HIS A CD2 1 
ATOM   355  C CE1 . HIS A 1 47  ? -2.811  -1.960  -0.996  1.00 10.36 ? 48  HIS A CE1 1 
ATOM   356  N NE2 . HIS A 1 47  ? -1.940  -2.625  -1.756  1.00 9.30  ? 48  HIS A NE2 1 
ATOM   357  N N   . ASP A 1 48  ? -4.311  2.050   -3.935  1.00 10.01 ? 49  ASP A N   1 
ATOM   358  C CA  . ASP A 1 48  ? -5.751  2.145   -3.981  1.00 10.04 ? 49  ASP A CA  1 
ATOM   359  C C   . ASP A 1 48  ? -6.246  1.966   -5.414  1.00 9.77  ? 49  ASP A C   1 
ATOM   360  O O   . ASP A 1 48  ? -7.195  1.222   -5.679  1.00 10.82 ? 49  ASP A O   1 
ATOM   361  C CB  . ASP A 1 48  ? -6.266  3.509   -3.465  1.00 11.40 ? 49  ASP A CB  1 
ATOM   362  C CG  . ASP A 1 48  ? -6.124  3.675   -1.972  1.00 12.27 ? 49  ASP A CG  1 
ATOM   363  O OD1 . ASP A 1 48  ? -5.656  2.805   -1.284  1.00 12.97 ? 49  ASP A OD1 1 
ATOM   364  O OD2 . ASP A 1 48  ? -6.508  4.780   -1.517  1.00 14.77 ? 49  ASP A OD2 1 
ATOM   365  N N   . CYS A 1 49  ? -5.603  2.633   -6.372  1.00 10.39 ? 50  CYS A N   1 
ATOM   366  C CA  . CYS A 1 49  ? -5.979  2.499   -7.795  1.00 10.07 ? 50  CYS A CA  1 
ATOM   367  C C   . CYS A 1 49  ? -5.783  1.047   -8.209  1.00 10.38 ? 50  CYS A C   1 
ATOM   368  O O   . CYS A 1 49  ? -6.533  0.486   -8.986  1.00 10.83 ? 50  CYS A O   1 
ATOM   369  C CB  . CYS A 1 49  ? -5.105  3.396   -8.634  1.00 10.03 ? 50  CYS A CB  1 
ATOM   370  S SG  . CYS A 1 49  ? -5.386  5.173   -8.395  1.00 11.63 ? 50  CYS A SG  1 
ATOM   371  N N   . CYS A 1 50  ? -4.696  0.423   -7.746  1.00 10.06 ? 51  CYS A N   1 
ATOM   372  C CA  . CYS A 1 50  ? -4.346  -0.948  -8.113  1.00 9.86  ? 51  CYS A CA  1 
ATOM   373  C C   . CYS A 1 50  ? -5.429  -1.881  -7.613  1.00 9.52  ? 51  CYS A C   1 
ATOM   374  O O   . CYS A 1 50  ? -5.920  -2.721  -8.416  1.00 10.44 ? 51  CYS A O   1 
ATOM   375  C CB  . CYS A 1 50  ? -2.988  -1.280  -7.502  1.00 9.61  ? 51  CYS A CB  1 
ATOM   376  S SG  . CYS A 1 50  ? -2.180  -2.711  -8.300  1.00 9.18  ? 51  CYS A SG  1 
ATOM   377  N N   . TYR A 1 51  ? -5.861  -1.771  -6.376  1.00 9.76  ? 52  TYR A N   1 
ATOM   378  C CA  . TYR A 1 51  ? -6.993  -2.530  -5.884  1.00 11.01 ? 52  TYR A CA  1 
ATOM   379  C C   . TYR A 1 51  ? -8.247  -2.192  -6.661  1.00 10.47 ? 52  TYR A C   1 
ATOM   380  O O   . TYR A 1 51  ? -9.114  -3.084  -6.930  1.00 11.40 ? 52  TYR A O   1 
ATOM   381  C CB  . TYR A 1 51  ? -7.265  -2.272  -4.408  1.00 10.32 ? 52  TYR A CB  1 
ATOM   382  C CG  . TYR A 1 51  ? -6.377  -3.018  -3.433  1.00 10.03 ? 52  TYR A CG  1 
ATOM   383  C CD1 . TYR A 1 51  ? -5.288  -3.802  -3.842  1.00 9.58  ? 52  TYR A CD1 1 
ATOM   384  C CD2 . TYR A 1 51  ? -6.661  -2.947  -2.077  1.00 11.00 ? 52  TYR A CD2 1 
ATOM   385  C CE1 . TYR A 1 51  ? -4.499  -4.501  -2.887  1.00 9.67  ? 52  TYR A CE1 1 
ATOM   386  C CE2 . TYR A 1 51  ? -5.930  -3.665  -1.138  1.00 10.52 ? 52  TYR A CE2 1 
ATOM   387  C CZ  . TYR A 1 51  ? -4.850  -4.393  -1.592  1.00 10.22 ? 52  TYR A CZ  1 
ATOM   388  O OH  . TYR A 1 51  ? -4.071  -5.067  -0.623  1.00 10.65 ? 52  TYR A OH  1 
ATOM   389  N N   . GLY A 1 52  ? -8.396  -0.925  -7.053  1.00 11.40 ? 53  GLY A N   1 
ATOM   390  C CA  . GLY A 1 52  ? -9.555  -0.513  -7.881  1.00 12.86 ? 53  GLY A CA  1 
ATOM   391  C C   . GLY A 1 52  ? -9.558  -1.166  -9.251  1.00 12.50 ? 53  GLY A C   1 
ATOM   392  O O   . GLY A 1 52  ? -10.696 -1.228  -9.882  1.00 14.53 ? 53  GLY A O   1 
ATOM   393  N N   . ASN A 1 53  ? -8.515  -1.552  -9.766  1.00 12.73 ? 54  ASN A N   1 
ATOM   394  C CA  . ASN A 1 53  ? -8.405  -2.276  -11.012 1.00 13.11 ? 54  ASN A CA  1 
ATOM   395  C C   . ASN A 1 53  ? -8.983  -3.702  -10.854 1.00 12.80 ? 54  ASN A C   1 
ATOM   396  O O   . ASN A 1 53  ? -9.172  -4.384  -11.897 1.00 14.14 ? 54  ASN A O   1 
ATOM   397  C CB  . ASN A 1 53  ? -6.974  -2.386  -11.476 1.00 14.31 ? 54  ASN A CB  1 
ATOM   398  C CG  . ASN A 1 53  ? -6.234  -1.073  -11.770 1.00 15.07 ? 54  ASN A CG  1 
ATOM   399  O OD1 . ASN A 1 53  ? -6.855  -0.113  -12.185 1.00 16.96 ? 54  ASN A OD1 1 
ATOM   400  N ND2 . ASN A 1 53  ? -4.787  -1.068  -11.516 1.00 14.03 ? 54  ASN A ND2 1 
ATOM   401  N N   . LEU A 1 54  ? -9.321  -4.173  -9.629  1.00 12.60 ? 55  LEU A N   1 
ATOM   402  C CA  . LEU A 1 54  ? -9.714  -5.553  -9.339  1.00 12.18 ? 55  LEU A CA  1 
ATOM   403  C C   . LEU A 1 54  ? -11.054 -5.600  -8.640  1.00 12.58 ? 55  LEU A C   1 
ATOM   404  O O   . LEU A 1 54  ? -11.229 -6.107  -7.582  1.00 11.80 ? 55  LEU A O   1 
ATOM   405  C CB  . LEU A 1 54  ? -8.671  -6.165  -8.428  1.00 13.13 ? 55  LEU A CB  1 
ATOM   406  C CG  . LEU A 1 54  ? -7.196  -6.062  -8.838  1.00 12.89 ? 55  LEU A CG  1 
ATOM   407  C CD1 . LEU A 1 54  ? -6.273  -6.647  -7.769  1.00 13.05 ? 55  LEU A CD1 1 
ATOM   408  C CD2 . LEU A 1 54  ? -6.954  -6.594  -10.215 1.00 16.72 ? 55  LEU A CD2 1 
ATOM   409  N N   . PRO A 1 55  ? -12.158 -5.076  -9.329  1.00 13.42 ? 56  PRO A N   1 
ATOM   410  C CA  . PRO A 1 55  ? -13.398 -4.896  -8.687  1.00 14.20 ? 56  PRO A CA  1 
ATOM   411  C C   . PRO A 1 55  ? -14.168 -6.169  -8.165  1.00 13.99 ? 56  PRO A C   1 
ATOM   412  O O   . PRO A 1 55  ? -14.938 -6.156  -7.386  1.00 14.73 ? 56  PRO A O   1 
ATOM   413  C CB  . PRO A 1 55  ? -14.228 -4.217  -9.887  1.00 14.75 ? 56  PRO A CB  1 
ATOM   414  C CG  . PRO A 1 55  ? -13.595 -4.675  -11.099 1.00 16.56 ? 56  PRO A CG  1 
ATOM   415  C CD  . PRO A 1 55  ? -12.155 -4.654  -10.758 1.00 15.04 ? 56  PRO A CD  1 
ATOM   416  N N   . ASP A 1 56  ? -13.590 -7.441  -9.098  1.00 13.46 ? 59  ASP A N   1 
ATOM   417  C CA  . ASP A 1 56  ? -14.291 -8.668  -8.652  1.00 11.63 ? 59  ASP A CA  1 
ATOM   418  C C   . ASP A 1 56  ? -13.410 -9.599  -7.814  1.00 13.28 ? 59  ASP A C   1 
ATOM   419  O O   . ASP A 1 56  ? -13.685 -10.757 -7.540  1.00 13.17 ? 59  ASP A O   1 
ATOM   420  C CB  . ASP A 1 56  ? -14.844 -9.363  -9.888  1.00 13.34 ? 59  ASP A CB  1 
ATOM   421  C CG  . ASP A 1 56  ? -15.974 -8.533  -10.590 1.00 13.91 ? 59  ASP A CG  1 
ATOM   422  O OD1 . ASP A 1 56  ? -16.631 -7.804  -9.860  1.00 15.65 ? 59  ASP A OD1 1 
ATOM   423  O OD2 . ASP A 1 56  ? -16.081 -8.769  -11.813 1.00 14.85 ? 59  ASP A OD2 1 
ATOM   424  N N   . CYS A 1 57  ? -12.172 -8.804  -7.290  1.00 11.20 ? 61  CYS A N   1 
ATOM   425  C CA  . CYS A 1 57  ? -11.357 -9.505  -6.294  1.00 10.29 ? 61  CYS A CA  1 
ATOM   426  C C   . CYS A 1 57  ? -11.686 -8.910  -5.008  1.00 11.34 ? 61  CYS A C   1 
ATOM   427  O O   . CYS A 1 57  ? -12.374 -7.934  -4.822  1.00 12.33 ? 61  CYS A O   1 
ATOM   428  C CB  . CYS A 1 57  ? -9.874  -9.372  -6.618  1.00 9.96  ? 61  CYS A CB  1 
ATOM   429  S SG  . CYS A 1 57  ? -9.510  -9.975  -8.317  1.00 9.44  ? 61  CYS A SG  1 
ATOM   430  N N   . ASN A 1 58  ? -11.038 -9.672  -3.820  1.00 11.77 ? 67  ASN A N   1 
ATOM   431  C CA  . ASN A 1 58  ? -11.342 -9.186  -2.454  1.00 10.44 ? 67  ASN A CA  1 
ATOM   432  C C   . ASN A 1 58  ? -9.957  -9.054  -1.760  1.00 10.67 ? 67  ASN A C   1 
ATOM   433  O O   . ASN A 1 58  ? -9.539  -9.887  -1.010  1.00 11.98 ? 67  ASN A O   1 
ATOM   434  C CB  . ASN A 1 58  ? -12.261 -10.177 -1.742  1.00 12.06 ? 67  ASN A CB  1 
ATOM   435  C CG  . ASN A 1 58  ? -13.567 -10.232 -2.410  1.00 11.68 ? 67  ASN A CG  1 
ATOM   436  O OD1 . ASN A 1 58  ? -13.810 -11.071 -3.298  1.00 12.12 ? 67  ASN A OD1 1 
ATOM   437  N ND2 . ASN A 1 58  ? -14.446 -9.347  -2.016  1.00 11.94 ? 67  ASN A ND2 1 
ATOM   438  N N   . PRO A 1 59  ? -9.268  -7.946  -2.113  1.00 11.81 ? 68  PRO A N   1 
ATOM   439  C CA  . PRO A 1 59  ? -7.878  -7.730  -1.721  1.00 13.17 ? 68  PRO A CA  1 
ATOM   440  C C   . PRO A 1 59  ? -7.655  -7.711  -0.234  1.00 14.48 ? 68  PRO A C   1 
ATOM   441  O O   . PRO A 1 59  ? -6.523  -8.059  0.242   1.00 16.13 ? 68  PRO A O   1 
ATOM   442  C CB  . PRO A 1 59  ? -7.581  -6.421  -2.390  1.00 14.78 ? 68  PRO A CB  1 
ATOM   443  C CG  . PRO A 1 59  ? -8.464  -6.216  -3.468  1.00 15.60 ? 68  PRO A CG  1 
ATOM   444  C CD  . PRO A 1 59  ? -9.710  -6.829  -2.938  1.00 12.58 ? 68  PRO A CD  1 
ATOM   445  N N   . LYS A 1 60  ? -8.638  -7.390  0.605   1.00 13.71 ? 69  LYS A N   1 
ATOM   446  C CA  . LYS A 1 60  ? -8.478  -7.339  2.071   1.00 14.49 ? 69  LYS A CA  1 
ATOM   447  C C   . LYS A 1 60  ? -8.402  -8.665  2.720   1.00 14.13 ? 69  LYS A C   1 
ATOM   448  O O   . LYS A 1 60  ? -7.721  -8.867  3.745   1.00 15.36 ? 69  LYS A O   1 
ATOM   449  C CB  . LYS A 1 60  ? -9.612  -6.473  2.708   1.00 18.13 ? 69  LYS A CB  1 
ATOM   450  C CG  . LYS A 1 60  ? -9.432  -5.082  2.298   1.00 21.70 ? 69  LYS A CG  1 
ATOM   451  C CD  . LYS A 1 60  ? -10.530 -4.233  2.932   1.00 20.46 ? 69  LYS A CD  1 
ATOM   452  C CE  . LYS A 1 60  ? -10.431 -2.753  2.667   1.00 21.71 ? 69  LYS A CE  1 
ATOM   453  N NZ  . LYS A 1 60  ? -11.533 -1.947  3.200   1.00 23.91 ? 69  LYS A NZ  1 
ATOM   454  N N   . SER A 1 61  ? -9.068  -9.696  2.121   1.00 13.20 ? 70  SER A N   1 
ATOM   455  C CA  . SER A 1 61  ? -9.204  -10.903 2.754   1.00 13.42 ? 70  SER A CA  1 
ATOM   456  C C   . SER A 1 61  ? -8.609  -12.109 2.051   1.00 12.58 ? 70  SER A C   1 
ATOM   457  O O   . SER A 1 61  ? -8.165  -13.053 2.648   1.00 15.30 ? 70  SER A O   1 
ATOM   458  C CB  . SER A 1 61  ? -10.691 -11.153 2.987   1.00 14.98 ? 70  SER A CB  1 
ATOM   459  O OG  . SER A 1 61  ? -11.410 -11.194 1.745   1.00 14.97 ? 70  SER A OG  1 
ATOM   460  N N   . ASP A 1 62  ? -8.478  -12.020 0.681   1.00 11.35 ? 71  ASP A N   1 
ATOM   461  C CA  . ASP A 1 62  ? -7.954  -13.148 -0.105  1.00 10.60 ? 71  ASP A CA  1 
ATOM   462  C C   . ASP A 1 62  ? -6.449  -13.230 0.119   1.00 10.33 ? 71  ASP A C   1 
ATOM   463  O O   . ASP A 1 62  ? -5.699  -12.219 -0.042  1.00 12.18 ? 71  ASP A O   1 
ATOM   464  C CB  . ASP A 1 62  ? -8.302  -12.908 -1.574  1.00 10.10 ? 71  ASP A CB  1 
ATOM   465  C CG  . ASP A 1 62  ? -8.078  -14.090 -2.460  1.00 9.28  ? 71  ASP A CG  1 
ATOM   466  O OD1 . ASP A 1 62  ? -7.612  -15.158 -1.942  1.00 9.90  ? 71  ASP A OD1 1 
ATOM   467  O OD2 . ASP A 1 62  ? -8.368  -13.980 -3.677  1.00 10.04 ? 71  ASP A OD2 1 
ATOM   468  N N   . ARG A 1 63  ? -5.976  -14.407 0.472   1.00 10.93 ? 72  ARG A N   1 
ATOM   469  C CA  . ARG A 1 63  ? -4.527  -14.632 0.801   1.00 11.36 ? 72  ARG A CA  1 
ATOM   470  C C   . ARG A 1 63  ? -3.785  -15.098 -0.451  1.00 10.74 ? 72  ARG A C   1 
ATOM   471  O O   . ARG A 1 63  ? -4.265  -15.897 -1.247  1.00 11.12 ? 72  ARG A O   1 
ATOM   472  C CB  . ARG A 1 63  ? -4.420  -15.786 1.843   1.00 11.83 ? 72  ARG A CB  1 
ATOM   473  C CG  . ARG A 1 63  ? -5.010  -15.382 3.207   1.00 12.73 ? 72  ARG A CG  1 
ATOM   474  C CD  . ARG A 1 63  ? -4.570  -16.339 4.262   1.00 13.18 ? 72  ARG A CD  1 
ATOM   475  N NE  . ARG A 1 63  ? -5.273  -16.118 5.525   1.00 13.49 ? 72  ARG A NE  1 
ATOM   476  C CZ  . ARG A 1 63  ? -4.988  -16.732 6.669   1.00 14.68 ? 72  ARG A CZ  1 
ATOM   477  N NH1 . ARG A 1 63  ? -5.793  -16.434 7.687   1.00 16.95 ? 72  ARG A NH1 1 
ATOM   478  N NH2 . ARG A 1 63  ? -4.040  -17.556 6.757   1.00 15.94 ? 72  ARG A NH2 1 
ATOM   479  N N   . TYR A 1 64  ? -2.598  -14.573 -0.630  1.00 11.05 ? 73  TYR A N   1 
ATOM   480  C CA  . TYR A 1 64  ? -1.676  -14.986 -1.677  1.00 12.28 ? 73  TYR A CA  1 
ATOM   481  C C   . TYR A 1 64  ? -0.393  -15.484 -1.018  1.00 11.77 ? 73  TYR A C   1 
ATOM   482  O O   . TYR A 1 64  ? -0.135  -15.248 0.157   1.00 12.82 ? 73  TYR A O   1 
ATOM   483  C CB  . TYR A 1 64  ? -1.380  -13.811 -2.650  1.00 10.86 ? 73  TYR A CB  1 
ATOM   484  C CG  . TYR A 1 64  ? -0.904  -12.584 -1.968  1.00 10.59 ? 73  TYR A CG  1 
ATOM   485  C CD1 . TYR A 1 64  ? 0.432   -12.426 -1.559  1.00 11.15 ? 73  TYR A CD1 1 
ATOM   486  C CD2 . TYR A 1 64  ? -1.747  -11.501 -1.685  1.00 10.35 ? 73  TYR A CD2 1 
ATOM   487  C CE1 . TYR A 1 64  ? 0.843   -11.288 -0.881  1.00 11.21 ? 73  TYR A CE1 1 
ATOM   488  C CE2 . TYR A 1 64  ? -1.349  -10.369 -1.011  1.00 10.49 ? 73  TYR A CE2 1 
ATOM   489  C CZ  . TYR A 1 64  ? -0.017  -10.267 -0.625  1.00 10.21 ? 73  TYR A CZ  1 
ATOM   490  O OH  . TYR A 1 64  ? 0.398   -9.164  0.055   1.00 10.56 ? 73  TYR A OH  1 
ATOM   491  N N   . LYS A 1 65  ? 0.453   -16.119 -1.829  1.00 11.61 ? 74  LYS A N   1 
ATOM   492  C CA  . LYS A 1 65  ? 1.736   -16.605 -1.370  1.00 11.37 ? 74  LYS A CA  1 
ATOM   493  C C   . LYS A 1 65  ? 2.847   -15.866 -2.136  1.00 11.57 ? 74  LYS A C   1 
ATOM   494  O O   . LYS A 1 65  ? 2.718   -15.585 -3.335  1.00 11.61 ? 74  LYS A O   1 
ATOM   495  C CB  . LYS A 1 65  ? 1.953   -18.091 -1.657  1.00 12.59 ? 74  LYS A CB  1 
ATOM   496  C CG  . LYS A 1 65  ? 1.019   -19.011 -0.802  1.00 14.47 ? 74  LYS A CG  1 
ATOM   497  C CD  . LYS A 1 65  ? 1.396   -18.990 0.645   1.00 16.74 ? 74  LYS A CD  1 
ATOM   498  C CE  . LYS A 1 65  ? 0.508   -19.989 1.423   1.00 17.87 ? 74  LYS A CE  1 
ATOM   499  N NZ  . LYS A 1 65  ? 0.755   -19.959 2.865   1.00 19.05 ? 74  LYS A NZ  1 
ATOM   500  N N   . TYR A 1 66  ? 3.926   -15.586 -1.429  1.00 12.40 ? 75  TYR A N   1 
ATOM   501  C CA  . TYR A 1 66  ? 5.126   -14.999 -2.096  1.00 12.38 ? 75  TYR A CA  1 
ATOM   502  C C   . TYR A 1 66  ? 6.353   -15.555 -1.429  1.00 13.50 ? 75  TYR A C   1 
ATOM   503  O O   . TYR A 1 66  ? 6.274   -15.990 -0.260  1.00 14.80 ? 75  TYR A O   1 
ATOM   504  C CB  . TYR A 1 66  ? 5.078   -13.458 -2.089  1.00 13.08 ? 75  TYR A CB  1 
ATOM   505  C CG  . TYR A 1 66  ? 5.284   -12.818 -0.745  1.00 12.17 ? 75  TYR A CG  1 
ATOM   506  C CD1 . TYR A 1 66  ? 4.211   -12.678 0.172   1.00 11.18 ? 75  TYR A CD1 1 
ATOM   507  C CD2 . TYR A 1 66  ? 6.535   -12.349 -0.326  1.00 13.30 ? 75  TYR A CD2 1 
ATOM   508  C CE1 . TYR A 1 66  ? 4.374   -12.067 1.353   1.00 12.46 ? 75  TYR A CE1 1 
ATOM   509  C CE2 . TYR A 1 66  ? 6.700   -11.729 0.905   1.00 12.58 ? 75  TYR A CE2 1 
ATOM   510  C CZ  . TYR A 1 66  ? 5.626   -11.621 1.745   1.00 11.51 ? 75  TYR A CZ  1 
ATOM   511  O OH  . TYR A 1 66  ? 5.748   -10.981 2.923   1.00 13.59 ? 75  TYR A OH  1 
ATOM   512  N N   . LYS A 1 67  ? 7.463   -15.459 -2.134  1.00 14.55 ? 76  LYS A N   1 
ATOM   513  C CA  . LYS A 1 67  ? 8.774   -15.834 -1.598  1.00 14.98 ? 76  LYS A CA  1 
ATOM   514  C C   . LYS A 1 67  ? 9.708   -14.675 -1.890  1.00 14.60 ? 76  LYS A C   1 
ATOM   515  O O   . LYS A 1 67  ? 9.340   -13.640 -2.540  1.00 14.34 ? 76  LYS A O   1 
ATOM   516  C CB  . LYS A 1 67  ? 9.267   -17.115 -2.242  1.00 15.97 ? 76  LYS A CB  1 
ATOM   517  C CG  . LYS A 1 67  ? 9.380   -17.008 -3.706  1.00 16.90 ? 76  LYS A CG  1 
ATOM   518  C CD  . LYS A 1 67  ? 9.835   -18.323 -4.393  1.00 18.38 ? 76  LYS A CD  1 
ATOM   519  C CE  . LYS A 1 67  ? 9.908   -18.157 -5.909  1.00 18.90 ? 76  LYS A CE  1 
ATOM   520  N NZ  . LYS A 1 67  ? 10.404  -19.376 -6.623  1.00 22.56 ? 76  LYS A NZ  1 
ATOM   521  N N   . ARG A 1 68  ? 10.992  -14.816 -1.474  1.00 16.00 ? 77  ARG A N   1 
ATOM   522  C CA  . ARG A 1 68  ? 12.027  -13.868 -1.906  1.00 16.60 ? 77  ARG A CA  1 
ATOM   523  C C   . ARG A 1 68  ? 13.099  -14.594 -2.619  1.00 16.23 ? 77  ARG A C   1 
ATOM   524  O O   . ARG A 1 68  ? 13.519  -15.682 -2.140  1.00 18.35 ? 77  ARG A O   1 
ATOM   525  C CB  . ARG A 1 68  ? 12.541  -12.988 -0.800  1.00 19.38 ? 77  ARG A CB  1 
ATOM   526  C CG  . ARG A 1 68  ? 11.547  -11.902 -0.399  1.00 19.84 ? 77  ARG A CG  1 
ATOM   527  C CD  . ARG A 1 68  ? 11.866  -11.413 0.953   1.00 21.48 ? 77  ARG A CD  1 
ATOM   528  N NE  . ARG A 1 68  ? 10.799  -10.604 1.423   1.00 17.84 ? 77  ARG A NE  1 
ATOM   529  C CZ  . ARG A 1 68  ? 10.665  -9.305  1.149   1.00 15.82 ? 77  ARG A CZ  1 
ATOM   530  N NH1 . ARG A 1 68  ? 11.532  -8.747  0.339   1.00 16.25 ? 77  ARG A NH1 1 
ATOM   531  N NH2 . ARG A 1 68  ? 9.724   -8.545  1.672   1.00 14.99 ? 77  ARG A NH2 1 
ATOM   532  N N   . VAL A 1 69  ? 13.596  -14.044 -3.709  1.00 15.60 ? 78  VAL A N   1 
ATOM   533  C CA  . VAL A 1 69  ? 14.698  -14.632 -4.491  1.00 15.72 ? 78  VAL A CA  1 
ATOM   534  C C   . VAL A 1 69  ? 15.702  -13.470 -4.597  1.00 17.34 ? 78  VAL A C   1 
ATOM   535  O O   . VAL A 1 69  ? 15.402  -12.394 -5.134  1.00 17.36 ? 78  VAL A O   1 
ATOM   536  C CB  . VAL A 1 69  ? 14.243  -15.072 -5.855  1.00 17.77 ? 78  VAL A CB  1 
ATOM   537  C CG1 . VAL A 1 69  ? 15.442  -15.604 -6.600  1.00 20.64 ? 78  VAL A CG1 1 
ATOM   538  C CG2 . VAL A 1 69  ? 13.177  -16.123 -5.704  1.00 18.88 ? 78  VAL A CG2 1 
ATOM   539  N N   . ASN A 1 70  ? 16.935  -13.704 -4.115  1.00 18.75 ? 79  ASN A N   1 
ATOM   540  C CA  . ASN A 1 70  ? 17.959  -12.655 -4.051  1.00 20.56 ? 79  ASN A CA  1 
ATOM   541  C C   . ASN A 1 70  ? 17.398  -11.392 -3.430  1.00 18.13 ? 79  ASN A C   1 
ATOM   542  O O   . ASN A 1 70  ? 17.730  -10.310 -3.911  1.00 21.94 ? 79  ASN A O   1 
ATOM   543  C CB  . ASN A 1 70  ? 18.565  -12.386 -5.410  1.00 23.16 ? 79  ASN A CB  1 
ATOM   544  C CG  . ASN A 1 70  ? 19.270  -13.613 -5.991  1.00 24.34 ? 79  ASN A CG  1 
ATOM   545  O OD1 . ASN A 1 70  ? 19.032  -14.006 -7.180  1.00 26.40 ? 79  ASN A OD1 1 
ATOM   546  N ND2 . ASN A 1 70  ? 20.137  -14.205 -5.181  1.00 24.77 ? 79  ASN A ND2 1 
ATOM   547  N N   . GLY A 1 71  ? 16.619  -11.549 -2.343  1.00 19.18 ? 80  GLY A N   1 
ATOM   548  C CA  . GLY A 1 71  ? 16.043  -10.400 -1.644  1.00 19.20 ? 80  GLY A CA  1 
ATOM   549  C C   . GLY A 1 71  ? 14.666  -9.955  -2.138  1.00 17.91 ? 80  GLY A C   1 
ATOM   550  O O   . GLY A 1 71  ? 13.889  -9.357  -1.356  1.00 19.38 ? 80  GLY A O   1 
ATOM   551  N N   . ALA A 1 72  ? 14.441  -10.140 -3.423  1.00 15.71 ? 81  ALA A N   1 
ATOM   552  C CA  . ALA A 1 72  ? 13.310  -9.521  -4.124  1.00 14.44 ? 81  ALA A CA  1 
ATOM   553  C C   . ALA A 1 72  ? 12.040  -10.373 -3.948  1.00 13.78 ? 81  ALA A C   1 
ATOM   554  O O   . ALA A 1 72  ? 12.095  -11.606 -4.005  1.00 14.85 ? 81  ALA A O   1 
ATOM   555  C CB  . ALA A 1 72  ? 13.620  -9.388  -5.577  1.00 17.75 ? 81  ALA A CB  1 
ATOM   556  N N   . ILE A 1 73  ? 10.888  -9.709  -3.790  1.00 13.48 ? 82  ILE A N   1 
ATOM   557  C CA  . ILE A 1 73  ? 9.597   -10.369 -3.643  1.00 11.72 ? 82  ILE A CA  1 
ATOM   558  C C   . ILE A 1 73  ? 9.245   -10.976 -4.958  1.00 12.02 ? 82  ILE A C   1 
ATOM   559  O O   . ILE A 1 73  ? 9.299   -10.375 -6.036  1.00 12.40 ? 82  ILE A O   1 
ATOM   560  C CB  . ILE A 1 73  ? 8.540   -9.320  -3.268  1.00 11.40 ? 82  ILE A CB  1 
ATOM   561  C CG1 . ILE A 1 73  ? 8.852   -8.737  -1.891  1.00 12.91 ? 82  ILE A CG1 1 
ATOM   562  C CG2 . ILE A 1 73  ? 7.133   -9.892  -3.274  1.00 11.55 ? 82  ILE A CG2 1 
ATOM   563  C CD1 . ILE A 1 73  ? 8.085   -7.446  -1.625  1.00 13.43 ? 82  ILE A CD1 1 
ATOM   564  N N   . VAL A 1 74  ? 8.841   -12.255 -4.937  1.00 11.32 ? 83  VAL A N   1 
ATOM   565  C CA  . VAL A 1 74  ? 8.307   -12.974 -6.075  1.00 12.14 ? 83  VAL A CA  1 
ATOM   566  C C   . VAL A 1 74  ? 6.985   -13.490 -5.681  1.00 11.66 ? 83  VAL A C   1 
ATOM   567  O O   . VAL A 1 74  ? 6.865   -14.424 -4.828  1.00 12.47 ? 83  VAL A O   1 
ATOM   568  C CB  . VAL A 1 74  ? 9.267   -14.142 -6.520  1.00 13.06 ? 83  VAL A CB  1 
ATOM   569  C CG1 . VAL A 1 74  ? 8.728   -14.866 -7.689  1.00 14.99 ? 83  VAL A CG1 1 
ATOM   570  C CG2 . VAL A 1 74  ? 10.685  -13.535 -6.848  1.00 14.17 ? 83  VAL A CG2 1 
ATOM   571  N N   . CYS A 1 75  ? 5.923   -12.985 -6.290  1.00 10.94 ? 84  CYS A N   1 
ATOM   572  C CA  . CYS A 1 75  ? 4.552   -13.501 -6.070  1.00 11.46 ? 84  CYS A CA  1 
ATOM   573  C C   . CYS A 1 75  ? 4.451   -14.892 -6.680  1.00 12.40 ? 84  CYS A C   1 
ATOM   574  O O   . CYS A 1 75  ? 4.816   -15.095 -7.853  1.00 14.54 ? 84  CYS A O   1 
ATOM   575  C CB  . CYS A 1 75  ? 3.591   -12.594 -6.734  1.00 11.57 ? 84  CYS A CB  1 
ATOM   576  S SG  . CYS A 1 75  ? 3.436   -10.936 -5.942  1.00 10.32 ? 84  CYS A SG  1 
ATOM   577  N N   . GLU A 1 76  ? 3.996   -15.852 -5.888  1.00 11.65 ? 85  GLU A N   1 
ATOM   578  C CA  . GLU A 1 76  ? 3.870   -17.249 -6.391  1.00 12.28 ? 85  GLU A CA  1 
ATOM   579  C C   . GLU A 1 76  ? 2.488   -17.393 -6.997  1.00 13.10 ? 85  GLU A C   1 
ATOM   580  O O   . GLU A 1 76  ? 1.528   -16.617 -6.698  1.00 16.62 ? 85  GLU A O   1 
ATOM   581  C CB  . GLU A 1 76  ? 4.121   -18.213 -5.213  1.00 14.44 ? 85  GLU A CB  1 
ATOM   582  C CG  . GLU A 1 76  ? 5.628   -18.223 -4.876  1.00 15.45 ? 85  GLU A CG  1 
ATOM   583  C CD  . GLU A 1 76  ? 5.914   -18.914 -3.550  1.00 15.99 ? 85  GLU A CD  1 
ATOM   584  O OE1 . GLU A 1 76  ? 5.482   -18.407 -2.561  1.00 18.29 ? 85  GLU A OE1 1 
ATOM   585  O OE2 . GLU A 1 76  ? 6.648   -19.948 -3.577  1.00 18.80 ? 85  GLU A OE2 1 
ATOM   586  N N   . LYS A 1 77  ? 2.263   -18.367 -7.832  1.00 12.14 ? 86  LYS A N   1 
ATOM   587  C CA  . LYS A 1 77  ? 1.019   -18.558 -8.603  1.00 13.08 ? 86  LYS A CA  1 
ATOM   588  C C   . LYS A 1 77  ? -0.033  -19.145 -7.704  1.00 14.46 ? 86  LYS A C   1 
ATOM   589  O O   . LYS A 1 77  ? 0.090   -20.184 -7.115  1.00 15.83 ? 86  LYS A O   1 
ATOM   590  C CB  . LYS A 1 77  ? 1.247   -19.312 -9.872  1.00 15.49 ? 86  LYS A CB  1 
ATOM   591  C CG  . LYS A 1 77  ? 0.098   -19.368 -10.871 1.00 19.34 ? 86  LYS A CG  1 
ATOM   592  C CD  . LYS A 1 77  ? 0.525   -19.787 -12.295 1.00 20.68 ? 86  LYS A CD  1 
ATOM   593  C CE  . LYS A 1 77  ? -0.602  -20.120 -13.204 1.00 21.85 ? 86  LYS A CE  1 
ATOM   594  N NZ  . LYS A 1 77  ? -0.943  -21.478 -12.862 1.00 23.83 ? 86  LYS A NZ  1 
ATOM   595  N N   . GLY A 1 78  ? -1.258  -18.096 -7.461  1.00 15.61 ? 88  GLY A N   1 
ATOM   596  C CA  . GLY A 1 78  ? -2.468  -18.693 -6.978  1.00 11.02 ? 88  GLY A CA  1 
ATOM   597  C C   . GLY A 1 78  ? -3.539  -18.491 -8.040  1.00 9.88  ? 88  GLY A C   1 
ATOM   598  O O   . GLY A 1 78  ? -3.329  -18.701 -9.211  1.00 11.65 ? 88  GLY A O   1 
ATOM   599  N N   . THR A 1 79  ? -4.715  -18.088 -7.547  1.00 9.71  ? 89  THR A N   1 
ATOM   600  C CA  . THR A 1 79  ? -5.781  -17.681 -8.449  1.00 9.40  ? 89  THR A CA  1 
ATOM   601  C C   . THR A 1 79  ? -5.407  -16.393 -9.164  1.00 9.05  ? 89  THR A C   1 
ATOM   602  O O   . THR A 1 79  ? -4.470  -15.689 -8.738  1.00 9.52  ? 89  THR A O   1 
ATOM   603  C CB  . THR A 1 79  ? -7.108  -17.509 -7.710  1.00 8.97  ? 89  THR A CB  1 
ATOM   604  O OG1 . THR A 1 79  ? -6.968  -16.317 -6.889  1.00 8.95  ? 89  THR A OG1 1 
ATOM   605  C CG2 . THR A 1 79  ? -7.478  -18.705 -6.858  1.00 9.26  ? 89  THR A CG2 1 
ATOM   606  N N   . SER A 1 80  ? -6.117  -16.008 -10.230 1.00 9.23  ? 90  SER A N   1 
ATOM   607  C CA  . SER A 1 80  ? -5.815  -14.767 -10.915 1.00 9.49  ? 90  SER A CA  1 
ATOM   608  C C   . SER A 1 80  ? -5.966  -13.607 -9.946  1.00 9.19  ? 90  SER A C   1 
ATOM   609  O O   . SER A 1 80  ? -5.081  -12.714 -9.955  1.00 9.36  ? 90  SER A O   1 
ATOM   610  C CB  . SER A 1 80  ? -6.654  -14.550 -12.140 1.00 10.56 ? 90  SER A CB  1 
ATOM   611  O OG  . SER A 1 80  ? -7.954  -14.687 -11.967 1.00 13.12 ? 90  SER A OG  1 
ATOM   612  N N   . CYS A 1 81  ? -7.006  -13.544 -9.177  1.00 8.59  ? 91  CYS A N   1 
ATOM   613  C CA  . CYS A 1 81  ? -7.145  -12.484 -8.203  1.00 9.12  ? 91  CYS A CA  1 
ATOM   614  C C   . CYS A 1 81  ? -5.972  -12.430 -7.256  1.00 8.70  ? 91  CYS A C   1 
ATOM   615  O O   . CYS A 1 81  ? -5.456  -11.354 -6.956  1.00 8.83  ? 91  CYS A O   1 
ATOM   616  C CB  . CYS A 1 81  ? -8.432  -12.635 -7.394  1.00 8.53  ? 91  CYS A CB  1 
ATOM   617  S SG  . CYS A 1 81  ? -9.926  -11.971 -8.188  1.00 9.36  ? 91  CYS A SG  1 
ATOM   618  N N   . GLU A 1 82  ? -5.565  -13.581 -6.728  1.00 8.49  ? 92  GLU A N   1 
ATOM   619  C CA  . GLU A 1 82  ? -4.447  -13.606 -5.782  1.00 8.75  ? 92  GLU A CA  1 
ATOM   620  C C   . GLU A 1 82  ? -3.155  -13.083 -6.436  1.00 8.44  ? 92  GLU A C   1 
ATOM   621  O O   . GLU A 1 82  ? -2.421  -12.299 -5.778  1.00 8.89  ? 92  GLU A O   1 
ATOM   622  C CB  . GLU A 1 82  ? -4.283  -15.034 -5.248  1.00 8.71  ? 92  GLU A CB  1 
ATOM   623  C CG  . GLU A 1 82  ? -5.346  -15.347 -4.251  1.00 9.11  ? 92  GLU A CG  1 
ATOM   624  C CD  . GLU A 1 82  ? -5.590  -16.822 -3.995  1.00 9.03  ? 92  GLU A CD  1 
ATOM   625  O OE1 . GLU A 1 82  ? -4.917  -17.716 -4.580  1.00 9.09  ? 92  GLU A OE1 1 
ATOM   626  O OE2 . GLU A 1 82  ? -6.531  -17.130 -3.183  1.00 9.54  ? 92  GLU A OE2 1 
ATOM   627  N N   . ASN A 1 83  ? -2.884  -13.468 -7.642  1.00 9.18  ? 93  ASN A N   1 
ATOM   628  C CA  . ASN A 1 83  ? -1.694  -12.964 -8.342  1.00 9.49  ? 93  ASN A CA  1 
ATOM   629  C C   . ASN A 1 83  ? -1.734  -11.476 -8.490  1.00 8.71  ? 93  ASN A C   1 
ATOM   630  O O   . ASN A 1 83  ? -0.706  -10.779 -8.256  1.00 9.34  ? 93  ASN A O   1 
ATOM   631  C CB  . ASN A 1 83  ? -1.641  -13.627 -9.733  1.00 10.21 ? 93  ASN A CB  1 
ATOM   632  C CG  . ASN A 1 83  ? -1.524  -15.145 -9.709  1.00 11.77 ? 93  ASN A CG  1 
ATOM   633  O OD1 . ASN A 1 83  ? -1.093  -15.711 -8.750  1.00 11.93 ? 93  ASN A OD1 1 
ATOM   634  N ND2 . ASN A 1 83  ? -1.932  -15.780 -10.815 1.00 11.93 ? 93  ASN A ND2 1 
ATOM   635  N N   . ARG A 1 84  ? -2.873  -10.942 -8.858  1.00 8.66  ? 94  ARG A N   1 
ATOM   636  C CA  . ARG A 1 84  ? -3.024  -9.486  -9.118  1.00 8.71  ? 94  ARG A CA  1 
ATOM   637  C C   . ARG A 1 84  ? -2.955  -8.718  -7.793  1.00 8.88  ? 94  ARG A C   1 
ATOM   638  O O   . ARG A 1 84  ? -2.336  -7.632  -7.745  1.00 8.65  ? 94  ARG A O   1 
ATOM   639  C CB  . ARG A 1 84  ? -4.309  -9.225  -9.853  1.00 9.54  ? 94  ARG A CB  1 
ATOM   640  C CG  . ARG A 1 84  ? -4.363  -9.896  -11.235 1.00 10.30 ? 94  ARG A CG  1 
ATOM   641  C CD  . ARG A 1 84  ? -5.786  -10.022 -11.859 1.00 10.76 ? 94  ARG A CD  1 
ATOM   642  N NE  . ARG A 1 84  ? -6.083  -8.767  -12.468 1.00 11.77 ? 94  ARG A NE  1 
ATOM   643  C CZ  . ARG A 1 84  ? -7.304  -8.426  -12.905 1.00 12.21 ? 94  ARG A CZ  1 
ATOM   644  N NH1 . ARG A 1 84  ? -8.336  -9.269  -12.729 1.00 13.06 ? 94  ARG A NH1 1 
ATOM   645  N NH2 . ARG A 1 84  ? -7.512  -7.274  -13.551 1.00 14.80 ? 94  ARG A NH2 1 
ATOM   646  N N   . ILE A 1 85  ? -3.602  -9.207  -6.757  1.00 8.58  ? 95  ILE A N   1 
ATOM   647  C CA  . ILE A 1 85  ? -3.492  -8.580  -5.422  1.00 8.20  ? 95  ILE A CA  1 
ATOM   648  C C   . ILE A 1 85  ? -2.048  -8.568  -4.954  1.00 8.17  ? 95  ILE A C   1 
ATOM   649  O O   . ILE A 1 85  ? -1.552  -7.527  -4.475  1.00 8.40  ? 95  ILE A O   1 
ATOM   650  C CB  . ILE A 1 85  ? -4.385  -9.335  -4.419  1.00 8.68  ? 95  ILE A CB  1 
ATOM   651  C CG1 . ILE A 1 85  ? -5.873  -9.230  -4.765  1.00 8.70  ? 95  ILE A CG1 1 
ATOM   652  C CG2 . ILE A 1 85  ? -4.106  -8.821  -3.012  1.00 9.39  ? 95  ILE A CG2 1 
ATOM   653  C CD1 . ILE A 1 85  ? -6.725  -10.285 -4.136  1.00 9.74  ? 95  ILE A CD1 1 
ATOM   654  N N   . CYS A 1 86  ? -1.351  -9.684  -5.115  1.00 8.21  ? 96  CYS A N   1 
ATOM   655  C CA  . CYS A 1 86  ? 0.041   -9.765  -4.695  1.00 8.60  ? 96  CYS A CA  1 
ATOM   656  C C   . CYS A 1 86  ? 0.854   -8.711  -5.426  1.00 8.66  ? 96  CYS A C   1 
ATOM   657  O O   . CYS A 1 86  ? 1.713   -8.044  -4.800  1.00 8.65  ? 96  CYS A O   1 
ATOM   658  C CB  . CYS A 1 86  ? 0.603   -11.167 -4.938  1.00 9.18  ? 96  CYS A CB  1 
ATOM   659  S SG  . CYS A 1 86  ? 2.296   -11.348 -4.302  1.00 9.30  ? 96  CYS A SG  1 
ATOM   660  N N   . GLU A 1 87  ? 0.662   -8.541  -6.721  1.00 8.76  ? 97  GLU A N   1 
ATOM   661  C CA  . GLU A 1 87  ? 1.422   -7.533  -7.473  1.00 8.99  ? 97  GLU A CA  1 
ATOM   662  C C   . GLU A 1 87  ? 1.139   -6.134  -6.987  1.00 9.11  ? 97  GLU A C   1 
ATOM   663  O O   . GLU A 1 87  ? 2.080   -5.310  -6.934  1.00 8.73  ? 97  GLU A O   1 
ATOM   664  C CB  . GLU A 1 87  ? 1.191   -7.678  -8.974  1.00 9.59  ? 97  GLU A CB  1 
ATOM   665  C CG  . GLU A 1 87  ? 1.787   -8.960  -9.564  1.00 11.07 ? 97  GLU A CG  1 
ATOM   666  C CD  . GLU A 1 87  ? 3.289   -9.085  -9.519  1.00 10.62 ? 97  GLU A CD  1 
ATOM   667  O OE1 . GLU A 1 87  ? 4.004   -8.030  -9.518  1.00 12.26 ? 97  GLU A OE1 1 
ATOM   668  O OE2 . GLU A 1 87  ? 3.810   -10.227 -9.470  1.00 12.35 ? 97  GLU A OE2 1 
ATOM   669  N N   . CYS A 1 88  ? -0.084  -5.850  -6.647  1.00 7.72  ? 98  CYS A N   1 
ATOM   670  C CA  . CYS A 1 88  ? -0.405  -4.548  -6.066  1.00 8.49  ? 98  CYS A CA  1 
ATOM   671  C C   . CYS A 1 88  ? 0.321   -4.318  -4.747  1.00 8.71  ? 98  CYS A C   1 
ATOM   672  O O   . CYS A 1 88  ? 0.883   -3.232  -4.515  1.00 8.15  ? 98  CYS A O   1 
ATOM   673  C CB  . CYS A 1 88  ? -1.915  -4.413  -5.824  1.00 8.08  ? 98  CYS A CB  1 
ATOM   674  S SG  . CYS A 1 88  ? -2.945  -4.317  -7.292  1.00 8.96  ? 98  CYS A SG  1 
ATOM   675  N N   . ASP A 1 89  ? 0.327   -5.325  -3.886  1.00 8.58  ? 99  ASP A N   1 
ATOM   676  C CA  . ASP A 1 89  ? 0.946   -5.197  -2.538  1.00 8.51  ? 99  ASP A CA  1 
ATOM   677  C C   . ASP A 1 89  ? 2.418   -5.111  -2.651  1.00 8.35  ? 99  ASP A C   1 
ATOM   678  O O   . ASP A 1 89  ? 3.060   -4.276  -1.980  1.00 8.34  ? 99  ASP A O   1 
ATOM   679  C CB  . ASP A 1 89  ? 0.521   -6.375  -1.660  1.00 8.68  ? 99  ASP A CB  1 
ATOM   680  C CG  . ASP A 1 89  ? -0.908  -6.269  -1.143  1.00 8.17  ? 99  ASP A CG  1 
ATOM   681  O OD1 . ASP A 1 89  ? -1.629  -5.313  -1.526  1.00 8.47  ? 99  ASP A OD1 1 
ATOM   682  O OD2 . ASP A 1 89  ? -1.301  -7.159  -0.366  1.00 9.03  ? 99  ASP A OD2 1 
ATOM   683  N N   . LYS A 1 90  ? 3.046   -5.943  -3.486  1.00 8.34  ? 100 LYS A N   1 
ATOM   684  C CA  . LYS A 1 90  ? 4.463   -5.911  -3.750  1.00 8.51  ? 100 LYS A CA  1 
ATOM   685  C C   . LYS A 1 90  ? 4.908   -4.545  -4.196  1.00 8.56  ? 100 LYS A C   1 
ATOM   686  O O   . LYS A 1 90  ? 5.900   -3.995  -3.659  1.00 8.62  ? 100 LYS A O   1 
ATOM   687  C CB  . LYS A 1 90  ? 4.799   -6.956  -4.824  1.00 8.56  ? 100 LYS A CB  1 
ATOM   688  C CG  . LYS A 1 90  ? 6.248   -6.871  -5.336  1.00 9.55  ? 100 LYS A CG  1 
ATOM   689  C CD  . LYS A 1 90  ? 6.486   -7.885  -6.446  1.00 9.56  ? 100 LYS A CD  1 
ATOM   690  C CE  . LYS A 1 90  ? 7.851   -7.705  -7.067  1.00 10.66 ? 100 LYS A CE  1 
ATOM   691  N NZ  . LYS A 1 90  ? 8.100   -8.637  -8.189  1.00 11.22 ? 100 LYS A NZ  1 
ATOM   692  N N   . ALA A 1 91  ? 4.203   -3.953  -5.169  1.00 7.95  ? 101 ALA A N   1 
ATOM   693  C CA  . ALA A 1 91  ? 4.540   -2.630  -5.632  1.00 8.26  ? 101 ALA A CA  1 
ATOM   694  C C   . ALA A 1 91  ? 4.499   -1.602  -4.507  1.00 8.38  ? 101 ALA A C   1 
ATOM   695  O O   . ALA A 1 91  ? 5.386   -0.786  -4.369  1.00 8.43  ? 101 ALA A O   1 
ATOM   696  C CB  . ALA A 1 91  ? 3.593   -2.218  -6.768  1.00 9.00  ? 101 ALA A CB  1 
ATOM   697  N N   . ALA A 1 92  ? 3.426   -1.637  -3.725  1.00 8.19  ? 102 ALA A N   1 
ATOM   698  C CA  . ALA A 1 92  ? 3.306   -0.652  -2.623  1.00 9.20  ? 102 ALA A CA  1 
ATOM   699  C C   . ALA A 1 92  ? 4.388   -0.823  -1.557  1.00 8.35  ? 102 ALA A C   1 
ATOM   700  O O   . ALA A 1 92  ? 4.936   0.190   -1.086  1.00 9.48  ? 102 ALA A O   1 
ATOM   701  C CB  . ALA A 1 92  ? 1.948   -0.788  -1.960  1.00 9.14  ? 102 ALA A CB  1 
ATOM   702  N N   . ALA A 1 93  ? 4.753   -2.041  -1.244  1.00 9.07  ? 103 ALA A N   1 
ATOM   703  C CA  . ALA A 1 93  ? 5.797   -2.290  -0.233  1.00 9.88  ? 103 ALA A CA  1 
ATOM   704  C C   . ALA A 1 93  ? 7.141   -1.826  -0.737  1.00 9.56  ? 103 ALA A C   1 
ATOM   705  O O   . ALA A 1 93  ? 7.920   -1.203  0.038   1.00 9.61  ? 103 ALA A O   1 
ATOM   706  C CB  . ALA A 1 93  ? 5.801   -3.767  0.157   1.00 11.25 ? 103 ALA A CB  1 
ATOM   707  N N   . ILE A 1 94  ? 7.474   -2.068  -1.981  1.00 9.04  ? 104 ILE A N   1 
ATOM   708  C CA  . ILE A 1 94  ? 8.689   -1.557  -2.626  1.00 9.83  ? 104 ILE A CA  1 
ATOM   709  C C   . ILE A 1 94  ? 8.634   -0.043  -2.655  1.00 9.87  ? 104 ILE A C   1 
ATOM   710  O O   . ILE A 1 94  ? 9.668   0.612   -2.363  1.00 9.95  ? 104 ILE A O   1 
ATOM   711  C CB  . ILE A 1 94  ? 8.849   -2.150  -4.027  1.00 10.02 ? 104 ILE A CB  1 
ATOM   712  C CG1 . ILE A 1 94  ? 9.159   -3.647  -3.987  1.00 11.76 ? 104 ILE A CG1 1 
ATOM   713  C CG2 . ILE A 1 94  ? 9.911   -1.359  -4.813  1.00 12.06 ? 104 ILE A CG2 1 
ATOM   714  C CD1 . ILE A 1 94  ? 9.049   -4.351  -5.301  1.00 12.00 ? 104 ILE A CD1 1 
ATOM   715  N N   . CYS A 1 95  ? 7.515   0.557   -3.030  1.00 8.89  ? 105 CYS A N   1 
ATOM   716  C CA  . CYS A 1 95  ? 7.356   1.969   -3.043  1.00 8.63  ? 105 CYS A CA  1 
ATOM   717  C C   . CYS A 1 95  ? 7.594   2.585   -1.676  1.00 9.03  ? 105 CYS A C   1 
ATOM   718  O O   . CYS A 1 95  ? 8.280   3.633   -1.577  1.00 9.65  ? 105 CYS A O   1 
ATOM   719  C CB  . CYS A 1 95  ? 5.975   2.326   -3.583  1.00 9.41  ? 105 CYS A CB  1 
ATOM   720  S SG  . CYS A 1 95  ? 5.660   4.048   -3.891  1.00 9.72  ? 105 CYS A SG  1 
ATOM   721  N N   . PHE A 1 96  ? 7.048   1.995   -0.628  1.00 9.42  ? 106 PHE A N   1 
ATOM   722  C CA  . PHE A 1 96  ? 7.302   2.483   0.733   1.00 9.88  ? 106 PHE A CA  1 
ATOM   723  C C   . PHE A 1 96  ? 8.795   2.445   1.022   1.00 10.17 ? 106 PHE A C   1 
ATOM   724  O O   . PHE A 1 96  ? 9.355   3.425   1.574   1.00 10.46 ? 106 PHE A O   1 
ATOM   725  C CB  . PHE A 1 96  ? 6.571   1.663   1.763   1.00 10.96 ? 106 PHE A CB  1 
ATOM   726  C CG  . PHE A 1 96  ? 5.034   1.777   1.723   1.00 9.85  ? 106 PHE A CG  1 
ATOM   727  C CD1 . PHE A 1 96  ? 4.407   2.946   1.351   1.00 11.00 ? 106 PHE A CD1 1 
ATOM   728  C CD2 . PHE A 1 96  ? 4.276   0.700   2.158   1.00 10.67 ? 106 PHE A CD2 1 
ATOM   729  C CE1 . PHE A 1 96  ? 3.008   3.011   1.399   1.00 11.10 ? 106 PHE A CE1 1 
ATOM   730  C CE2 . PHE A 1 96  ? 2.886   0.761   2.175   1.00 11.27 ? 106 PHE A CE2 1 
ATOM   731  C CZ  . PHE A 1 96  ? 2.254   1.915   1.837   1.00 11.56 ? 106 PHE A CZ  1 
ATOM   732  N N   . ARG A 1 97  ? 9.450   1.364   0.716   1.00 10.21 ? 107 ARG A N   1 
ATOM   733  C CA  . ARG A 1 97  ? 10.910  1.224   0.916   1.00 10.63 ? 107 ARG A CA  1 
ATOM   734  C C   . ARG A 1 97  ? 11.641  2.305   0.179   1.00 11.09 ? 107 ARG A C   1 
ATOM   735  O O   . ARG A 1 97  ? 12.627  2.878   0.736   1.00 11.66 ? 107 ARG A O   1 
ATOM   736  C CB  . ARG A 1 97  ? 11.336  -0.176  0.499   1.00 11.35 ? 107 ARG A CB  1 
ATOM   737  C CG  . ARG A 1 97  ? 12.862  -0.405  0.632   1.00 13.09 ? 107 ARG A CG  1 
ATOM   738  C CD  . ARG A 1 97  ? 13.309  -0.471  2.055   1.00 13.33 ? 107 ARG A CD  1 
ATOM   739  N NE  . ARG A 1 97  ? 14.768  -0.635  2.229   1.00 14.94 ? 107 ARG A NE  1 
ATOM   740  C CZ  . ARG A 1 97  ? 15.560  0.383   2.217   1.00 17.36 ? 107 ARG A CZ  1 
ATOM   741  N NH1 . ARG A 1 97  ? 16.874  0.080   2.313   1.00 18.41 ? 107 ARG A NH1 1 
ATOM   742  N NH2 . ARG A 1 97  ? 15.088  1.607   2.167   1.00 17.32 ? 107 ARG A NH2 1 
ATOM   743  N N   . GLN A 1 98  ? 11.310  2.563   -1.078  1.00 10.56 ? 108 GLN A N   1 
ATOM   744  C CA  . GLN A 1 98  ? 11.942  3.570   -1.910  1.00 11.04 ? 108 GLN A CA  1 
ATOM   745  C C   . GLN A 1 98  ? 11.761  4.972   -1.372  1.00 10.75 ? 108 GLN A C   1 
ATOM   746  O O   . GLN A 1 98  ? 12.545  5.846   -1.693  1.00 13.68 ? 108 GLN A O   1 
ATOM   747  C CB  . GLN A 1 98  ? 11.407  3.475   -3.359  1.00 11.62 ? 108 GLN A CB  1 
ATOM   748  C CG  . GLN A 1 98  ? 12.130  4.267   -4.333  1.00 13.89 ? 108 GLN A CG  1 
ATOM   749  C CD  . GLN A 1 98  ? 12.033  3.720   -5.737  1.00 13.96 ? 108 GLN A CD  1 
ATOM   750  O OE1 . GLN A 1 98  ? 13.087  3.462   -6.439  1.00 16.47 ? 108 GLN A OE1 1 
ATOM   751  N NE2 . GLN A 1 98  ? 10.828  3.398   -6.201  1.00 12.83 ? 108 GLN A NE2 1 
ATOM   752  N N   . ASN A 1 99  ? 10.735  5.196   -0.578  1.00 11.78 ? 109 ASN A N   1 
ATOM   753  C CA  . ASN A 1 99  ? 10.369  6.571   -0.120  1.00 11.58 ? 109 ASN A CA  1 
ATOM   754  C C   . ASN A 1 99  ? 10.525  6.724   1.402   1.00 12.01 ? 109 ASN A C   1 
ATOM   755  O O   . ASN A 1 99  ? 10.058  7.773   1.923   1.00 12.16 ? 109 ASN A O   1 
ATOM   756  C CB  . ASN A 1 99  ? 9.010   6.959   -0.645  1.00 11.15 ? 109 ASN A CB  1 
ATOM   757  C CG  . ASN A 1 99  ? 9.082   7.106   -2.122  1.00 10.97 ? 109 ASN A CG  1 
ATOM   758  O OD1 . ASN A 1 99  ? 9.712   8.032   -2.650  1.00 11.90 ? 109 ASN A OD1 1 
ATOM   759  N ND2 . ASN A 1 99  ? 8.398   6.186   -2.884  1.00 11.52 ? 109 ASN A ND2 1 
ATOM   760  N N   . LEU A 1 100 ? 11.164  5.771   2.063   1.00 12.62 ? 110 LEU A N   1 
ATOM   761  C CA  . LEU A 1 100 ? 11.460  5.914   3.497   1.00 13.69 ? 110 LEU A CA  1 
ATOM   762  C C   . LEU A 1 100 ? 12.250  7.153   3.803   1.00 15.43 ? 110 LEU A C   1 
ATOM   763  O O   . LEU A 1 100 ? 12.079  7.767   4.892   1.00 15.46 ? 110 LEU A O   1 
ATOM   764  C CB  . LEU A 1 100 ? 12.209  4.729   4.027   1.00 15.38 ? 110 LEU A CB  1 
ATOM   765  C CG  . LEU A 1 100 ? 11.352  3.565   4.405   1.00 15.67 ? 110 LEU A CG  1 
ATOM   766  C CD1 . LEU A 1 100 ? 12.248  2.408   4.820   1.00 16.74 ? 110 LEU A CD1 1 
ATOM   767  C CD2 . LEU A 1 100 ? 10.350  3.851   5.538   1.00 15.58 ? 110 LEU A CD2 1 
ATOM   768  N N   . ASN A 1 101 ? 13.073  7.609   2.893   1.00 14.56 ? 111 ASN A N   1 
ATOM   769  C CA  . ASN A 1 101 ? 13.860  8.818   3.031   1.00 17.05 ? 111 ASN A CA  1 
ATOM   770  C C   . ASN A 1 101 ? 13.084  10.053  3.188   1.00 17.46 ? 111 ASN A C   1 
ATOM   771  O O   . ASN A 1 101 ? 13.624  11.079  3.682   1.00 18.90 ? 111 ASN A O   1 
ATOM   772  C CB  . ASN A 1 101 ? 14.879  8.928   1.907   1.00 21.16 ? 111 ASN A CB  1 
ATOM   773  C CG  . ASN A 1 101 ? 14.269  9.329   0.597   1.00 19.53 ? 111 ASN A CG  1 
ATOM   774  O OD1 . ASN A 1 101 ? 13.227  8.749   0.170   1.00 22.05 ? 111 ASN A OD1 1 
ATOM   775  N ND2 . ASN A 1 101 ? 14.923  10.302  -0.099  1.00 24.22 ? 111 ASN A ND2 1 
ATOM   776  N N   . THR A 1 102 ? 11.825  10.099  2.765   1.00 14.65 ? 112 THR A N   1 
ATOM   777  C CA  . THR A 1 102 ? 11.008  11.279  2.905   1.00 14.71 ? 112 THR A CA  1 
ATOM   778  C C   . THR A 1 102 ? 9.751   11.029  3.754   1.00 15.07 ? 112 THR A C   1 
ATOM   779  O O   . THR A 1 102 ? 8.924   11.931  3.937   1.00 15.25 ? 112 THR A O   1 
ATOM   780  C CB  . THR A 1 102 ? 10.638  11.901  1.593   1.00 14.47 ? 112 THR A CB  1 
ATOM   781  O OG1 . THR A 1 102 ? 9.840   10.919  0.845   1.00 14.52 ? 112 THR A OG1 1 
ATOM   782  C CG2 . THR A 1 102 ? 11.872  12.324  0.788   1.00 15.18 ? 112 THR A CG2 1 
ATOM   783  N N   . TYR A 1 103 ? 9.624   9.826   4.301   1.00 13.15 ? 113 TYR A N   1 
ATOM   784  C CA  . TYR A 1 103 ? 8.494   9.548   5.258   1.00 13.64 ? 113 TYR A CA  1 
ATOM   785  C C   . TYR A 1 103 ? 8.497   10.605  6.350   1.00 14.50 ? 113 TYR A C   1 
ATOM   786  O O   . TYR A 1 103 ? 9.576   10.876  6.971   1.00 15.59 ? 113 TYR A O   1 
ATOM   787  C CB  . TYR A 1 103 ? 8.694   8.150   5.831   1.00 14.21 ? 113 TYR A CB  1 
ATOM   788  C CG  . TYR A 1 103 ? 7.596   7.721   6.753   1.00 13.77 ? 113 TYR A CG  1 
ATOM   789  C CD1 . TYR A 1 103 ? 7.534   8.170   8.116   1.00 15.17 ? 113 TYR A CD1 1 
ATOM   790  C CD2 . TYR A 1 103 ? 6.596   6.866   6.329   1.00 13.25 ? 113 TYR A CD2 1 
ATOM   791  C CE1 . TYR A 1 103 ? 6.521   7.783   8.932   1.00 16.07 ? 113 TYR A CE1 1 
ATOM   792  C CE2 . TYR A 1 103 ? 5.531   6.460   7.173   1.00 13.37 ? 113 TYR A CE2 1 
ATOM   793  C CZ  . TYR A 1 103 ? 5.539   6.940   8.477   1.00 14.53 ? 113 TYR A CZ  1 
ATOM   794  O OH  . TYR A 1 103 ? 4.527   6.594   9.344   1.00 15.34 ? 113 TYR A OH  1 
ATOM   795  N N   . SER A 1 104 ? 7.340   11.173  6.695   1.00 13.64 ? 114 SER A N   1 
ATOM   796  C CA  . SER A 1 104 ? 7.269   12.261  7.751   1.00 13.91 ? 114 SER A CA  1 
ATOM   797  C C   . SER A 1 104 ? 6.152   11.871  8.684   1.00 15.39 ? 114 SER A C   1 
ATOM   798  O O   . SER A 1 104 ? 4.973   11.712  8.358   1.00 15.30 ? 114 SER A O   1 
ATOM   799  C CB  . SER A 1 104 ? 6.935   13.531  7.099   1.00 16.38 ? 114 SER A CB  1 
ATOM   800  O OG  . SER A 1 104 ? 7.946   13.992  6.196   1.00 19.59 ? 114 SER A OG  1 
ATOM   801  N N   . LYS A 1 105 ? 6.536   11.796  9.963   1.00 16.85 ? 115 LYS A N   1 
ATOM   802  C CA  . LYS A 1 105 ? 5.607   11.471  11.075  1.00 17.68 ? 115 LYS A CA  1 
ATOM   803  C C   . LYS A 1 105 ? 4.506   12.523  11.163  1.00 17.09 ? 115 LYS A C   1 
ATOM   804  O O   . LYS A 1 105 ? 3.444   12.156  11.641  1.00 18.91 ? 115 LYS A O   1 
ATOM   805  C CB  . LYS A 1 105 ? 6.375   11.273  12.429  1.00 19.98 ? 115 LYS A CB  1 
ATOM   806  C CG  . LYS A 1 105 ? 7.313   10.123  12.349  1.00 21.09 ? 115 LYS A CG  1 
ATOM   807  C CD  . LYS A 1 105 ? 8.185   10.123  13.630  1.00 24.13 ? 115 LYS A CD  1 
ATOM   808  C CE  . LYS A 1 105 ? 7.630   9.159   14.637  1.00 25.05 ? 115 LYS A CE  1 
ATOM   809  N NZ  . LYS A 1 105 ? 8.786   8.622   15.392  1.00 26.14 ? 115 LYS A NZ  1 
ATOM   810  N N   . LYS A 1 106 ? 4.660   13.733  10.672  1.00 17.48 ? 116 LYS A N   1 
ATOM   811  C CA  . LYS A 1 106 ? 3.551   14.711  10.674  1.00 20.05 ? 116 LYS A CA  1 
ATOM   812  C C   . LYS A 1 106 ? 2.324   14.262  9.904   1.00 20.06 ? 116 LYS A C   1 
ATOM   813  O O   . LYS A 1 106 ? 1.229   14.810  10.091  1.00 18.71 ? 116 LYS A O   1 
ATOM   814  C CB  . LYS A 1 106 ? 4.007   16.094  10.184  1.00 22.02 ? 116 LYS A CB  1 
ATOM   815  C CG  . LYS A 1 106 ? 4.199   16.200  8.725   1.00 21.22 ? 116 LYS A CG  1 
ATOM   816  C CD  . LYS A 1 106 ? 4.782   17.532  8.291   1.00 24.10 ? 116 LYS A CD  1 
ATOM   817  C CE  . LYS A 1 106 ? 5.144   17.569  6.826   1.00 23.54 ? 116 LYS A CE  1 
ATOM   818  N NZ  . LYS A 1 106 ? 6.163   18.639  6.480   1.00 25.29 ? 116 LYS A NZ  1 
ATOM   819  N N   . TYR A 1 107 ? 2.502   13.278  8.983   1.00 16.92 ? 117 TYR A N   1 
ATOM   820  C CA  . TYR A 1 107 ? 1.360   12.817  8.182   1.00 15.66 ? 117 TYR A CA  1 
ATOM   821  C C   . TYR A 1 107 ? 0.668   11.630  8.783   1.00 14.09 ? 117 TYR A C   1 
ATOM   822  O O   . TYR A 1 107 ? -0.360  11.210  8.283   1.00 14.72 ? 117 TYR A O   1 
ATOM   823  C CB  . TYR A 1 107 ? 1.834   12.529  6.742   1.00 16.09 ? 117 TYR A CB  1 
ATOM   824  C CG  . TYR A 1 107 ? 2.251   13.773  5.984   1.00 15.93 ? 117 TYR A CG  1 
ATOM   825  C CD1 . TYR A 1 107 ? 1.425   14.936  5.939   1.00 16.79 ? 117 TYR A CD1 1 
ATOM   826  C CD2 . TYR A 1 107 ? 3.470   13.793  5.239   1.00 15.26 ? 117 TYR A CD2 1 
ATOM   827  C CE1 . TYR A 1 107 ? 1.856   16.073  5.240   1.00 18.75 ? 117 TYR A CE1 1 
ATOM   828  C CE2 . TYR A 1 107 ? 3.813   14.910  4.505   1.00 17.96 ? 117 TYR A CE2 1 
ATOM   829  C CZ  . TYR A 1 107 ? 3.035   16.057  4.569   1.00 18.86 ? 117 TYR A CZ  1 
ATOM   830  O OH  . TYR A 1 107 ? 3.387   17.149  3.818   1.00 19.45 ? 117 TYR A OH  1 
ATOM   831  N N   . MET A 1 108 ? 1.150   11.087  9.885   1.00 14.64 ? 118 MET A N   1 
ATOM   832  C CA  . MET A 1 108 ? 0.356   10.020  10.575  1.00 16.02 ? 118 MET A CA  1 
ATOM   833  C C   . MET A 1 108 ? -0.923  10.679  11.152  1.00 13.81 ? 118 MET A C   1 
ATOM   834  O O   . MET A 1 108 ? -0.811  11.798  11.776  1.00 16.39 ? 118 MET A O   1 
ATOM   835  C CB  . MET A 1 108 ? 1.157   9.362   11.678  1.00 16.13 ? 118 MET A CB  1 
ATOM   836  C CG  . MET A 1 108 ? 2.329   8.523   11.112  1.00 17.25 ? 118 MET A CG  1 
ATOM   837  S SD  . MET A 1 108 ? 3.552   8.051   12.390  1.00 18.95 ? 118 MET A SD  1 
ATOM   838  C CE  . MET A 1 108 ? 2.511   6.922   13.360  1.00 18.21 ? 118 MET A CE  1 
ATOM   839  N N   . LEU A 1 109 ? -2.024  9.987   11.079  1.00 15.44 ? 119 LEU A N   1 
ATOM   840  C CA  . LEU A 1 109 ? -3.337  10.486  11.577  1.00 15.22 ? 119 LEU A CA  1 
ATOM   841  C C   . LEU A 1 109 ? -3.689  11.783  10.875  1.00 17.10 ? 119 LEU A C   1 
ATOM   842  O O   . LEU A 1 109 ? -4.446  12.587  11.406  1.00 15.59 ? 119 LEU A O   1 
ATOM   843  C CB  . LEU A 1 109 ? -3.378  10.676  13.126  1.00 15.18 ? 119 LEU A CB  1 
ATOM   844  C CG  . LEU A 1 109 ? -2.931  9.421   13.919  1.00 15.82 ? 119 LEU A CG  1 
ATOM   845  C CD1 . LEU A 1 109 ? -2.956  9.690   15.411  1.00 18.50 ? 119 LEU A CD1 1 
ATOM   846  C CD2 . LEU A 1 109 ? -3.748  8.210   13.673  1.00 17.48 ? 119 LEU A CD2 1 
ATOM   847  N N   . TYR A 1 110 ? -3.260  12.016  9.627   1.00 15.63 ? 120 TYR A N   1 
ATOM   848  C CA  . TYR A 1 110 ? -3.504  13.271  8.929   1.00 14.62 ? 120 TYR A CA  1 
ATOM   849  C C   . TYR A 1 110 ? -5.038  13.451  8.833   1.00 13.87 ? 120 TYR A C   1 
ATOM   850  O O   . TYR A 1 110 ? -5.785  12.525  8.479   1.00 13.80 ? 120 TYR A O   1 
ATOM   851  C CB  . TYR A 1 110 ? -2.886  13.163  7.479   1.00 15.82 ? 120 TYR A CB  1 
ATOM   852  C CG  . TYR A 1 110 ? -2.816  14.536  6.814   1.00 16.04 ? 120 TYR A CG  1 
ATOM   853  C CD1 . TYR A 1 110 ? -1.936  15.515  7.275   1.00 17.29 ? 120 TYR A CD1 1 
ATOM   854  C CD2 . TYR A 1 110 ? -3.564  14.780  5.716   1.00 15.29 ? 120 TYR A CD2 1 
ATOM   855  C CE1 . TYR A 1 110 ? -1.839  16.692  6.674   1.00 16.79 ? 120 TYR A CE1 1 
ATOM   856  C CE2 . TYR A 1 110 ? -3.529  15.977  5.046   1.00 16.80 ? 120 TYR A CE2 1 
ATOM   857  C CZ  . TYR A 1 110 ? -2.646  16.932  5.534   1.00 17.73 ? 120 TYR A CZ  1 
ATOM   858  O OH  . TYR A 1 110 ? -2.511  18.141  4.887   1.00 18.32 ? 120 TYR A OH  1 
ATOM   859  N N   . PRO A 1 111 ? -5.554  14.652  9.100   1.00 13.73 ? 121 PRO A N   1 
ATOM   860  C CA  . PRO A 1 111 ? -7.020  14.850  9.123   1.00 12.98 ? 121 PRO A CA  1 
ATOM   861  C C   . PRO A 1 111 ? -7.588  14.877  7.726   1.00 12.52 ? 121 PRO A C   1 
ATOM   862  O O   . PRO A 1 111 ? -7.017  15.604  6.849   1.00 13.35 ? 121 PRO A O   1 
ATOM   863  C CB  . PRO A 1 111 ? -7.184  16.207  9.808   1.00 13.80 ? 121 PRO A CB  1 
ATOM   864  C CG  . PRO A 1 111 ? -5.899  16.874  9.685   1.00 16.72 ? 121 PRO A CG  1 
ATOM   865  C CD  . PRO A 1 111 ? -4.824  15.806  9.671   1.00 14.04 ? 121 PRO A CD  1 
ATOM   866  N N   . ASP A 1 112 ? -8.715  14.216  7.534   1.00 12.96 ? 122 ASP A N   1 
ATOM   867  C CA  . ASP A 1 112 ? -9.298  14.069  6.203   1.00 13.76 ? 122 ASP A CA  1 
ATOM   868  C C   . ASP A 1 112 ? -9.520  15.410  5.579   1.00 16.59 ? 122 ASP A C   1 
ATOM   869  O O   . ASP A 1 112 ? -9.369  15.517  4.322   1.00 17.08 ? 122 ASP A O   1 
ATOM   870  C CB  . ASP A 1 112 ? -10.644 13.412  6.425   1.00 14.95 ? 122 ASP A CB  1 
ATOM   871  C CG  . ASP A 1 112 ? -11.418 13.191  5.118   1.00 15.80 ? 122 ASP A CG  1 
ATOM   872  O OD1 . ASP A 1 112 ? -11.145 12.163  4.413   1.00 20.09 ? 122 ASP A OD1 1 
ATOM   873  O OD2 . ASP A 1 112 ? -12.280 13.978  4.873   1.00 16.30 ? 122 ASP A OD2 1 
ATOM   874  N N   . PHE A 1 113 ? -10.033 16.576  6.357   1.00 15.48 ? 124 PHE A N   1 
ATOM   875  C CA  . PHE A 1 113 ? -10.536 17.719  5.582   1.00 14.52 ? 124 PHE A CA  1 
ATOM   876  C C   . PHE A 1 113 ? -9.368  18.461  4.920   1.00 15.74 ? 124 PHE A C   1 
ATOM   877  O O   . PHE A 1 113 ? -9.666  19.356  4.102   1.00 16.72 ? 124 PHE A O   1 
ATOM   878  C CB  . PHE A 1 113 ? -11.364 18.664  6.522   1.00 15.91 ? 124 PHE A CB  1 
ATOM   879  C CG  . PHE A 1 113 ? -10.521 19.515  7.375   1.00 15.63 ? 124 PHE A CG  1 
ATOM   880  C CD1 . PHE A 1 113 ? -9.637  18.979  8.222   1.00 15.08 ? 124 PHE A CD1 1 
ATOM   881  C CD2 . PHE A 1 113 ? -10.706 20.902  7.327   1.00 19.52 ? 124 PHE A CD2 1 
ATOM   882  C CE1 . PHE A 1 113 ? -8.885  19.777  9.068   1.00 17.74 ? 124 PHE A CE1 1 
ATOM   883  C CE2 . PHE A 1 113 ? -9.930  21.723  8.153   1.00 20.60 ? 124 PHE A CE2 1 
ATOM   884  C CZ  . PHE A 1 113 ? -9.032  21.181  9.008   1.00 19.69 ? 124 PHE A CZ  1 
ATOM   885  N N   . LEU A 1 114 ? -8.130  18.187  5.300   1.00 16.32 ? 125 LEU A N   1 
ATOM   886  C CA  . LEU A 1 114 ? -6.970  18.801  4.662   1.00 18.41 ? 125 LEU A CA  1 
ATOM   887  C C   . LEU A 1 114 ? -6.564  18.216  3.373   1.00 20.88 ? 125 LEU A C   1 
ATOM   888  O O   . LEU A 1 114 ? -5.564  18.696  2.722   1.00 22.62 ? 125 LEU A O   1 
ATOM   889  C CB  . LEU A 1 114 ? -5.773  18.845  5.567   1.00 18.47 ? 125 LEU A CB  1 
ATOM   890  C CG  . LEU A 1 114 ? -5.928  19.646  6.892   1.00 19.73 ? 125 LEU A CG  1 
ATOM   891  C CD1 . LEU A 1 114 ? -4.680  19.698  7.732   1.00 21.76 ? 125 LEU A CD1 1 
ATOM   892  C CD2 . LEU A 1 114 ? -6.250  21.084  6.515   1.00 22.19 ? 125 LEU A CD2 1 
ATOM   893  N N   . CYS A 1 115 ? -7.280  17.222  2.982   1.00 15.79 ? 126 CYS A N   1 
ATOM   894  C CA  . CYS A 1 115 ? -6.961  16.491  1.711   1.00 17.20 ? 126 CYS A CA  1 
ATOM   895  C C   . CYS A 1 115 ? -7.588  17.260  0.544   1.00 17.40 ? 126 CYS A C   1 
ATOM   896  O O   . CYS A 1 115 ? -8.637  16.828  -0.059  1.00 21.65 ? 126 CYS A O   1 
ATOM   897  C CB  . CYS A 1 115 ? -7.432  15.051  1.906   1.00 17.07 ? 126 CYS A CB  1 
ATOM   898  S SG  . CYS A 1 115 ? -6.292  14.216  3.014   1.00 14.48 ? 126 CYS A SG  1 
ATOM   899  N N   . LYS A 1 116 ? -6.961  18.399  0.209   1.00 21.40 ? 127 LYS A N   1 
ATOM   900  C CA  . LYS A 1 116 ? -7.576  19.270  -0.803  1.00 23.10 ? 127 LYS A CA  1 
ATOM   901  C C   . LYS A 1 116 ? -7.109  18.809  -2.133  1.00 23.65 ? 127 LYS A C   1 
ATOM   902  O O   . LYS A 1 116 ? -6.078  18.118  -2.232  1.00 24.40 ? 127 LYS A O   1 
ATOM   903  C CB  . LYS A 1 116 ? -7.128  20.745  -0.607  1.00 27.08 ? 127 LYS A CB  1 
ATOM   904  C CG  . LYS A 1 116 ? -7.031  21.183  0.861   1.00 26.64 ? 127 LYS A CG  1 
ATOM   905  C CD  . LYS A 1 116 ? -6.293  22.540  0.969   1.00 30.57 ? 127 LYS A CD  1 
ATOM   906  C CE  . LYS A 1 116 ? -5.031  22.731  0.079   1.00 27.52 ? 127 LYS A CE  1 
ATOM   907  N NZ  . LYS A 1 116 ? -3.815  21.876  0.426   1.00 31.48 ? 127 LYS A NZ  1 
ATOM   908  N N   . GLY A 1 117 ? -7.795  19.254  -3.194  1.00 24.80 ? 128 GLY A N   1 
ATOM   909  C CA  . GLY A 1 117 ? -7.385  18.963  -4.604  1.00 24.75 ? 128 GLY A CA  1 
ATOM   910  C C   . GLY A 1 117 ? -7.999  17.692  -5.106  1.00 23.98 ? 128 GLY A C   1 
ATOM   911  O O   . GLY A 1 117 ? -8.890  17.117  -4.455  1.00 25.88 ? 128 GLY A O   1 
ATOM   912  N N   . GLU A 1 118 ? -7.576  17.260  -6.290  1.00 25.74 ? 129 GLU A N   1 
ATOM   913  C CA  . GLU A 1 118 ? -8.184  16.137  -6.957  1.00 26.16 ? 129 GLU A CA  1 
ATOM   914  C C   . GLU A 1 118 ? -7.129  15.366  -7.721  1.00 26.47 ? 129 GLU A C   1 
ATOM   915  O O   . GLU A 1 118 ? -6.209  15.985  -8.278  1.00 22.48 ? 129 GLU A O   1 
ATOM   916  C CB  . GLU A 1 118 ? -9.292  16.635  -7.906  1.00 32.20 ? 129 GLU A CB  1 
ATOM   917  C CG  . GLU A 1 118 ? -10.718 16.464  -7.365  1.00 40.10 ? 129 GLU A CG  1 
ATOM   918  C CD  . GLU A 1 118 ? -11.628 17.552  -7.925  1.00 41.24 ? 129 GLU A CD  1 
ATOM   919  O OE1 . GLU A 1 118 ? -11.348 18.101  -9.052  1.00 47.17 ? 129 GLU A OE1 1 
ATOM   920  O OE2 . GLU A 1 118 ? -12.624 17.898  -7.241  1.00 43.59 ? 129 GLU A OE2 1 
ATOM   921  N N   . LEU A 1 119 ? -7.272  14.038  -7.735  1.00 23.13 ? 130 LEU A N   1 
ATOM   922  C CA  . LEU A 1 119 ? -6.356  13.129  -8.504  1.00 22.52 ? 130 LEU A CA  1 
ATOM   923  C C   . LEU A 1 119 ? -7.094  11.920  -9.015  1.00 22.39 ? 130 LEU A C   1 
ATOM   924  O O   . LEU A 1 119 ? -7.545  11.065  -8.227  1.00 23.38 ? 130 LEU A O   1 
ATOM   925  C CB  . LEU A 1 119 ? -5.091  12.765  -7.700  1.00 22.47 ? 130 LEU A CB  1 
ATOM   926  C CG  . LEU A 1 119 ? -3.943  12.211  -8.503  1.00 20.60 ? 130 LEU A CG  1 
ATOM   927  C CD1 . LEU A 1 119 ? -3.349  13.258  -9.467  1.00 24.04 ? 130 LEU A CD1 1 
ATOM   928  C CD2 . LEU A 1 119 ? -2.863  11.673  -7.550  1.00 22.29 ? 130 LEU A CD2 1 
ATOM   929  N N   . LYS A 1 120 ? -7.147  11.764  -10.324 1.00 20.67 ? 131 LYS A N   1 
ATOM   930  C CA  . LYS A 1 120 ? -7.721  10.622  -11.022 1.00 20.94 ? 131 LYS A CA  1 
ATOM   931  C C   . LYS A 1 120 ? -6.669  9.474   -11.213 1.00 17.02 ? 131 LYS A C   1 
ATOM   932  O O   . LYS A 1 120 ? -5.533  9.708   -11.431 1.00 16.35 ? 131 LYS A O   1 
ATOM   933  C CB  . LYS A 1 120 ? -8.268  11.045  -12.414 1.00 22.64 ? 131 LYS A CB  1 
ATOM   934  C CG  . LYS A 1 120 ? -8.875  9.964   -13.227 1.00 27.67 ? 131 LYS A CG  1 
ATOM   935  C CD  . LYS A 1 120 ? -8.572  10.255  -14.686 1.00 28.01 ? 131 LYS A CD  1 
ATOM   936  C CE  . LYS A 1 120 ? -9.802  10.014  -15.567 1.00 27.30 ? 131 LYS A CE  1 
ATOM   937  N NZ  . LYS A 1 120 ? -10.120 8.603   -15.873 1.00 26.32 ? 131 LYS A NZ  1 
ATOM   938  N N   . CYS A 1 121 ? -7.277  7.964   -11.106 1.00 18.22 ? 133 CYS A N   1 
ATOM   939  C CA  . CYS A 1 121 ? -6.234  6.984   -11.245 1.00 15.43 ? 133 CYS A CA  1 
ATOM   940  C C   . CYS A 1 121 ? -5.811  6.896   -12.657 1.00 16.01 ? 133 CYS A C   1 
ATOM   941  O O   . CYS A 1 121 ? -4.715  6.613   -12.927 1.00 17.10 ? 133 CYS A O   1 
ATOM   942  C CB  . CYS A 1 121 ? -6.793  5.621   -10.977 1.00 16.53 ? 133 CYS A CB  1 
ATOM   943  S SG  . CYS A 1 121 ? -7.217  5.437   -9.206  1.00 14.08 ? 133 CYS A SG  1 
ATOM   944  O OXT . CYS A 1 121 ? -6.673  7.213   -13.586 1.00 18.92 ? 133 CYS A OXT 1 
HETATM 945  S S   . SO4 B 2 .   ? -0.459  -16.948 5.264   1.00 19.72 ? 201 SO4 A S   1 
HETATM 946  O O1  . SO4 B 2 .   ? -1.656  -17.814 5.603   1.00 20.30 ? 201 SO4 A O1  1 
HETATM 947  O O2  . SO4 B 2 .   ? -0.947  -15.522 5.254   1.00 19.62 ? 201 SO4 A O2  1 
HETATM 948  O O3  . SO4 B 2 .   ? 0.616   -17.149 6.326   1.00 23.99 ? 201 SO4 A O3  1 
HETATM 949  O O4  . SO4 B 2 .   ? 0.083   -17.303 3.925   1.00 20.71 ? 201 SO4 A O4  1 
HETATM 950  C C1  . STL C 3 .   ? -2.740  -3.883  7.842   1.00 37.45 ? 202 STL A C1  1 
HETATM 951  C C2  . STL C 3 .   ? -3.892  -3.902  8.615   1.00 37.15 ? 202 STL A C2  1 
HETATM 952  C C3  . STL C 3 .   ? -4.957  -3.020  8.317   1.00 36.09 ? 202 STL A C3  1 
HETATM 953  C C4  . STL C 3 .   ? -4.861  -2.087  7.228   1.00 31.48 ? 202 STL A C4  1 
HETATM 954  C C5  . STL C 3 .   ? -3.692  -2.091  6.435   1.00 33.31 ? 202 STL A C5  1 
HETATM 955  C C6  . STL C 3 .   ? -2.629  -2.993  6.725   1.00 35.88 ? 202 STL A C6  1 
HETATM 956  C C7  . STL C 3 .   ? -3.567  -1.205  5.269   1.00 34.35 ? 202 STL A C7  1 
HETATM 957  C C8  . STL C 3 .   ? -2.814  -0.145  5.047   1.00 32.92 ? 202 STL A C8  1 
HETATM 958  C C9  . STL C 3 .   ? -2.911  0.460   3.685   1.00 28.81 ? 202 STL A C9  1 
HETATM 959  C C10 . STL C 3 .   ? -1.720  0.678   2.958   1.00 29.40 ? 202 STL A C10 1 
HETATM 960  C C11 . STL C 3 .   ? -1.842  1.234   1.637   1.00 27.10 ? 202 STL A C11 1 
HETATM 961  C C12 . STL C 3 .   ? -3.103  1.635   1.113   1.00 27.11 ? 202 STL A C12 1 
HETATM 962  C C13 . STL C 3 .   ? -4.285  1.449   1.856   1.00 28.74 ? 202 STL A C13 1 
HETATM 963  C C14 . STL C 3 .   ? -4.158  0.823   3.128   1.00 31.47 ? 202 STL A C14 1 
HETATM 964  O O1  . STL C 3 .   ? -3.135  2.143   -0.160  1.00 18.02 ? 202 STL A O1  1 
HETATM 965  O O2  . STL C 3 .   ? -6.063  -3.066  9.139   1.00 36.51 ? 202 STL A O2  1 
HETATM 966  O O3  . STL C 3 .   ? -1.780  -4.769  8.209   1.00 38.28 ? 202 STL A O3  1 
HETATM 967  O O   . HOH D 4 .   ? 11.028  9.921   -1.258  1.00 14.83 ? 301 HOH A O   1 
HETATM 968  O O   . HOH D 4 .   ? 1.847   1.371   -4.700  1.00 9.58  ? 302 HOH A O   1 
HETATM 969  O O   . HOH D 4 .   ? 15.946  2.133   -6.244  1.00 26.34 ? 303 HOH A O   1 
HETATM 970  O O   . HOH D 4 .   ? 1.495   -3.248  -9.177  1.00 9.20  ? 304 HOH A O   1 
HETATM 971  O O   . HOH D 4 .   ? 4.467   -5.487  -8.473  1.00 9.96  ? 305 HOH A O   1 
HETATM 972  O O   . HOH D 4 .   ? -8.010  -17.997 -11.132 1.00 10.94 ? 306 HOH A O   1 
HETATM 973  O O   . HOH D 4 .   ? 7.294   10.088  1.626   1.00 11.78 ? 307 HOH A O   1 
HETATM 974  O O   . HOH D 4 .   ? 7.998   13.018  -0.833  1.00 17.45 ? 308 HOH A O   1 
HETATM 975  O O   . HOH D 4 .   ? 0.356   -0.654  -5.810  1.00 9.39  ? 309 HOH A O   1 
HETATM 976  O O   . HOH D 4 .   ? -9.479  -18.268 -3.755  1.00 10.51 ? 310 HOH A O   1 
HETATM 977  O O   . HOH D 4 .   ? 5.322   7.165   -4.781  1.00 11.18 ? 311 HOH A O   1 
HETATM 978  O O   . HOH D 4 .   ? -7.470  -16.801 1.043   1.00 12.92 ? 312 HOH A O   1 
HETATM 979  O O   . HOH D 4 .   ? -3.740  -8.184  0.188   1.00 10.19 ? 313 HOH A O   1 
HETATM 980  O O   . HOH D 4 .   ? -12.760 -12.701 -5.464  1.00 10.52 ? 314 HOH A O   1 
HETATM 981  O O   . HOH D 4 .   ? -11.533 -8.019  -10.709 1.00 13.74 ? 315 HOH A O   1 
HETATM 982  O O   . HOH D 4 .   ? -9.323  -15.056 -9.758  1.00 11.39 ? 316 HOH A O   1 
HETATM 983  O O   . HOH D 4 .   ? 1.000   -0.589  -8.532  1.00 9.26  ? 317 HOH A O   1 
HETATM 984  O O   . HOH D 4 .   ? 1.651   20.055  4.093   1.00 39.14 ? 318 HOH A O   1 
HETATM 985  O O   . HOH D 4 .   ? -8.833  -11.936 -11.648 1.00 15.93 ? 319 HOH A O   1 
HETATM 986  O O   . HOH D 4 .   ? 6.318   -11.004 -8.414  1.00 12.43 ? 320 HOH A O   1 
HETATM 987  O O   . HOH D 4 .   ? -2.142  -6.201  -10.142 1.00 11.44 ? 321 HOH A O   1 
HETATM 988  O O   . HOH D 4 .   ? -9.203  -15.904 -5.380  1.00 9.11  ? 322 HOH A O   1 
HETATM 989  O O   . HOH D 4 .   ? 6.609   -7.693  -10.383 1.00 15.28 ? 323 HOH A O   1 
HETATM 990  O O   . HOH D 4 .   ? 8.075   3.392   -6.151  1.00 11.78 ? 324 HOH A O   1 
HETATM 991  O O   . HOH D 4 .   ? 6.211   5.694   11.458  1.00 18.18 ? 325 HOH A O   1 
HETATM 992  O O   . HOH D 4 .   ? 7.110   14.045  3.491   1.00 16.99 ? 326 HOH A O   1 
HETATM 993  O O   . HOH D 4 .   ? -3.386  -18.517 -1.230  1.00 14.49 ? 327 HOH A O   1 
HETATM 994  O O   . HOH D 4 .   ? 7.720   6.097   -5.674  1.00 11.41 ? 328 HOH A O   1 
HETATM 995  O O   . HOH D 4 .   ? -10.111 -12.090 -4.499  1.00 9.80  ? 329 HOH A O   1 
HETATM 996  O O   . HOH D 4 .   ? -13.430 16.012  6.311   1.00 18.01 ? 330 HOH A O   1 
HETATM 997  O O   . HOH D 4 .   ? 7.648   5.110   3.227   1.00 11.62 ? 331 HOH A O   1 
HETATM 998  O O   . HOH D 4 .   ? 1.640   -12.103 -9.367  1.00 19.48 ? 332 HOH A O   1 
HETATM 999  O O   . HOH D 4 .   ? 8.045   -21.168 -5.725  1.00 19.82 ? 333 HOH A O   1 
HETATM 1000 O O   . HOH D 4 .   ? 3.819   -16.171 1.427   1.00 16.62 ? 334 HOH A O   1 
HETATM 1001 O O   . HOH D 4 .   ? 14.115  5.324   1.052   1.00 19.66 ? 335 HOH A O   1 
HETATM 1002 O O   . HOH D 4 .   ? -11.414 -6.924  -0.079  1.00 14.24 ? 336 HOH A O   1 
HETATM 1003 O O   . HOH D 4 .   ? -5.835  -18.903 2.178   1.00 12.89 ? 337 HOH A O   1 
HETATM 1004 O O   . HOH D 4 .   ? -9.307  0.846   -3.915  1.00 17.89 ? 338 HOH A O   1 
HETATM 1005 O O   . HOH D 4 .   ? -8.303  -18.338 -1.108  1.00 14.79 ? 339 HOH A O   1 
HETATM 1006 O O   . HOH D 4 .   ? -11.447 -10.914 -11.083 1.00 13.76 ? 340 HOH A O   1 
HETATM 1007 O O   . HOH D 4 .   ? 0.927   -3.777  11.471  1.00 18.33 ? 341 HOH A O   1 
HETATM 1008 O O   . HOH D 4 .   ? 3.315   -4.618  10.067  1.00 18.08 ? 342 HOH A O   1 
HETATM 1009 O O   . HOH D 4 .   ? 1.315   14.389  -4.563  1.00 16.48 ? 343 HOH A O   1 
HETATM 1010 O O   . HOH D 4 .   ? -8.992  10.569  -5.391  1.00 21.53 ? 344 HOH A O   1 
HETATM 1011 O O   . HOH D 4 .   ? 9.442   -12.775 2.749   1.00 23.13 ? 345 HOH A O   1 
HETATM 1012 O O   . HOH D 4 .   ? -0.070  13.663  -6.920  1.00 21.58 ? 346 HOH A O   1 
HETATM 1013 O O   . HOH D 4 .   ? -3.738  -18.937 9.497   1.00 32.79 ? 347 HOH A O   1 
HETATM 1014 O O   . HOH D 4 .   ? -4.967  8.338   5.497   1.00 19.39 ? 348 HOH A O   1 
HETATM 1015 O O   . HOH D 4 .   ? -0.919  20.022  6.025   1.00 23.59 ? 349 HOH A O   1 
HETATM 1016 O O   . HOH D 4 .   ? 7.819   11.946  -6.768  1.00 21.42 ? 350 HOH A O   1 
HETATM 1017 O O   . HOH D 4 .   ? -7.758  -3.970  -14.453 1.00 25.23 ? 351 HOH A O   1 
HETATM 1018 O O   . HOH D 4 .   ? 6.277   1.569   13.017  1.00 20.95 ? 352 HOH A O   1 
HETATM 1019 O O   . HOH D 4 .   ? -8.851  0.058   -14.214 1.00 30.14 ? 353 HOH A O   1 
HETATM 1020 O O   . HOH D 4 .   ? 10.630  5.258   -8.286  1.00 17.16 ? 354 HOH A O   1 
HETATM 1021 O O   . HOH D 4 .   ? -4.172  17.352  -0.108  1.00 19.69 ? 355 HOH A O   1 
HETATM 1022 O O   . HOH D 4 .   ? -0.850  -5.642  10.421  1.00 26.34 ? 356 HOH A O   1 
HETATM 1023 O O   . HOH D 4 .   ? -0.559  -17.239 -4.160  1.00 16.24 ? 357 HOH A O   1 
HETATM 1024 O O   . HOH D 4 .   ? 10.990  -6.991  -4.569  1.00 16.49 ? 358 HOH A O   1 
HETATM 1025 O O   . HOH D 4 .   ? -3.138  -19.350 1.231   1.00 18.38 ? 359 HOH A O   1 
HETATM 1026 O O   . HOH D 4 .   ? 7.556   -12.234 -10.730 1.00 25.64 ? 360 HOH A O   1 
HETATM 1027 O O   . HOH D 4 .   ? 8.480   -11.817 8.264   1.00 26.08 ? 361 HOH A O   1 
HETATM 1028 O O   . HOH D 4 .   ? -3.659  16.879  -7.326  1.00 22.46 ? 362 HOH A O   1 
HETATM 1029 O O   . HOH D 4 .   ? -1.386  14.419  10.916  1.00 21.67 ? 363 HOH A O   1 
HETATM 1030 O O   . HOH D 4 .   ? 11.608  -3.120  13.106  1.00 25.59 ? 364 HOH A O   1 
HETATM 1031 O O   . HOH D 4 .   ? -8.964  4.121   -6.081  1.00 23.31 ? 365 HOH A O   1 
HETATM 1032 O O   . HOH D 4 .   ? 11.076  1.103   12.795  1.00 23.96 ? 366 HOH A O   1 
HETATM 1033 O O   . HOH D 4 .   ? -5.164  16.413  -11.044 1.00 34.78 ? 367 HOH A O   1 
HETATM 1034 O O   . HOH D 4 .   ? 17.747  -16.141 -2.570  1.00 28.25 ? 368 HOH A O   1 
HETATM 1035 O O   . HOH D 4 .   ? 1.756   -14.824 -9.140  1.00 20.26 ? 369 HOH A O   1 
HETATM 1036 O O   . HOH D 4 .   ? -5.356  14.143  13.346  1.00 17.74 ? 370 HOH A O   1 
HETATM 1037 O O   . HOH D 4 .   ? -8.122  -12.601 5.471   1.00 25.66 ? 371 HOH A O   1 
HETATM 1038 O O   . HOH D 4 .   ? 6.053   -19.904 -0.392  1.00 25.37 ? 372 HOH A O   1 
HETATM 1039 O O   . HOH D 4 .   ? -3.871  -19.752 -11.646 1.00 20.52 ? 373 HOH A O   1 
HETATM 1040 O O   . HOH D 4 .   ? -3.259  -22.429 -12.357 1.00 25.47 ? 374 HOH A O   1 
HETATM 1041 O O   . HOH D 4 .   ? 11.390  -10.154 -8.125  1.00 25.53 ? 375 HOH A O   1 
HETATM 1042 O O   . HOH D 4 .   ? 3.544   -6.799  11.940  1.00 26.23 ? 376 HOH A O   1 
HETATM 1043 O O   . HOH D 4 .   ? -1.249  15.925  -8.210  1.00 31.66 ? 377 HOH A O   1 
HETATM 1044 O O   . HOH D 4 .   ? -1.119  -22.219 3.347   1.00 27.88 ? 378 HOH A O   1 
HETATM 1045 O O   . HOH D 4 .   ? -8.276  6.259   -3.082  1.00 19.58 ? 379 HOH A O   1 
HETATM 1046 O O   . HOH D 4 .   ? 1.368   19.323  7.728   1.00 33.43 ? 380 HOH A O   1 
HETATM 1047 O O   . HOH D 4 .   ? 11.207  -7.059  -7.531  1.00 20.86 ? 381 HOH A O   1 
HETATM 1048 O O   . HOH D 4 .   ? -6.561  11.769  5.890   1.00 18.03 ? 382 HOH A O   1 
HETATM 1049 O O   . HOH D 4 .   ? 6.378   -14.933 2.539   1.00 27.62 ? 383 HOH A O   1 
HETATM 1050 O O   . HOH D 4 .   ? -11.043 -1.444  -4.151  1.00 30.40 ? 384 HOH A O   1 
HETATM 1051 O O   . HOH D 4 .   ? -8.322  0.190   3.581   1.00 35.86 ? 385 HOH A O   1 
HETATM 1052 O O   . HOH D 4 .   ? 0.238   17.380  9.135   1.00 26.27 ? 386 HOH A O   1 
HETATM 1053 O O   . HOH D 4 .   ? 10.107  9.020   -5.247  1.00 19.37 ? 387 HOH A O   1 
HETATM 1054 O O   . HOH D 4 .   ? 15.308  -12.143 -7.892  1.00 30.30 ? 388 HOH A O   1 
HETATM 1055 O O   . HOH D 4 .   ? 8.723   -19.491 0.912   1.00 26.66 ? 389 HOH A O   1 
HETATM 1056 O O   . HOH D 4 .   ? -6.127  -9.729  6.659   1.00 21.77 ? 390 HOH A O   1 
HETATM 1057 O O   . HOH D 4 .   ? -8.351  0.176   -1.276  1.00 22.57 ? 391 HOH A O   1 
HETATM 1058 O O   . HOH D 4 .   ? -6.599  13.940  -11.993 1.00 33.52 ? 392 HOH A O   1 
HETATM 1059 O O   . HOH D 4 .   ? 16.072  4.169   2.912   1.00 24.95 ? 393 HOH A O   1 
HETATM 1060 O O   . HOH D 4 .   ? -4.818  3.280   11.769  1.00 21.01 ? 394 HOH A O   1 
HETATM 1061 O O   . HOH D 4 .   ? -2.045  16.078  -11.429 1.00 38.22 ? 395 HOH A O   1 
HETATM 1062 O O   . HOH D 4 .   ? 11.568  -16.699 0.561   1.00 25.14 ? 396 HOH A O   1 
HETATM 1063 O O   . HOH D 4 .   ? 5.684   16.682  -0.141  1.00 23.70 ? 397 HOH A O   1 
HETATM 1064 O O   . HOH D 4 .   ? 8.653   -0.949  13.900  1.00 31.61 ? 398 HOH A O   1 
HETATM 1065 O O   . HOH D 4 .   ? 2.240   18.314  0.698   1.00 23.14 ? 399 HOH A O   1 
HETATM 1066 O O   . HOH D 4 .   ? 1.165   -12.295 -12.171 1.00 28.54 ? 400 HOH A O   1 
HETATM 1067 O O   . HOH D 4 .   ? -0.127  6.263   9.498   1.00 21.34 ? 401 HOH A O   1 
HETATM 1068 O O   . HOH D 4 .   ? -1.015  -20.310 7.009   1.00 30.32 ? 402 HOH A O   1 
HETATM 1069 O O   . HOH D 4 .   ? -4.969  11.737  -13.416 1.00 34.67 ? 403 HOH A O   1 
HETATM 1070 O O   . HOH D 4 .   ? 11.864  7.121   -6.391  1.00 22.76 ? 404 HOH A O   1 
HETATM 1071 O O   . HOH D 4 .   ? 6.366   6.176   14.309  1.00 26.13 ? 405 HOH A O   1 
HETATM 1072 O O   . HOH D 4 .   ? -8.792  10.433  4.852   1.00 28.13 ? 406 HOH A O   1 
HETATM 1073 O O   . HOH D 4 .   ? 7.305   14.858  10.616  1.00 26.18 ? 407 HOH A O   1 
HETATM 1074 O O   . HOH D 4 .   ? 7.910   -17.538 3.123   1.00 30.48 ? 408 HOH A O   1 
HETATM 1075 O O   . HOH D 4 .   ? -4.832  1.831   14.333  1.00 24.45 ? 409 HOH A O   1 
HETATM 1076 O O   . HOH D 4 .   ? 8.100   15.065  0.968   1.00 24.67 ? 410 HOH A O   1 
HETATM 1077 O O   . HOH D 4 .   ? 1.499   -15.314 2.481   1.00 17.45 ? 411 HOH A O   1 
HETATM 1078 O O   . HOH D 4 .   ? -9.669  12.904  -7.057  1.00 31.41 ? 412 HOH A O   1 
HETATM 1079 O O   . HOH D 4 .   ? -8.992  22.225  4.130   1.00 28.18 ? 413 HOH A O   1 
HETATM 1080 O O   . HOH D 4 .   ? 12.751  13.419  5.354   1.00 28.25 ? 414 HOH A O   1 
HETATM 1081 O O   . HOH D 4 .   ? -9.594  8.099   -9.481  1.00 24.91 ? 415 HOH A O   1 
HETATM 1082 O O   . HOH D 4 .   ? 1.092   -14.328 -5.324  1.00 16.15 ? 416 HOH A O   1 
HETATM 1083 O O   . HOH D 4 .   ? 4.876   -9.349  10.827  1.00 29.22 ? 417 HOH A O   1 
HETATM 1084 O O   . HOH D 4 .   ? 13.275  -18.413 -3.031  1.00 27.75 ? 418 HOH A O   1 
HETATM 1085 O O   . HOH D 4 .   ? 13.979  -6.182  -7.926  1.00 29.01 ? 419 HOH A O   1 
HETATM 1086 O O   . HOH D 4 .   ? -8.859  8.137   -6.715  1.00 25.68 ? 420 HOH A O   1 
HETATM 1087 O O   . HOH D 4 .   ? 0.399   18.034  -7.222  1.00 31.08 ? 421 HOH A O   1 
HETATM 1088 O O   . HOH D 4 .   ? 10.074  16.432  7.333   1.00 36.07 ? 422 HOH A O   1 
HETATM 1089 O O   . HOH D 4 .   ? 11.483  -19.429 0.054   1.00 31.32 ? 423 HOH A O   1 
HETATM 1090 O O   . HOH D 4 .   ? 0.674   -8.093  9.632   1.00 23.78 ? 424 HOH A O   1 
HETATM 1091 O O   . HOH D 4 .   ? 1.915   -16.435 -11.558 1.00 25.89 ? 425 HOH A O   1 
HETATM 1092 O O   . HOH D 4 .   ? 2.663   -10.218 -13.532 1.00 31.31 ? 426 HOH A O   1 
HETATM 1093 O O   . HOH D 4 .   ? -3.495  20.248  -3.952  1.00 26.95 ? 427 HOH A O   1 
HETATM 1094 O O   . HOH D 4 .   ? 16.049  -14.059 -1.202  1.00 27.97 ? 428 HOH A O   1 
HETATM 1095 O O   . HOH D 4 .   ? -0.939  17.631  -0.981  1.00 24.24 ? 429 HOH A O   1 
HETATM 1096 O O   . HOH D 4 .   ? 13.145  -19.677 -5.927  1.00 22.22 ? 430 HOH A O   1 
HETATM 1097 O O   . HOH D 4 .   ? 1.629   17.401  -2.068  1.00 28.56 ? 431 HOH A O   1 
HETATM 1098 O O   . HOH D 4 .   ? -4.604  -4.384  -10.371 1.00 17.05 ? 432 HOH A O   1 
HETATM 1099 O O   . HOH D 4 .   ? -10.751 3.413   -4.069  1.00 32.38 ? 433 HOH A O   1 
HETATM 1100 O O   . HOH D 4 .   ? 0.790   -3.696  14.319  1.00 24.63 ? 434 HOH A O   1 
HETATM 1101 O O   . HOH D 4 .   ? 3.399   -11.120 4.184   1.00 18.89 ? 435 HOH A O   1 
HETATM 1102 O O   . HOH D 4 .   ? 2.333   16.901  -5.257  1.00 30.00 ? 436 HOH A O   1 
HETATM 1103 O O   . HOH D 4 .   ? 18.088  -17.646 -5.228  1.00 40.23 ? 437 HOH A O   1 
HETATM 1104 O O   . HOH D 4 .   ? 3.112   -18.437 5.691   1.00 30.71 ? 438 HOH A O   1 
HETATM 1105 O O   . HOH D 4 .   ? -0.920  -11.354 -15.347 1.00 56.03 ? 439 HOH A O   1 
HETATM 1106 O O   . HOH D 4 .   ? 13.456  5.048   -9.527  1.00 34.09 ? 440 HOH A O   1 
HETATM 1107 O O   . HOH D 4 .   ? 15.576  -16.878 -0.355  1.00 30.70 ? 441 HOH A O   1 
HETATM 1108 O O   . HOH D 4 .   ? 0.170   -10.324 11.690  1.00 35.57 ? 442 HOH A O   1 
HETATM 1109 O O   . HOH D 4 .   ? -8.536  1.887   -10.399 1.00 20.11 ? 443 HOH A O   1 
HETATM 1110 O O   . HOH D 4 .   ? -12.232 -4.903  -4.494  1.00 25.06 ? 444 HOH A O   1 
HETATM 1111 O O   . HOH D 4 .   ? -14.587 -3.432  -5.672  1.00 25.11 ? 445 HOH A O   1 
HETATM 1112 O O   . HOH D 4 .   ? -14.141 7.823   -9.649  1.00 34.25 ? 446 HOH A O   1 
HETATM 1113 O O   . HOH D 4 .   ? 7.276   16.442  4.416   1.00 32.64 ? 447 HOH A O   1 
HETATM 1114 O O   . HOH D 4 .   ? 8.660   9.970   17.851  1.00 36.31 ? 448 HOH A O   1 
HETATM 1115 O O   . HOH D 4 .   ? 10.478  7.761   10.016  1.00 23.97 ? 449 HOH A O   1 
HETATM 1116 O O   . HOH D 4 .   ? 10.338  -5.873  13.603  1.00 31.16 ? 450 HOH A O   1 
HETATM 1117 O O   . HOH D 4 .   ? -13.178 -0.961  -8.112  1.00 32.71 ? 451 HOH A O   1 
HETATM 1118 O O   . HOH D 4 .   ? -10.259 -3.349  -2.090  1.00 32.41 ? 452 HOH A O   1 
HETATM 1119 O O   . HOH D 4 .   ? 14.523  -0.119  5.233   1.00 25.25 ? 453 HOH A O   1 
HETATM 1120 O O   . HOH D 4 .   ? 18.004  -9.149  -6.602  1.00 35.61 ? 454 HOH A O   1 
HETATM 1121 O O   . HOH D 4 .   ? 14.049  1.527   12.048  1.00 29.94 ? 455 HOH A O   1 
HETATM 1122 O O   . HOH D 4 .   ? -11.795 -1.380  -12.530 1.00 25.39 ? 456 HOH A O   1 
HETATM 1123 O O   . HOH D 4 .   ? -2.334  -6.238  12.864  1.00 32.74 ? 457 HOH A O   1 
HETATM 1124 O O   . HOH D 4 .   ? -8.063  -11.725 -14.700 1.00 31.61 ? 458 HOH A O   1 
HETATM 1125 O O   . HOH D 4 .   ? -1.849  -4.664  15.282  1.00 35.84 ? 459 HOH A O   1 
HETATM 1126 O O   . HOH D 4 .   ? -5.203  -11.148 -15.364 1.00 35.67 ? 460 HOH A O   1 
HETATM 1127 O O   . HOH D 4 .   ? 7.493   -9.771  -12.318 1.00 27.24 ? 461 HOH A O   1 
HETATM 1128 O O   . HOH D 4 .   ? -12.460 1.931   -7.374  1.00 31.25 ? 462 HOH A O   1 
HETATM 1129 O O   . HOH D 4 .   ? -4.615  -16.703 -14.970 1.00 29.26 ? 463 HOH A O   1 
HETATM 1130 O O   . HOH D 4 .   ? -1.800  -11.968 12.833  1.00 39.02 ? 464 HOH A O   1 
HETATM 1131 O O   . HOH D 4 .   ? 9.992   13.394  10.631  1.00 25.81 ? 465 HOH A O   1 
HETATM 1132 O O   . HOH D 4 .   ? 13.520  -14.118 -9.579  1.00 36.48 ? 466 HOH A O   1 
HETATM 1133 O O   . HOH D 4 .   ? 18.327  -13.262 1.402   1.00 30.60 ? 467 HOH A O   1 
HETATM 1134 O O   . HOH D 4 .   ? 7.650   -6.338  14.940  1.00 37.45 ? 468 HOH A O   1 
HETATM 1135 O O   . HOH D 4 .   ? -1.567  -12.457 15.560  1.00 38.21 ? 469 HOH A O   1 
HETATM 1136 O O   . HOH D 4 .   ? -6.268  19.460  -7.664  1.00 29.41 ? 470 HOH A O   1 
HETATM 1137 O O   . HOH D 4 .   ? 10.539  -11.797 -10.164 1.00 31.05 ? 471 HOH A O   1 
HETATM 1138 O O   . HOH D 4 .   ? 8.398   17.670  9.573   1.00 39.63 ? 472 HOH A O   1 
HETATM 1139 O O   . HOH D 4 .   ? -12.654 -4.381  -0.971  1.00 27.59 ? 473 HOH A O   1 
HETATM 1140 O O   . HOH D 4 .   ? 8.470   -3.773  15.157  1.00 37.40 ? 474 HOH A O   1 
HETATM 1141 O O   . HOH D 4 .   ? -8.703  -2.869  8.424   1.00 28.34 ? 475 HOH A O   1 
HETATM 1142 O O   . HOH D 4 .   ? -0.321  -17.008 9.221   1.00 35.01 ? 476 HOH A O   1 
HETATM 1143 O O   . HOH D 4 .   ? 5.587   -16.912 5.361   1.00 35.99 ? 477 HOH A O   1 
HETATM 1144 O O   . HOH D 4 .   ? -11.418 1.442   -12.696 1.00 35.73 ? 478 HOH A O   1 
HETATM 1145 O O   . HOH D 4 .   ? 6.746   -16.736 7.963   1.00 46.87 ? 479 HOH A O   1 
HETATM 1146 O O   . HOH D 4 .   ? -0.394  -4.259  -10.878 1.00 9.65  ? 480 HOH A O   1 
HETATM 1147 O O   . HOH D 4 .   ? 13.012  -5.159  -4.113  1.00 18.17 ? 481 HOH A O   1 
HETATM 1148 O O   . HOH D 4 .   ? 7.037   -19.682 7.946   1.00 48.43 ? 482 HOH A O   1 
HETATM 1149 O O   . HOH D 4 .   ? -1.550  -8.069  -12.051 1.00 15.69 ? 483 HOH A O   1 
HETATM 1150 O O   . HOH D 4 .   ? 5.003   -18.646 1.975   1.00 24.81 ? 484 HOH A O   1 
HETATM 1151 O O   . HOH D 4 .   ? 0.977   8.919   -8.004  1.00 15.69 ? 485 HOH A O   1 
HETATM 1152 O O   . HOH D 4 .   ? 9.411   -5.273  -8.861  1.00 15.29 ? 486 HOH A O   1 
HETATM 1153 O O   . HOH D 4 .   ? -6.979  6.239   -5.614  1.00 17.96 ? 487 HOH A O   1 
HETATM 1154 O O   . HOH D 4 .   ? 9.653   5.454   13.694  1.00 41.59 ? 488 HOH A O   1 
HETATM 1155 O O   . HOH D 4 .   ? -9.938  3.247   -8.419  1.00 21.65 ? 489 HOH A O   1 
HETATM 1156 O O   . HOH D 4 .   ? 16.447  -6.691  -6.268  1.00 27.26 ? 490 HOH A O   1 
HETATM 1157 O O   . HOH D 4 .   ? -8.398  -1.184  5.996   1.00 27.05 ? 491 HOH A O   1 
HETATM 1158 O O   . HOH D 4 .   ? 4.755   8.281   15.918  1.00 25.15 ? 492 HOH A O   1 
HETATM 1159 O O   . HOH D 4 .   ? -11.741 9.893   -8.351  1.00 44.97 ? 493 HOH A O   1 
HETATM 1160 O O   . HOH D 4 .   ? 0.843   -7.856  -13.518 1.00 19.92 ? 494 HOH A O   1 
HETATM 1161 O O   . HOH D 4 .   ? 2.149   -5.362  15.952  1.00 32.08 ? 495 HOH A O   1 
HETATM 1162 O O   . HOH D 4 .   ? -1.283  -10.951 -12.144 1.00 21.82 ? 496 HOH A O   1 
HETATM 1163 O O   . HOH D 4 .   ? 2.713   -13.779 4.412   1.00 21.86 ? 497 HOH A O   1 
HETATM 1164 O O   . HOH D 4 .   ? -10.826 5.614   -10.055 1.00 31.88 ? 498 HOH A O   1 
HETATM 1165 O O   . HOH D 4 .   ? -5.108  -6.029  12.210  1.00 35.31 ? 499 HOH A O   1 
HETATM 1166 O O   . HOH D 4 .   ? 11.851  -10.340 -12.057 1.00 39.65 ? 500 HOH A O   1 
HETATM 1167 O O   . HOH D 4 .   ? 7.641   12.222  16.261  1.00 29.95 ? 501 HOH A O   1 
HETATM 1168 O O   . HOH D 4 .   ? -3.552  -12.273 -13.441 1.00 26.12 ? 502 HOH A O   1 
HETATM 1169 O O   . HOH D 4 .   ? -4.580  -8.549  -15.620 1.00 28.31 ? 503 HOH A O   1 
HETATM 1170 O O   . HOH D 4 .   ? 1.928   -14.557 7.002   1.00 29.91 ? 504 HOH A O   1 
HETATM 1171 O O   . HOH D 4 .   ? 11.939  -16.911 -9.239  1.00 47.01 ? 505 HOH A O   1 
HETATM 1172 O O   . HOH D 4 .   ? 3.440   5.998   17.049  1.00 21.86 ? 506 HOH A O   1 
HETATM 1173 O O   . HOH D 4 .   ? 0.340   -12.287 7.480   1.00 25.56 ? 507 HOH A O   1 
HETATM 1174 O O   . HOH D 4 .   ? -5.510  0.164   -1.110  1.00 19.91 ? 508 HOH A O   1 
HETATM 1175 O O   . HOH D 4 .   ? -8.877  2.885   -0.193  1.00 27.42 ? 509 HOH A O   1 
HETATM 1176 O O   . HOH D 4 .   ? -4.282  -13.133 6.168   1.00 22.51 ? 510 HOH A O   1 
HETATM 1177 O O   . HOH D 4 .   ? -2.011  -14.038 7.354   1.00 29.25 ? 511 HOH A O   1 
HETATM 1178 O O   . HOH D 4 .   ? 3.357   -20.671 3.495   1.00 27.98 ? 512 HOH A O   1 
HETATM 1179 O O   . HOH D 4 .   ? 5.065   -13.843 -10.497 1.00 25.32 ? 513 HOH A O   1 
HETATM 1180 O O   . HOH D 4 .   ? -8.752  -10.281 6.525   1.00 30.05 ? 514 HOH A O   1 
HETATM 1181 O O   . HOH D 4 .   ? 10.649  13.783  7.260   1.00 28.19 ? 515 HOH A O   1 
HETATM 1182 O O   . HOH D 4 .   ? -1.162  -15.485 -5.969  1.00 17.05 ? 516 HOH A O   1 
HETATM 1183 O O   . HOH D 4 .   ? -10.572 14.017  -4.382  1.00 27.81 ? 517 HOH A O   1 
HETATM 1184 O O   . HOH D 4 .   ? 7.038   -8.991  8.942   1.00 22.72 ? 518 HOH A O   1 
HETATM 1185 O O   . HOH D 4 .   ? 5.893   17.672  2.602   1.00 34.37 ? 519 HOH A O   1 
HETATM 1186 O O   . HOH D 4 .   ? -13.609 18.406  2.834   1.00 27.79 ? 520 HOH A O   1 
HETATM 1187 O O   . HOH D 4 .   ? 3.708   -7.310  -12.350 1.00 24.70 ? 521 HOH A O   1 
HETATM 1188 O O   . HOH D 4 .   ? -8.067  -15.278 5.607   1.00 24.75 ? 522 HOH A O   1 
HETATM 1189 O O   . HOH D 4 .   ? 11.128  -22.182 -7.805  1.00 30.83 ? 523 HOH A O   1 
HETATM 1190 O O   . HOH D 4 .   ? -0.730  -23.903 -12.205 1.00 27.61 ? 524 HOH A O   1 
HETATM 1191 O O   . HOH D 4 .   ? -11.616 10.664  -3.843  1.00 26.56 ? 525 HOH A O   1 
HETATM 1192 O O   . HOH D 4 .   ? -3.586  20.732  2.734   1.00 31.47 ? 526 HOH A O   1 
HETATM 1193 O O   . HOH D 4 .   ? -6.835  4.380   0.956   1.00 17.03 ? 527 HOH A O   1 
HETATM 1194 O O   . HOH D 4 .   ? 4.989   -11.244 -12.013 1.00 27.64 ? 528 HOH A O   1 
HETATM 1195 O O   . HOH D 4 .   ? -13.962 13.274  2.623   1.00 25.87 ? 529 HOH A O   1 
HETATM 1196 O O   . HOH D 4 .   ? 10.280  14.637  4.174   1.00 24.24 ? 530 HOH A O   1 
HETATM 1197 O O   . HOH D 4 .   ? -6.968  7.638   3.748   1.00 29.92 ? 531 HOH A O   1 
HETATM 1198 O O   . HOH D 4 .   ? 12.095  -7.227  -1.676  1.00 26.99 ? 532 HOH A O   1 
HETATM 1199 O O   . HOH D 4 .   ? 10.870  16.022  0.624   1.00 46.47 ? 533 HOH A O   1 
HETATM 1200 O O   . HOH D 4 .   ? 4.946   16.091  -3.071  1.00 46.30 ? 534 HOH A O   1 
HETATM 1201 O O   . HOH D 4 .   ? -0.219  -1.020  16.319  1.00 32.21 ? 535 HOH A O   1 
HETATM 1202 O O   . HOH D 4 .   ? -2.798  -14.911 -13.324 1.00 23.05 ? 536 HOH A O   1 
HETATM 1203 O O   . HOH D 4 .   ? -15.148 17.857  5.301   1.00 26.55 ? 537 HOH A O   1 
HETATM 1204 O O   . HOH D 4 .   ? -3.272  22.795  4.578   1.00 38.81 ? 538 HOH A O   1 
HETATM 1205 O O   . HOH D 4 .   ? 3.952   18.503  -2.497  1.00 36.68 ? 539 HOH A O   1 
HETATM 1206 O O   . HOH D 4 .   ? -12.742 6.953   -1.528  1.00 48.86 ? 540 HOH A O   1 
HETATM 1207 O O   . HOH D 4 .   ? -5.845  0.720   -15.179 1.00 33.27 ? 541 HOH A O   1 
HETATM 1208 O O   . HOH D 4 .   ? 14.672  -12.672 -12.024 1.00 39.05 ? 542 HOH A O   1 
HETATM 1209 O O   . HOH D 4 .   ? -6.827  3.864   -14.331 1.00 33.39 ? 543 HOH A O   1 
HETATM 1210 O O   . HOH D 4 .   ? -9.143  3.169   -12.928 1.00 33.03 ? 544 HOH A O   1 
HETATM 1211 O O   . HOH D 4 .   ? -0.912  6.524   12.304  1.00 24.74 ? 545 HOH A O   1 
HETATM 1212 O O   . HOH D 4 .   ? 2.212   -21.614 -6.524  1.00 20.62 ? 546 HOH A O   1 
HETATM 1213 O O   . HOH D 4 .   ? 10.325  12.629  -2.461  1.00 25.60 ? 547 HOH A O   1 
HETATM 1214 O O   . HOH D 4 .   ? 15.641  -19.031 -4.635  1.00 33.31 ? 548 HOH A O   1 
HETATM 1215 O O   . HOH D 4 .   ? 11.794  7.876   12.665  1.00 41.12 ? 549 HOH A O   1 
HETATM 1216 O O   . HOH D 4 .   ? 15.287  -6.823  -3.669  1.00 26.61 ? 550 HOH A O   1 
HETATM 1217 O O   . HOH D 4 .   ? -8.546  -5.981  -16.569 1.00 29.69 ? 551 HOH A O   1 
HETATM 1218 O O   . HOH D 4 .   ? -9.974  -6.107  -14.111 1.00 25.15 ? 552 HOH A O   1 
HETATM 1219 O O   . HOH D 4 .   ? -10.379 -8.452  -15.735 1.00 29.78 ? 553 HOH A O   1 
HETATM 1220 O O   . HOH D 4 .   ? -6.894  -8.165  -17.092 1.00 33.93 ? 554 HOH A O   1 
HETATM 1221 O O   . HOH D 4 .   ? 5.877   -16.557 -10.002 1.00 29.07 ? 555 HOH A O   1 
HETATM 1222 O O   . HOH D 4 .   ? 7.241   -18.262 -8.165  1.00 26.66 ? 556 HOH A O   1 
HETATM 1223 O O   . HOH D 4 .   ? 13.660  11.754  -5.207  1.00 38.69 ? 557 HOH A O   1 
HETATM 1224 O O   . HOH D 4 .   ? 15.924  -9.569  -8.603  1.00 39.66 ? 558 HOH A O   1 
HETATM 1225 O O   . HOH D 4 .   ? -10.461 17.131  -2.156  1.00 29.28 ? 559 HOH A O   1 
HETATM 1226 O O   . HOH D 4 .   ? 13.623  10.368  -2.250  1.00 25.04 ? 560 HOH A O   1 
HETATM 1227 O O   . HOH D 4 .   ? -0.580  10.278  -6.563  1.00 25.36 ? 561 HOH A O   1 
HETATM 1228 O O   . HOH D 4 .   ? 11.396  -14.430 4.055   1.00 28.90 ? 562 HOH A O   1 
HETATM 1229 O O   . HOH D 4 .   ? 15.347  -14.284 1.828   1.00 30.88 ? 563 HOH A O   1 
HETATM 1230 O O   . HOH D 4 .   ? 14.066  13.246  -1.913  1.00 30.72 ? 564 HOH A O   1 
HETATM 1231 O O   . HOH D 4 .   ? -5.238  -5.593  1.812   1.00 20.36 ? 565 HOH A O   1 
# 
